data_2JVR
#
_entry.id   2JVR
#
_entity_poly.entity_id   1
_entity_poly.type   'polypeptide(L)'
_entity_poly.pdbx_seq_one_letter_code
;MGSSHHHHHHSSGLVPRGSHMSKLPAKRYRITMKNLPEGCSWQDLKDLARENSLETTFSSVNTRDFDGTGALEFPSEEIL
VEALERLNNIEFRGSVITVERDDNPPPIRRS
;
_entity_poly.pdbx_strand_id   A
#
# COMPACT_ATOMS: atom_id res chain seq x y z
N PRO A 25 -11.45 12.26 8.98
CA PRO A 25 -11.51 12.68 10.41
C PRO A 25 -10.34 13.61 10.80
N ALA A 26 -9.52 13.24 11.80
CA ALA A 26 -8.27 13.92 12.14
C ALA A 26 -7.29 14.02 10.95
N LYS A 27 -7.37 13.05 10.03
CA LYS A 27 -6.73 12.98 8.71
C LYS A 27 -7.64 12.30 7.70
N ARG A 28 -7.16 12.36 6.47
CA ARG A 28 -7.51 11.60 5.28
C ARG A 28 -6.28 11.67 4.37
N TYR A 29 -5.73 10.53 4.01
CA TYR A 29 -4.56 10.41 3.14
C TYR A 29 -4.77 9.30 2.12
N ARG A 30 -3.87 9.22 1.15
CA ARG A 30 -3.75 8.12 0.21
C ARG A 30 -2.26 7.82 -0.03
N ILE A 31 -1.87 6.54 0.01
CA ILE A 31 -0.51 6.08 -0.31
C ILE A 31 -0.52 5.12 -1.48
N THR A 32 0.56 5.09 -2.24
CA THR A 32 0.90 4.11 -3.29
C THR A 32 1.69 2.98 -2.67
N MET A 33 1.45 1.76 -3.17
CA MET A 33 2.20 0.56 -2.86
C MET A 33 2.41 -0.21 -4.16
N LYS A 34 3.67 -0.25 -4.58
CA LYS A 34 4.06 -0.49 -5.96
C LYS A 34 5.52 -0.84 -6.10
N ASN A 35 5.94 -1.42 -7.22
CA ASN A 35 7.35 -1.40 -7.56
C ASN A 35 7.62 -1.60 -9.07
N LEU A 36 7.57 -2.81 -9.64
CA LEU A 36 7.61 -3.04 -11.11
C LEU A 36 7.23 -4.47 -11.58
N PRO A 37 7.85 -5.58 -11.10
CA PRO A 37 7.58 -6.92 -11.63
C PRO A 37 6.25 -7.55 -11.15
N GLU A 38 5.52 -6.93 -10.21
CA GLU A 38 4.35 -7.51 -9.57
C GLU A 38 3.05 -6.74 -9.83
N GLY A 39 2.17 -7.34 -10.63
CA GLY A 39 0.79 -6.88 -10.85
C GLY A 39 -0.11 -7.22 -9.67
N CYS A 40 0.25 -6.78 -8.45
CA CYS A 40 -0.48 -7.08 -7.21
C CYS A 40 -1.99 -6.71 -7.29
N SER A 41 -2.78 -7.37 -6.44
CA SER A 41 -4.25 -7.22 -6.34
C SER A 41 -4.65 -6.78 -4.93
N TRP A 42 -5.88 -6.32 -4.70
CA TRP A 42 -6.24 -5.88 -3.33
C TRP A 42 -6.14 -7.00 -2.31
N GLN A 43 -6.59 -8.21 -2.67
CA GLN A 43 -6.43 -9.35 -1.78
C GLN A 43 -4.99 -9.63 -1.38
N ASP A 44 -4.06 -9.39 -2.29
CA ASP A 44 -2.67 -9.69 -2.12
C ASP A 44 -2.03 -8.67 -1.18
N LEU A 45 -2.29 -7.40 -1.48
CA LEU A 45 -1.75 -6.29 -0.73
C LEU A 45 -2.34 -6.21 0.68
N LYS A 46 -3.63 -6.54 0.89
CA LYS A 46 -4.17 -6.64 2.25
C LYS A 46 -3.57 -7.83 2.98
N ASP A 47 -3.35 -8.97 2.29
CA ASP A 47 -2.64 -10.09 2.91
C ASP A 47 -1.29 -9.67 3.45
N LEU A 48 -0.44 -9.09 2.59
CA LEU A 48 0.82 -8.58 3.07
C LEU A 48 0.61 -7.54 4.16
N ALA A 49 -0.26 -6.56 3.97
CA ALA A 49 -0.40 -5.47 4.93
C ALA A 49 -0.68 -5.96 6.35
N ARG A 50 -1.54 -6.98 6.48
CA ARG A 50 -1.85 -7.66 7.74
C ARG A 50 -0.65 -8.43 8.29
N GLU A 51 0.12 -9.06 7.40
CA GLU A 51 1.46 -9.61 7.74
C GLU A 51 2.36 -8.61 8.46
N ASN A 52 2.30 -7.38 7.98
CA ASN A 52 3.22 -6.30 8.26
C ASN A 52 2.79 -5.33 9.38
N SER A 53 1.49 -5.25 9.65
CA SER A 53 0.74 -4.61 10.75
C SER A 53 -0.18 -3.45 10.29
N LEU A 54 -0.25 -3.20 8.98
CA LEU A 54 -1.26 -2.34 8.36
C LEU A 54 -2.63 -3.04 8.37
N GLU A 55 -3.64 -2.25 8.03
CA GLU A 55 -5.04 -2.64 7.93
C GLU A 55 -5.78 -1.78 6.92
N THR A 56 -5.70 -0.48 7.19
CA THR A 56 -6.31 0.66 6.48
C THR A 56 -7.84 0.57 6.31
N THR A 57 -8.45 1.51 5.58
CA THR A 57 -9.86 1.44 5.17
C THR A 57 -10.00 0.57 3.94
N PHE A 58 -9.17 0.85 2.93
CA PHE A 58 -9.29 0.34 1.57
C PHE A 58 -8.06 0.66 0.73
N SER A 59 -7.98 0.08 -0.47
CA SER A 59 -7.00 0.46 -1.48
C SER A 59 -7.57 0.39 -2.90
N SER A 60 -7.15 1.36 -3.72
CA SER A 60 -7.34 1.38 -5.17
C SER A 60 -6.32 0.41 -5.81
N VAL A 61 -6.76 -0.79 -6.18
CA VAL A 61 -5.94 -1.84 -6.85
C VAL A 61 -6.67 -2.41 -8.05
N ASN A 62 -6.00 -3.28 -8.81
CA ASN A 62 -6.50 -4.14 -9.88
C ASN A 62 -6.71 -3.41 -11.23
N THR A 63 -6.98 -2.09 -11.18
CA THR A 63 -7.36 -1.25 -12.32
C THR A 63 -6.25 -1.12 -13.38
N ARG A 64 -5.27 -0.22 -13.21
CA ARG A 64 -4.09 -0.03 -14.09
C ARG A 64 -2.94 0.73 -13.39
N ASP A 65 -1.73 0.48 -13.87
CA ASP A 65 -0.45 1.17 -13.64
C ASP A 65 0.50 0.65 -14.75
N PHE A 66 1.75 0.29 -14.44
CA PHE A 66 2.57 -0.56 -15.33
C PHE A 66 1.80 -1.86 -15.65
N ASP A 67 1.03 -2.34 -14.66
CA ASP A 67 -0.01 -3.36 -14.74
C ASP A 67 -0.90 -3.30 -13.49
N GLY A 68 -0.32 -3.37 -12.29
CA GLY A 68 -1.07 -3.45 -11.04
C GLY A 68 -0.29 -3.00 -9.80
N THR A 69 -0.58 -1.80 -9.34
CA THR A 69 -0.16 -1.22 -8.05
C THR A 69 -1.40 -1.02 -7.20
N GLY A 70 -1.21 -0.99 -5.88
CA GLY A 70 -2.26 -0.57 -4.97
C GLY A 70 -2.08 0.87 -4.54
N ALA A 71 -3.15 1.49 -4.06
CA ALA A 71 -3.08 2.77 -3.39
C ALA A 71 -4.10 2.89 -2.23
N LEU A 72 -3.60 2.67 -1.00
CA LEU A 72 -4.34 2.57 0.25
C LEU A 72 -4.87 3.93 0.72
N GLU A 73 -5.83 3.91 1.66
CA GLU A 73 -6.36 5.11 2.36
C GLU A 73 -6.66 4.85 3.86
N PHE A 74 -6.44 5.85 4.71
CA PHE A 74 -6.96 5.85 6.10
C PHE A 74 -7.32 7.26 6.62
N PRO A 75 -8.22 7.37 7.62
CA PRO A 75 -8.48 8.61 8.37
C PRO A 75 -7.40 9.06 9.37
N SER A 76 -6.25 8.39 9.52
CA SER A 76 -5.22 8.78 10.50
C SER A 76 -3.81 8.48 10.01
N GLU A 77 -2.98 9.52 9.88
CA GLU A 77 -1.61 9.41 9.32
C GLU A 77 -0.68 8.44 10.03
N GLU A 78 -1.02 7.98 11.23
CA GLU A 78 -0.33 6.88 11.92
C GLU A 78 -0.12 5.67 11.00
N ILE A 79 -1.16 5.24 10.29
CA ILE A 79 -1.15 4.07 9.39
C ILE A 79 -0.34 4.35 8.10
N LEU A 80 -0.42 5.60 7.60
CA LEU A 80 0.35 6.09 6.47
C LEU A 80 1.85 5.98 6.76
N VAL A 81 2.28 6.58 7.87
CA VAL A 81 3.69 6.71 8.28
C VAL A 81 4.26 5.36 8.62
N GLU A 82 3.43 4.52 9.25
CA GLU A 82 3.70 3.14 9.44
C GLU A 82 4.16 2.50 8.14
N ALA A 83 3.29 2.36 7.13
CA ALA A 83 3.72 1.73 5.87
C ALA A 83 4.92 2.41 5.20
N LEU A 84 5.02 3.75 5.23
CA LEU A 84 6.18 4.49 4.71
C LEU A 84 7.47 4.11 5.42
N GLU A 85 7.37 3.53 6.62
CA GLU A 85 8.48 2.96 7.37
C GLU A 85 8.40 1.44 7.66
N ARG A 86 7.41 0.71 7.12
CA ARG A 86 7.18 -0.72 7.38
C ARG A 86 7.17 -1.55 6.10
N LEU A 87 6.76 -0.96 4.98
CA LEU A 87 6.62 -1.56 3.67
C LEU A 87 7.44 -0.84 2.59
N ASN A 88 8.23 0.19 2.92
CA ASN A 88 9.01 0.90 1.92
C ASN A 88 10.26 0.11 1.48
N ASN A 89 10.18 -0.44 0.27
CA ASN A 89 11.18 -1.30 -0.38
C ASN A 89 11.42 -2.61 0.40
N ILE A 90 10.31 -3.32 0.69
CA ILE A 90 10.26 -4.63 1.34
C ILE A 90 9.95 -5.72 0.34
N GLU A 91 10.50 -6.90 0.57
CA GLU A 91 10.18 -8.08 -0.22
C GLU A 91 8.90 -8.75 0.28
N PHE A 92 8.00 -8.92 -0.68
CA PHE A 92 6.59 -9.33 -0.58
C PHE A 92 6.37 -10.75 -1.12
N ARG A 93 6.52 -11.77 -0.26
CA ARG A 93 6.42 -13.21 -0.62
C ARG A 93 7.18 -13.60 -1.91
N GLY A 94 8.24 -12.87 -2.27
CA GLY A 94 9.02 -13.05 -3.50
C GLY A 94 8.85 -11.95 -4.55
N SER A 95 8.00 -10.94 -4.33
CA SER A 95 7.93 -9.70 -5.11
C SER A 95 8.58 -8.64 -4.22
N VAL A 96 8.49 -7.35 -4.52
CA VAL A 96 8.86 -6.31 -3.53
C VAL A 96 7.88 -5.14 -3.72
N ILE A 97 7.69 -4.31 -2.70
CA ILE A 97 6.92 -3.07 -2.81
C ILE A 97 7.72 -1.93 -2.19
N THR A 98 7.55 -0.76 -2.80
CA THR A 98 8.00 0.55 -2.38
C THR A 98 6.73 1.36 -2.19
N VAL A 99 6.67 2.12 -1.10
CA VAL A 99 5.42 2.74 -0.67
C VAL A 99 5.63 4.18 -0.23
N GLU A 100 4.66 5.01 -0.55
CA GLU A 100 4.78 6.46 -0.32
C GLU A 100 3.46 7.20 -0.36
N ARG A 101 3.44 8.34 0.35
CA ARG A 101 2.40 9.37 0.28
C ARG A 101 2.14 9.80 -1.17
N ASP A 102 0.86 9.81 -1.54
CA ASP A 102 0.39 9.97 -2.93
C ASP A 102 -0.70 11.06 -3.12
N ASP A 103 -1.27 11.60 -2.04
CA ASP A 103 -2.16 12.78 -2.05
C ASP A 103 -1.73 13.90 -1.08
N ASN A 104 -0.53 13.76 -0.49
CA ASN A 104 0.03 14.58 0.60
C ASN A 104 1.53 14.82 0.37
N PRO A 25 -11.53 13.47 9.80
CA PRO A 25 -10.60 12.60 10.57
C PRO A 25 -9.27 13.32 10.91
N ALA A 26 -8.38 12.68 11.67
CA ALA A 26 -7.06 13.21 12.00
C ALA A 26 -6.16 13.48 10.77
N LYS A 27 -6.34 12.68 9.71
CA LYS A 27 -5.65 12.79 8.41
C LYS A 27 -6.48 12.28 7.27
N ARG A 28 -6.15 12.81 6.10
CA ARG A 28 -6.51 12.23 4.83
C ARG A 28 -5.25 12.18 3.96
N TYR A 29 -4.99 10.96 3.48
CA TYR A 29 -3.81 10.57 2.71
C TYR A 29 -4.17 9.43 1.77
N ARG A 30 -3.26 9.11 0.84
CA ARG A 30 -3.26 7.87 0.05
C ARG A 30 -1.80 7.56 -0.28
N ILE A 31 -1.41 6.29 -0.21
CA ILE A 31 -0.07 5.79 -0.55
C ILE A 31 -0.13 4.81 -1.69
N THR A 32 0.97 4.70 -2.42
CA THR A 32 1.25 3.69 -3.45
C THR A 32 2.11 2.61 -2.81
N MET A 33 1.80 1.37 -3.17
CA MET A 33 2.56 0.18 -2.86
C MET A 33 2.65 -0.67 -4.11
N LYS A 34 3.86 -0.77 -4.63
CA LYS A 34 4.10 -1.13 -6.02
C LYS A 34 5.52 -1.54 -6.22
N ASN A 35 5.80 -2.24 -7.31
CA ASN A 35 7.17 -2.38 -7.79
C ASN A 35 7.18 -2.98 -9.21
N LEU A 36 8.29 -2.93 -9.95
CA LEU A 36 8.36 -3.25 -11.38
C LEU A 36 7.68 -4.57 -11.84
N PRO A 37 7.78 -5.71 -11.13
CA PRO A 37 7.10 -6.96 -11.49
C PRO A 37 5.77 -7.20 -10.74
N GLU A 38 5.29 -6.26 -9.90
CA GLU A 38 4.18 -6.51 -8.97
C GLU A 38 3.27 -5.28 -8.72
N GLY A 39 1.98 -5.50 -8.92
CA GLY A 39 0.90 -4.56 -8.61
C GLY A 39 -0.19 -5.15 -7.70
N CYS A 40 -0.06 -6.39 -7.25
CA CYS A 40 -0.87 -7.04 -6.22
C CYS A 40 -2.38 -7.15 -6.54
N SER A 41 -3.15 -7.54 -5.52
CA SER A 41 -4.62 -7.52 -5.44
C SER A 41 -5.01 -6.96 -4.07
N TRP A 42 -6.22 -6.42 -3.86
CA TRP A 42 -6.54 -5.87 -2.54
C TRP A 42 -6.54 -6.96 -1.46
N GLN A 43 -7.16 -8.09 -1.75
CA GLN A 43 -7.15 -9.25 -0.88
C GLN A 43 -5.76 -9.69 -0.43
N ASP A 44 -4.81 -9.59 -1.34
CA ASP A 44 -3.44 -9.99 -1.16
C ASP A 44 -2.69 -8.98 -0.28
N LEU A 45 -2.88 -7.69 -0.57
CA LEU A 45 -2.25 -6.60 0.18
C LEU A 45 -2.84 -6.37 1.57
N LYS A 46 -4.12 -6.66 1.76
CA LYS A 46 -4.75 -6.79 3.08
C LYS A 46 -3.98 -7.84 3.79
N ASP A 47 -3.87 -9.04 3.21
CA ASP A 47 -3.12 -10.12 3.84
C ASP A 47 -1.73 -9.69 4.29
N LEU A 48 -0.93 -9.10 3.39
CA LEU A 48 0.36 -8.55 3.79
C LEU A 48 0.22 -7.51 4.89
N ALA A 49 -0.66 -6.53 4.77
CA ALA A 49 -0.86 -5.54 5.81
C ALA A 49 -1.08 -6.16 7.19
N ARG A 50 -1.84 -7.27 7.27
CA ARG A 50 -2.07 -8.02 8.51
C ARG A 50 -0.81 -8.82 8.92
N GLU A 51 0.04 -9.23 7.96
CA GLU A 51 1.39 -9.79 8.22
C GLU A 51 2.30 -8.80 8.95
N ASN A 52 2.12 -7.54 8.61
CA ASN A 52 3.06 -6.48 8.90
C ASN A 52 2.70 -5.63 10.13
N SER A 53 1.63 -4.85 10.07
CA SER A 53 1.24 -3.86 11.09
C SER A 53 0.03 -3.00 10.71
N LEU A 54 -0.41 -3.09 9.46
CA LEU A 54 -1.40 -2.17 8.89
C LEU A 54 -2.80 -2.71 9.15
N GLU A 55 -3.71 -1.74 9.24
CA GLU A 55 -5.13 -1.89 9.51
C GLU A 55 -5.87 -0.71 8.89
N THR A 56 -5.60 -0.53 7.60
CA THR A 56 -6.03 0.63 6.81
C THR A 56 -7.57 0.68 6.62
N THR A 57 -8.10 1.75 6.05
CA THR A 57 -9.51 1.81 5.63
C THR A 57 -9.73 0.84 4.48
N PHE A 58 -8.87 0.98 3.46
CA PHE A 58 -9.04 0.37 2.16
C PHE A 58 -7.82 0.53 1.26
N SER A 59 -7.86 -0.15 0.11
CA SER A 59 -6.95 0.10 -1.00
C SER A 59 -7.65 -0.06 -2.35
N SER A 60 -7.26 0.78 -3.30
CA SER A 60 -7.60 0.63 -4.72
C SER A 60 -6.50 -0.21 -5.39
N VAL A 61 -6.84 -1.39 -5.94
CA VAL A 61 -5.84 -2.33 -6.48
C VAL A 61 -6.38 -3.16 -7.64
N ASN A 62 -5.46 -3.47 -8.55
CA ASN A 62 -5.55 -4.53 -9.56
C ASN A 62 -6.36 -4.23 -10.82
N THR A 63 -5.75 -4.58 -11.97
CA THR A 63 -6.13 -4.27 -13.38
C THR A 63 -6.42 -2.80 -13.74
N ARG A 64 -6.49 -1.89 -12.75
CA ARG A 64 -6.69 -0.43 -12.89
C ARG A 64 -5.38 0.38 -12.93
N ASP A 65 -4.29 -0.23 -13.41
CA ASP A 65 -2.93 0.34 -13.46
C ASP A 65 -2.05 -0.40 -14.51
N PHE A 66 -0.74 -0.19 -14.47
CA PHE A 66 0.28 -0.96 -15.21
C PHE A 66 0.15 -2.50 -15.04
N ASP A 67 -0.30 -2.90 -13.85
CA ASP A 67 -0.64 -4.27 -13.41
C ASP A 67 -1.63 -4.22 -12.24
N GLY A 68 -1.45 -3.27 -11.30
CA GLY A 68 -2.46 -3.04 -10.26
C GLY A 68 -2.25 -1.93 -9.23
N THR A 69 -1.03 -1.80 -8.68
CA THR A 69 -0.59 -1.03 -7.49
C THR A 69 -1.55 -0.98 -6.28
N GLY A 70 -1.01 -1.27 -5.10
CA GLY A 70 -1.65 -1.09 -3.80
C GLY A 70 -1.82 0.37 -3.42
N ALA A 71 -2.92 1.04 -3.79
CA ALA A 71 -3.16 2.41 -3.37
C ALA A 71 -3.98 2.49 -2.07
N LEU A 72 -3.30 2.36 -0.92
CA LEU A 72 -3.90 2.26 0.41
C LEU A 72 -4.30 3.64 0.97
N GLU A 73 -5.19 3.65 1.96
CA GLU A 73 -5.67 4.86 2.65
C GLU A 73 -6.04 4.64 4.14
N PHE A 74 -5.84 5.63 5.03
CA PHE A 74 -6.36 5.61 6.43
C PHE A 74 -6.75 7.02 6.97
N PRO A 75 -7.65 7.12 7.98
CA PRO A 75 -7.92 8.36 8.76
C PRO A 75 -6.77 8.94 9.62
N SER A 76 -5.57 8.37 9.66
CA SER A 76 -4.41 8.92 10.40
C SER A 76 -3.09 8.65 9.69
N GLU A 77 -2.24 9.67 9.56
CA GLU A 77 -0.88 9.54 9.00
C GLU A 77 0.00 8.51 9.73
N GLU A 78 -0.36 8.15 10.95
CA GLU A 78 0.23 7.03 11.71
C GLU A 78 0.41 5.77 10.83
N ILE A 79 -0.65 5.32 10.16
CA ILE A 79 -0.70 4.07 9.35
C ILE A 79 0.06 4.23 8.02
N LEU A 80 0.01 5.45 7.47
CA LEU A 80 0.78 5.84 6.31
C LEU A 80 2.29 5.71 6.58
N VAL A 81 2.77 6.34 7.65
CA VAL A 81 4.20 6.44 8.00
C VAL A 81 4.72 5.09 8.43
N GLU A 82 3.89 4.33 9.12
CA GLU A 82 4.08 2.94 9.38
C GLU A 82 4.46 2.24 8.08
N ALA A 83 3.54 2.11 7.12
CA ALA A 83 3.81 1.43 5.83
C ALA A 83 5.07 1.96 5.12
N LEU A 84 5.30 3.27 5.10
CA LEU A 84 6.49 3.89 4.48
C LEU A 84 7.79 3.43 5.14
N GLU A 85 7.73 3.09 6.41
CA GLU A 85 8.86 2.55 7.15
C GLU A 85 8.80 1.02 7.38
N ARG A 86 7.73 0.33 6.97
CA ARG A 86 7.46 -1.08 7.28
C ARG A 86 7.45 -1.95 6.03
N LEU A 87 7.05 -1.37 4.88
CA LEU A 87 6.81 -2.03 3.62
C LEU A 87 7.68 -1.47 2.48
N ASN A 88 8.55 -0.48 2.72
CA ASN A 88 9.34 0.09 1.62
C ASN A 88 10.49 -0.83 1.16
N ASN A 89 10.30 -1.44 -0.01
CA ASN A 89 11.17 -2.44 -0.65
C ASN A 89 11.39 -3.68 0.24
N ILE A 90 10.28 -4.28 0.67
CA ILE A 90 10.21 -5.54 1.44
C ILE A 90 9.78 -6.68 0.54
N GLU A 91 10.16 -7.91 0.87
CA GLU A 91 9.70 -9.09 0.15
C GLU A 91 8.39 -9.65 0.75
N PHE A 92 7.31 -9.35 0.03
CA PHE A 92 5.93 -9.79 0.21
C PHE A 92 5.76 -11.30 -0.08
N ARG A 93 6.10 -12.15 0.89
CA ARG A 93 5.96 -13.63 0.85
C ARG A 93 6.63 -14.37 -0.35
N GLY A 94 7.24 -13.64 -1.28
CA GLY A 94 7.71 -14.12 -2.58
C GLY A 94 7.70 -13.04 -3.69
N SER A 95 6.94 -11.95 -3.56
CA SER A 95 7.02 -10.77 -4.40
C SER A 95 7.78 -9.73 -3.57
N VAL A 96 7.92 -8.50 -4.04
CA VAL A 96 8.43 -7.38 -3.23
C VAL A 96 7.71 -6.10 -3.66
N ILE A 97 7.51 -5.16 -2.75
CA ILE A 97 6.84 -3.87 -2.95
C ILE A 97 7.69 -2.74 -2.36
N THR A 98 7.75 -1.63 -3.09
CA THR A 98 8.28 -0.31 -2.73
C THR A 98 7.08 0.58 -2.46
N VAL A 99 7.11 1.39 -1.41
CA VAL A 99 5.93 2.12 -0.95
C VAL A 99 6.27 3.56 -0.58
N GLU A 100 5.32 4.44 -0.86
CA GLU A 100 5.50 5.88 -0.67
C GLU A 100 4.16 6.60 -0.65
N ARG A 101 4.15 7.77 -0.02
CA ARG A 101 2.99 8.67 -0.09
C ARG A 101 2.71 9.12 -1.51
N ASP A 102 1.44 9.32 -1.82
CA ASP A 102 0.96 9.56 -3.19
C ASP A 102 -0.09 10.69 -3.26
N ASP A 103 -0.62 11.12 -2.12
CA ASP A 103 -1.44 12.35 -1.96
C ASP A 103 -0.97 13.17 -0.73
N ASN A 104 0.35 13.13 -0.48
CA ASN A 104 1.11 13.96 0.49
C ASN A 104 2.49 14.35 -0.12
N PRO A 25 -10.22 11.90 8.39
CA PRO A 25 -10.83 12.43 9.63
C PRO A 25 -9.84 13.24 10.48
N ALA A 26 -9.25 12.65 11.54
CA ALA A 26 -8.13 13.23 12.30
C ALA A 26 -6.93 13.56 11.38
N LYS A 27 -6.70 12.67 10.42
CA LYS A 27 -5.85 12.80 9.24
C LYS A 27 -6.62 12.25 8.05
N ARG A 28 -6.26 12.72 6.87
CA ARG A 28 -6.64 12.15 5.60
C ARG A 28 -5.40 12.02 4.73
N TYR A 29 -5.14 10.80 4.29
CA TYR A 29 -4.07 10.45 3.37
C TYR A 29 -4.53 9.30 2.49
N ARG A 30 -3.79 9.08 1.41
CA ARG A 30 -3.89 7.93 0.54
C ARG A 30 -2.49 7.59 0.03
N ILE A 31 -2.12 6.30 0.04
CA ILE A 31 -0.86 5.78 -0.49
C ILE A 31 -1.08 4.96 -1.73
N THR A 32 -0.03 4.76 -2.50
CA THR A 32 0.08 3.84 -3.63
C THR A 32 0.91 2.64 -3.22
N MET A 33 0.55 1.47 -3.74
CA MET A 33 1.27 0.21 -3.61
C MET A 33 1.28 -0.55 -4.94
N LYS A 34 2.46 -0.93 -5.41
CA LYS A 34 2.65 -1.66 -6.68
C LYS A 34 3.99 -2.29 -6.83
N ASN A 35 4.07 -3.14 -7.85
CA ASN A 35 5.31 -3.46 -8.52
C ASN A 35 5.07 -4.19 -9.87
N LEU A 36 6.11 -4.34 -10.70
CA LEU A 36 6.00 -4.72 -12.12
C LEU A 36 5.60 -6.18 -12.48
N PRO A 37 6.18 -7.25 -11.89
CA PRO A 37 5.80 -8.63 -12.24
C PRO A 37 4.42 -9.07 -11.70
N GLU A 38 3.82 -8.32 -10.78
CA GLU A 38 2.49 -8.50 -10.21
C GLU A 38 1.60 -7.25 -10.40
N GLY A 39 0.64 -7.08 -9.51
CA GLY A 39 -0.37 -6.03 -9.56
C GLY A 39 -1.47 -6.24 -8.53
N CYS A 40 -1.60 -7.50 -8.09
CA CYS A 40 -2.38 -7.96 -6.96
C CYS A 40 -3.89 -7.65 -7.09
N SER A 41 -4.62 -7.58 -5.97
CA SER A 41 -6.03 -7.16 -5.83
C SER A 41 -6.31 -6.74 -4.39
N TRP A 42 -7.47 -6.11 -4.11
CA TRP A 42 -7.71 -5.60 -2.75
C TRP A 42 -7.66 -6.65 -1.66
N GLN A 43 -8.39 -7.75 -1.79
CA GLN A 43 -8.40 -8.80 -0.75
C GLN A 43 -7.02 -9.36 -0.41
N ASP A 44 -6.16 -9.39 -1.41
CA ASP A 44 -4.81 -9.92 -1.35
C ASP A 44 -3.88 -8.95 -0.63
N LEU A 45 -3.92 -7.69 -1.05
CA LEU A 45 -3.19 -6.59 -0.43
C LEU A 45 -3.60 -6.37 1.02
N LYS A 46 -4.90 -6.42 1.32
CA LYS A 46 -5.46 -6.47 2.68
C LYS A 46 -4.74 -7.54 3.44
N ASP A 47 -4.83 -8.79 3.00
CA ASP A 47 -4.27 -9.93 3.73
C ASP A 47 -2.81 -9.76 4.07
N LEU A 48 -2.01 -9.35 3.09
CA LEU A 48 -0.61 -9.06 3.32
C LEU A 48 -0.42 -7.95 4.30
N ALA A 49 -1.11 -6.84 4.10
CA ALA A 49 -1.04 -5.70 4.97
C ALA A 49 -1.37 -6.10 6.42
N ARG A 50 -2.37 -6.98 6.61
CA ARG A 50 -2.69 -7.65 7.89
C ARG A 50 -1.57 -8.56 8.38
N GLU A 51 -0.76 -9.15 7.49
CA GLU A 51 0.47 -9.87 7.90
C GLU A 51 1.61 -8.93 8.33
N ASN A 52 1.57 -7.70 7.82
CA ASN A 52 2.68 -6.76 7.80
C ASN A 52 2.56 -5.52 8.72
N SER A 53 1.42 -5.36 9.40
CA SER A 53 1.09 -4.46 10.53
C SER A 53 0.00 -3.42 10.21
N LEU A 54 -0.46 -3.37 8.96
CA LEU A 54 -1.51 -2.46 8.52
C LEU A 54 -2.87 -2.93 9.07
N GLU A 55 -3.69 -1.93 9.32
CA GLU A 55 -5.11 -2.00 9.71
C GLU A 55 -5.88 -0.82 9.12
N THR A 56 -5.50 -0.53 7.88
CA THR A 56 -6.06 0.48 7.00
C THR A 56 -7.56 0.27 6.75
N THR A 57 -8.28 1.33 6.34
CA THR A 57 -9.73 1.28 6.13
C THR A 57 -10.10 0.63 4.80
N PHE A 58 -9.41 1.06 3.74
CA PHE A 58 -9.81 0.76 2.37
C PHE A 58 -8.66 0.91 1.37
N SER A 59 -8.85 0.35 0.17
CA SER A 59 -7.97 0.60 -0.98
C SER A 59 -8.73 0.64 -2.31
N SER A 60 -8.24 1.50 -3.20
CA SER A 60 -8.56 1.56 -4.62
C SER A 60 -7.62 0.60 -5.37
N VAL A 61 -8.11 -0.58 -5.76
CA VAL A 61 -7.39 -1.57 -6.61
C VAL A 61 -8.27 -1.98 -7.78
N ASN A 62 -7.68 -2.43 -8.89
CA ASN A 62 -8.39 -2.89 -10.09
C ASN A 62 -9.30 -1.81 -10.72
N THR A 63 -8.98 -0.52 -10.52
CA THR A 63 -9.72 0.61 -11.10
C THR A 63 -9.58 0.63 -12.64
N ARG A 64 -8.34 0.38 -13.08
CA ARG A 64 -7.81 0.09 -14.42
C ARG A 64 -6.31 -0.14 -14.23
N ASP A 65 -5.68 0.80 -13.53
CA ASP A 65 -4.31 0.77 -13.01
C ASP A 65 -3.27 0.65 -14.16
N PHE A 66 -2.01 0.31 -13.86
CA PHE A 66 -1.04 -0.11 -14.90
C PHE A 66 -1.40 -1.50 -15.48
N ASP A 67 -2.33 -2.19 -14.81
CA ASP A 67 -2.91 -3.54 -14.92
C ASP A 67 -3.23 -4.08 -13.50
N GLY A 68 -2.57 -3.54 -12.47
CA GLY A 68 -2.88 -3.72 -11.05
C GLY A 68 -2.00 -2.84 -10.16
N THR A 69 -2.58 -1.88 -9.44
CA THR A 69 -1.92 -1.10 -8.37
C THR A 69 -2.94 -0.81 -7.28
N GLY A 70 -2.59 -1.03 -6.02
CA GLY A 70 -3.50 -0.82 -4.90
C GLY A 70 -3.15 0.41 -4.10
N ALA A 71 -4.09 1.32 -3.93
CA ALA A 71 -3.85 2.60 -3.27
C ALA A 71 -4.72 2.72 -2.00
N LEU A 72 -4.08 2.63 -0.83
CA LEU A 72 -4.69 2.46 0.50
C LEU A 72 -5.02 3.80 1.16
N GLU A 73 -5.85 3.77 2.21
CA GLU A 73 -6.22 4.93 3.07
C GLU A 73 -6.45 4.58 4.57
N PHE A 74 -6.22 5.54 5.48
CA PHE A 74 -6.65 5.50 6.89
C PHE A 74 -6.94 6.91 7.48
N PRO A 75 -7.82 7.04 8.49
CA PRO A 75 -8.00 8.24 9.33
C PRO A 75 -6.79 8.80 10.12
N SER A 76 -5.61 8.17 10.09
CA SER A 76 -4.41 8.63 10.83
C SER A 76 -3.13 8.36 10.06
N GLU A 77 -2.25 9.37 9.95
CA GLU A 77 -0.90 9.20 9.38
C GLU A 77 -0.04 8.14 10.07
N GLU A 78 -0.43 7.68 11.27
CA GLU A 78 0.14 6.52 11.94
C GLU A 78 0.27 5.31 10.98
N ILE A 79 -0.85 4.95 10.32
CA ILE A 79 -0.95 3.77 9.42
C ILE A 79 -0.26 4.03 8.08
N LEU A 80 -0.24 5.30 7.64
CA LEU A 80 0.52 5.73 6.49
C LEU A 80 2.02 5.49 6.68
N VAL A 81 2.56 6.03 7.77
CA VAL A 81 4.01 6.01 8.08
C VAL A 81 4.48 4.61 8.34
N GLU A 82 3.61 3.83 9.00
CA GLU A 82 3.74 2.41 9.09
C GLU A 82 3.97 1.83 7.69
N ALA A 83 2.98 1.79 6.80
CA ALA A 83 3.13 1.20 5.45
C ALA A 83 4.37 1.71 4.67
N LEU A 84 4.66 3.00 4.73
CA LEU A 84 5.84 3.63 4.07
C LEU A 84 7.17 3.13 4.65
N GLU A 85 7.16 2.65 5.89
CA GLU A 85 8.30 1.97 6.50
C GLU A 85 8.17 0.43 6.57
N ARG A 86 7.00 -0.16 6.26
CA ARG A 86 6.65 -1.57 6.50
C ARG A 86 6.46 -2.36 5.23
N LEU A 87 6.11 -1.69 4.13
CA LEU A 87 5.75 -2.24 2.84
C LEU A 87 6.54 -1.60 1.68
N ASN A 88 7.49 -0.69 1.96
CA ASN A 88 8.31 -0.04 0.93
C ASN A 88 9.36 -0.99 0.33
N ASN A 89 8.98 -1.63 -0.79
CA ASN A 89 9.77 -2.56 -1.59
C ASN A 89 10.10 -3.85 -0.80
N ILE A 90 9.02 -4.50 -0.36
CA ILE A 90 8.99 -5.72 0.45
C ILE A 90 8.56 -6.90 -0.40
N GLU A 91 8.95 -8.11 -0.03
CA GLU A 91 8.42 -9.31 -0.65
C GLU A 91 7.04 -9.67 -0.06
N PHE A 92 5.99 -9.42 -0.84
CA PHE A 92 4.60 -9.83 -0.64
C PHE A 92 4.48 -11.35 -0.69
N ARG A 93 4.76 -12.03 0.43
CA ARG A 93 4.67 -13.49 0.63
C ARG A 93 5.51 -14.38 -0.37
N GLY A 94 5.97 -13.82 -1.48
CA GLY A 94 6.56 -14.46 -2.66
C GLY A 94 6.54 -13.57 -3.93
N SER A 95 5.73 -12.50 -3.99
CA SER A 95 5.79 -11.43 -4.99
C SER A 95 6.49 -10.25 -4.29
N VAL A 96 6.54 -9.05 -4.84
CA VAL A 96 7.01 -7.86 -4.08
C VAL A 96 6.11 -6.64 -4.38
N ILE A 97 6.02 -5.70 -3.45
CA ILE A 97 5.32 -4.42 -3.61
C ILE A 97 6.16 -3.28 -3.04
N THR A 98 5.99 -2.11 -3.64
CA THR A 98 6.62 -0.85 -3.28
C THR A 98 5.54 0.16 -2.98
N VAL A 99 5.73 0.95 -1.92
CA VAL A 99 4.68 1.83 -1.40
C VAL A 99 5.18 3.21 -1.07
N GLU A 100 4.30 4.19 -1.24
CA GLU A 100 4.59 5.61 -1.04
C GLU A 100 3.31 6.46 -1.00
N ARG A 101 3.40 7.65 -0.43
CA ARG A 101 2.30 8.62 -0.36
C ARG A 101 1.88 9.18 -1.72
N ASP A 102 0.59 9.43 -1.88
CA ASP A 102 -0.08 9.83 -3.12
C ASP A 102 -0.87 11.16 -3.03
N ASP A 103 -1.17 11.67 -1.83
CA ASP A 103 -1.84 12.98 -1.62
C ASP A 103 -1.24 13.84 -0.48
N ASN A 104 -0.71 13.24 0.58
CA ASN A 104 0.02 13.89 1.69
C ASN A 104 1.16 13.01 2.20
N PRO A 25 -11.83 11.29 8.54
CA PRO A 25 -12.03 11.76 9.94
C PRO A 25 -10.96 12.77 10.39
N ALA A 26 -10.12 12.42 11.37
CA ALA A 26 -8.92 13.20 11.74
C ALA A 26 -7.96 13.41 10.56
N LYS A 27 -7.94 12.46 9.63
CA LYS A 27 -7.27 12.46 8.33
C LYS A 27 -8.10 11.71 7.29
N ARG A 28 -7.62 11.84 6.06
CA ARG A 28 -7.91 11.07 4.86
C ARG A 28 -6.68 11.22 3.98
N TYR A 29 -6.14 10.12 3.49
CA TYR A 29 -4.95 10.08 2.65
C TYR A 29 -5.08 8.98 1.60
N ARG A 30 -4.11 8.94 0.68
CA ARG A 30 -3.90 7.82 -0.22
C ARG A 30 -2.38 7.56 -0.34
N ILE A 31 -1.96 6.35 -0.08
CA ILE A 31 -0.61 5.87 -0.40
C ILE A 31 -0.71 4.94 -1.59
N THR A 32 0.41 4.69 -2.22
CA THR A 32 0.63 3.84 -3.38
C THR A 32 1.73 2.87 -3.06
N MET A 33 1.63 1.68 -3.62
CA MET A 33 2.49 0.56 -3.34
C MET A 33 2.74 -0.24 -4.62
N LYS A 34 4.01 -0.25 -5.05
CA LYS A 34 4.47 -0.91 -6.28
C LYS A 34 5.94 -1.12 -6.34
N ASN A 35 6.32 -1.96 -7.29
CA ASN A 35 7.65 -1.92 -7.85
C ASN A 35 7.72 -2.75 -9.14
N LEU A 36 8.71 -2.52 -10.02
CA LEU A 36 8.75 -3.04 -11.40
C LEU A 36 8.37 -4.54 -11.59
N PRO A 37 8.79 -5.49 -10.75
CA PRO A 37 8.38 -6.90 -10.83
C PRO A 37 6.92 -7.23 -10.45
N GLU A 38 6.14 -6.27 -9.92
CA GLU A 38 4.83 -6.52 -9.31
C GLU A 38 3.76 -5.46 -9.64
N GLY A 39 2.53 -5.96 -9.81
CA GLY A 39 1.31 -5.17 -10.01
C GLY A 39 0.23 -5.42 -8.96
N CYS A 40 0.31 -6.55 -8.23
CA CYS A 40 -0.55 -7.03 -7.14
C CYS A 40 -2.08 -6.97 -7.38
N SER A 41 -2.84 -7.47 -6.41
CA SER A 41 -4.32 -7.47 -6.34
C SER A 41 -4.73 -7.09 -4.91
N TRP A 42 -5.95 -6.57 -4.68
CA TRP A 42 -6.29 -6.16 -3.31
C TRP A 42 -6.19 -7.31 -2.33
N GLN A 43 -6.63 -8.51 -2.69
CA GLN A 43 -6.50 -9.68 -1.84
C GLN A 43 -5.07 -10.02 -1.43
N ASP A 44 -4.12 -9.80 -2.32
CA ASP A 44 -2.72 -10.04 -2.09
C ASP A 44 -2.18 -9.01 -1.10
N LEU A 45 -2.54 -7.74 -1.34
CA LEU A 45 -2.13 -6.64 -0.50
C LEU A 45 -2.84 -6.61 0.86
N LYS A 46 -4.06 -7.13 0.97
CA LYS A 46 -4.79 -7.41 2.23
C LYS A 46 -3.93 -8.35 3.05
N ASP A 47 -3.54 -9.47 2.43
CA ASP A 47 -2.64 -10.45 3.05
C ASP A 47 -1.41 -9.78 3.61
N LEU A 48 -0.59 -9.18 2.74
CA LEU A 48 0.64 -8.56 3.20
C LEU A 48 0.35 -7.51 4.28
N ALA A 49 -0.67 -6.69 4.13
CA ALA A 49 -0.96 -5.64 5.09
C ALA A 49 -1.24 -6.16 6.51
N ARG A 50 -1.91 -7.31 6.66
CA ARG A 50 -2.04 -7.94 7.99
C ARG A 50 -0.71 -8.51 8.47
N GLU A 51 0.08 -9.04 7.53
CA GLU A 51 1.50 -9.39 7.81
C GLU A 51 2.33 -8.26 8.40
N ASN A 52 1.94 -7.04 8.03
CA ASN A 52 2.69 -5.82 8.26
C ASN A 52 2.01 -4.84 9.23
N SER A 53 0.82 -5.21 9.75
CA SER A 53 0.03 -4.42 10.70
C SER A 53 -0.41 -3.06 10.12
N LEU A 54 -0.53 -2.99 8.80
CA LEU A 54 -1.16 -1.86 8.10
C LEU A 54 -2.66 -1.86 8.40
N GLU A 55 -3.36 -2.86 7.84
CA GLU A 55 -4.80 -2.92 7.73
C GLU A 55 -5.44 -1.51 7.63
N THR A 56 -5.14 -0.82 6.53
CA THR A 56 -5.87 0.41 6.18
C THR A 56 -7.33 0.04 5.80
N THR A 57 -8.20 1.02 5.62
CA THR A 57 -9.63 0.79 5.37
C THR A 57 -9.85 0.00 4.09
N PHE A 58 -9.10 0.40 3.04
CA PHE A 58 -9.32 -0.04 1.68
C PHE A 58 -8.17 0.36 0.77
N SER A 59 -8.07 -0.29 -0.40
CA SER A 59 -7.14 0.07 -1.45
C SER A 59 -7.81 0.04 -2.83
N SER A 60 -7.25 0.84 -3.74
CA SER A 60 -7.55 0.84 -5.16
C SER A 60 -6.41 0.12 -5.88
N VAL A 61 -6.70 -1.08 -6.39
CA VAL A 61 -5.73 -2.01 -6.98
C VAL A 61 -6.18 -2.44 -8.38
N ASN A 62 -5.33 -3.14 -9.13
CA ASN A 62 -5.61 -3.83 -10.41
C ASN A 62 -5.86 -2.92 -11.64
N THR A 63 -6.15 -1.61 -11.48
CA THR A 63 -6.64 -0.76 -12.59
C THR A 63 -6.36 0.75 -12.46
N ARG A 64 -5.33 1.18 -11.69
CA ARG A 64 -5.07 2.62 -11.39
C ARG A 64 -3.72 3.17 -11.88
N ASP A 65 -2.88 2.39 -12.55
CA ASP A 65 -1.48 2.75 -12.81
C ASP A 65 -0.85 2.03 -14.03
N PHE A 66 0.50 2.01 -14.11
CA PHE A 66 1.33 1.41 -15.17
C PHE A 66 0.92 -0.01 -15.62
N ASP A 67 0.42 -0.84 -14.70
CA ASP A 67 -0.25 -2.13 -14.96
C ASP A 67 -1.33 -2.40 -13.91
N GLY A 68 -1.03 -2.07 -12.64
CA GLY A 68 -1.99 -2.08 -11.53
C GLY A 68 -1.53 -1.27 -10.33
N THR A 69 -0.55 -1.74 -9.56
CA THR A 69 -0.17 -1.20 -8.22
C THR A 69 -1.34 -1.31 -7.24
N GLY A 70 -1.11 -1.10 -5.95
CA GLY A 70 -2.20 -0.94 -4.98
C GLY A 70 -2.03 0.36 -4.22
N ALA A 71 -3.12 1.09 -4.02
CA ALA A 71 -3.09 2.39 -3.38
C ALA A 71 -4.11 2.47 -2.24
N LEU A 72 -3.60 2.41 -1.01
CA LEU A 72 -4.35 2.25 0.25
C LEU A 72 -4.80 3.61 0.80
N GLU A 73 -5.87 3.60 1.58
CA GLU A 73 -6.41 4.79 2.30
C GLU A 73 -6.74 4.47 3.78
N PHE A 74 -6.52 5.41 4.71
CA PHE A 74 -7.01 5.33 6.10
C PHE A 74 -7.49 6.69 6.65
N PRO A 75 -8.38 6.73 7.66
CA PRO A 75 -8.74 7.94 8.41
C PRO A 75 -7.68 8.54 9.36
N SER A 76 -6.46 7.97 9.46
CA SER A 76 -5.36 8.53 10.26
C SER A 76 -4.01 8.35 9.58
N GLU A 77 -3.26 9.44 9.41
CA GLU A 77 -1.89 9.41 8.86
C GLU A 77 -0.93 8.47 9.60
N GLU A 78 -1.27 8.04 10.81
CA GLU A 78 -0.59 6.97 11.55
C GLU A 78 -0.30 5.77 10.64
N ILE A 79 -1.32 5.21 9.97
CA ILE A 79 -1.19 4.00 9.13
C ILE A 79 -0.45 4.29 7.82
N LEU A 80 -0.54 5.52 7.32
CA LEU A 80 0.21 6.00 6.17
C LEU A 80 1.72 6.01 6.46
N VAL A 81 2.11 6.62 7.58
CA VAL A 81 3.52 6.80 7.99
C VAL A 81 4.14 5.48 8.34
N GLU A 82 3.36 4.62 8.99
CA GLU A 82 3.67 3.25 9.18
C GLU A 82 4.08 2.65 7.82
N ALA A 83 3.16 2.49 6.85
CA ALA A 83 3.51 1.89 5.55
C ALA A 83 4.76 2.48 4.88
N LEU A 84 4.90 3.81 4.91
CA LEU A 84 6.05 4.56 4.35
C LEU A 84 7.36 4.19 5.05
N GLU A 85 7.28 3.70 6.28
CA GLU A 85 8.42 3.13 7.00
C GLU A 85 8.40 1.58 7.13
N ARG A 86 7.33 0.87 6.71
CA ARG A 86 7.09 -0.56 7.03
C ARG A 86 7.11 -1.43 5.79
N LEU A 87 6.74 -0.86 4.63
CA LEU A 87 6.62 -1.53 3.35
C LEU A 87 7.48 -0.84 2.28
N ASN A 88 8.26 0.19 2.62
CA ASN A 88 9.04 0.91 1.62
C ASN A 88 10.28 0.14 1.17
N ASN A 89 10.13 -0.59 0.07
CA ASN A 89 11.13 -1.45 -0.57
C ASN A 89 11.41 -2.72 0.26
N ILE A 90 10.32 -3.45 0.53
CA ILE A 90 10.28 -4.73 1.30
C ILE A 90 9.98 -5.89 0.35
N GLU A 91 10.40 -7.10 0.70
CA GLU A 91 10.09 -8.30 -0.08
C GLU A 91 8.79 -8.97 0.41
N PHE A 92 7.74 -8.72 -0.38
CA PHE A 92 6.39 -9.25 -0.35
C PHE A 92 6.35 -10.76 -0.68
N ARG A 93 6.75 -11.61 0.26
CA ARG A 93 6.81 -13.09 0.18
C ARG A 93 7.63 -13.71 -0.98
N GLY A 94 8.09 -12.90 -1.92
CA GLY A 94 8.68 -13.31 -3.20
C GLY A 94 8.68 -12.21 -4.26
N SER A 95 7.79 -11.20 -4.14
CA SER A 95 7.86 -9.96 -4.91
C SER A 95 8.48 -8.93 -3.97
N VAL A 96 8.65 -7.70 -4.41
CA VAL A 96 9.03 -6.58 -3.52
C VAL A 96 8.26 -5.35 -3.97
N ILE A 97 7.87 -4.50 -3.01
CA ILE A 97 7.11 -3.26 -3.23
C ILE A 97 7.82 -2.08 -2.55
N THR A 98 7.77 -0.92 -3.21
CA THR A 98 8.16 0.40 -2.70
C THR A 98 6.86 1.17 -2.46
N VAL A 99 6.82 2.02 -1.44
CA VAL A 99 5.55 2.65 -1.04
C VAL A 99 5.73 4.10 -0.61
N GLU A 100 4.69 4.87 -0.84
CA GLU A 100 4.72 6.33 -0.68
C GLU A 100 3.34 6.93 -0.71
N ARG A 101 3.22 8.15 -0.19
CA ARG A 101 2.04 8.99 -0.39
C ARG A 101 1.82 9.19 -1.89
N ASP A 102 0.58 9.11 -2.36
CA ASP A 102 0.20 9.28 -3.78
C ASP A 102 0.10 10.78 -4.13
N ASP A 103 1.18 11.49 -3.83
CA ASP A 103 1.38 12.95 -3.82
C ASP A 103 0.33 13.77 -3.04
N ASN A 104 -0.10 13.27 -1.87
CA ASN A 104 -0.88 14.01 -0.85
C ASN A 104 -0.06 14.19 0.44
N PRO A 25 -10.86 10.68 8.84
CA PRO A 25 -11.38 11.72 9.74
C PRO A 25 -10.30 12.69 10.24
N ALA A 26 -9.32 12.21 11.02
CA ALA A 26 -8.12 12.98 11.33
C ALA A 26 -7.30 13.31 10.06
N LYS A 27 -7.40 12.44 9.05
CA LYS A 27 -6.91 12.59 7.67
C LYS A 27 -7.73 11.74 6.70
N ARG A 28 -7.50 11.97 5.41
CA ARG A 28 -7.85 11.09 4.31
C ARG A 28 -6.78 11.22 3.23
N TYR A 29 -6.16 10.08 2.92
CA TYR A 29 -5.05 9.93 2.00
C TYR A 29 -5.27 8.69 1.14
N ARG A 30 -4.38 8.50 0.17
CA ARG A 30 -4.27 7.24 -0.56
C ARG A 30 -2.78 7.00 -0.88
N ILE A 31 -2.23 5.87 -0.44
CA ILE A 31 -0.86 5.43 -0.80
C ILE A 31 -0.92 4.44 -1.95
N THR A 32 0.21 4.22 -2.60
CA THR A 32 0.45 3.26 -3.69
C THR A 32 1.62 2.35 -3.34
N MET A 33 1.52 1.09 -3.74
CA MET A 33 2.45 0.02 -3.41
C MET A 33 2.69 -0.86 -4.64
N LYS A 34 3.96 -0.99 -5.04
CA LYS A 34 4.37 -1.61 -6.32
C LYS A 34 5.81 -1.99 -6.37
N ASN A 35 6.16 -2.74 -7.40
CA ASN A 35 7.51 -2.79 -7.92
C ASN A 35 7.55 -3.64 -9.21
N LEU A 36 8.60 -3.51 -10.03
CA LEU A 36 8.64 -4.06 -11.40
C LEU A 36 8.34 -5.56 -11.57
N PRO A 37 8.76 -6.47 -10.65
CA PRO A 37 8.34 -7.88 -10.63
C PRO A 37 6.87 -8.14 -10.26
N GLU A 38 6.06 -7.11 -9.97
CA GLU A 38 4.72 -7.23 -9.38
C GLU A 38 3.57 -6.54 -10.17
N GLY A 39 2.38 -6.72 -9.60
CA GLY A 39 1.07 -6.15 -9.96
C GLY A 39 0.06 -6.29 -8.81
N CYS A 40 0.21 -7.34 -7.98
CA CYS A 40 -0.54 -7.69 -6.77
C CYS A 40 -2.07 -7.84 -6.96
N SER A 41 -2.74 -8.16 -5.85
CA SER A 41 -4.20 -8.31 -5.75
C SER A 41 -4.63 -7.86 -4.35
N TRP A 42 -5.88 -7.42 -4.14
CA TRP A 42 -6.23 -6.91 -2.81
C TRP A 42 -6.13 -7.98 -1.73
N GLN A 43 -6.55 -9.22 -2.02
CA GLN A 43 -6.36 -10.32 -1.08
C GLN A 43 -4.93 -10.51 -0.60
N ASP A 44 -3.98 -10.26 -1.49
CA ASP A 44 -2.57 -10.53 -1.28
C ASP A 44 -1.92 -9.39 -0.51
N LEU A 45 -2.27 -8.15 -0.85
CA LEU A 45 -1.78 -6.97 -0.16
C LEU A 45 -2.46 -6.71 1.18
N LYS A 46 -3.69 -7.19 1.37
CA LYS A 46 -4.39 -7.25 2.66
C LYS A 46 -3.65 -8.25 3.51
N ASP A 47 -3.35 -9.42 2.95
CA ASP A 47 -2.50 -10.38 3.64
C ASP A 47 -1.18 -9.77 4.06
N LEU A 48 -0.39 -9.19 3.13
CA LEU A 48 0.84 -8.51 3.52
C LEU A 48 0.57 -7.43 4.58
N ALA A 49 -0.37 -6.53 4.36
CA ALA A 49 -0.66 -5.47 5.32
C ALA A 49 -0.92 -6.01 6.73
N ARG A 50 -1.57 -7.18 6.84
CA ARG A 50 -1.83 -7.85 8.11
C ARG A 50 -0.68 -8.77 8.58
N GLU A 51 0.29 -9.02 7.70
CA GLU A 51 1.65 -9.51 8.05
C GLU A 51 2.44 -8.41 8.78
N ASN A 52 2.12 -7.17 8.40
CA ASN A 52 2.86 -5.95 8.68
C ASN A 52 2.17 -4.98 9.66
N SER A 53 0.95 -5.28 10.10
CA SER A 53 0.13 -4.49 11.03
C SER A 53 -0.25 -3.09 10.50
N LEU A 54 -0.32 -2.96 9.17
CA LEU A 54 -0.88 -1.80 8.45
C LEU A 54 -2.33 -1.55 8.92
N GLU A 55 -3.17 -2.59 8.86
CA GLU A 55 -4.61 -2.53 9.03
C GLU A 55 -5.24 -1.20 8.57
N THR A 56 -5.08 -0.97 7.27
CA THR A 56 -5.74 0.08 6.49
C THR A 56 -7.24 -0.23 6.30
N THR A 57 -8.00 0.68 5.70
CA THR A 57 -9.43 0.48 5.41
C THR A 57 -9.62 -0.49 4.24
N PHE A 58 -8.92 -0.18 3.14
CA PHE A 58 -9.13 -0.77 1.82
C PHE A 58 -8.01 -0.41 0.86
N SER A 59 -8.00 -1.03 -0.33
CA SER A 59 -7.13 -0.64 -1.44
C SER A 59 -7.77 -0.87 -2.82
N SER A 60 -7.40 -0.01 -3.76
CA SER A 60 -7.63 -0.21 -5.21
C SER A 60 -6.47 -1.05 -5.74
N VAL A 61 -6.73 -2.29 -6.17
CA VAL A 61 -5.70 -3.20 -6.71
C VAL A 61 -6.20 -3.85 -7.99
N ASN A 62 -5.28 -4.44 -8.77
CA ASN A 62 -5.48 -5.19 -10.02
C ASN A 62 -5.65 -4.27 -11.25
N THR A 63 -5.98 -2.98 -11.04
CA THR A 63 -6.16 -1.91 -12.06
C THR A 63 -6.05 -0.55 -11.37
N ARG A 64 -5.36 0.41 -12.02
CA ARG A 64 -5.09 1.84 -11.67
C ARG A 64 -3.75 2.39 -12.21
N ASP A 65 -2.85 1.52 -12.68
CA ASP A 65 -1.45 1.87 -12.95
C ASP A 65 -0.80 1.12 -14.15
N PHE A 66 0.54 1.06 -14.18
CA PHE A 66 1.41 0.41 -15.19
C PHE A 66 1.06 -1.05 -15.56
N ASP A 67 0.46 -1.79 -14.62
CA ASP A 67 -0.04 -3.17 -14.75
C ASP A 67 -1.17 -3.40 -13.74
N GLY A 68 -0.92 -3.04 -12.48
CA GLY A 68 -1.93 -2.97 -11.43
C GLY A 68 -1.52 -2.11 -10.25
N THR A 69 -0.49 -2.52 -9.48
CA THR A 69 -0.14 -1.95 -8.16
C THR A 69 -1.31 -2.08 -7.18
N GLY A 70 -1.10 -1.78 -5.90
CA GLY A 70 -2.20 -1.65 -4.93
C GLY A 70 -2.08 -0.36 -4.16
N ALA A 71 -3.18 0.37 -4.06
CA ALA A 71 -3.19 1.71 -3.52
C ALA A 71 -4.24 1.86 -2.40
N LEU A 72 -3.74 1.89 -1.16
CA LEU A 72 -4.45 1.76 0.11
C LEU A 72 -4.98 3.11 0.62
N GLU A 73 -5.93 3.10 1.55
CA GLU A 73 -6.47 4.30 2.24
C GLU A 73 -6.63 4.13 3.78
N PHE A 74 -6.59 5.23 4.54
CA PHE A 74 -7.02 5.25 5.95
C PHE A 74 -7.56 6.61 6.46
N PRO A 75 -8.45 6.61 7.48
CA PRO A 75 -8.85 7.76 8.31
C PRO A 75 -7.76 8.61 8.99
N SER A 76 -6.48 8.24 8.95
CA SER A 76 -5.37 8.97 9.59
C SER A 76 -4.04 8.73 8.87
N GLU A 77 -3.28 9.78 8.60
CA GLU A 77 -1.91 9.68 8.05
C GLU A 77 -0.96 8.82 8.87
N GLU A 78 -1.28 8.53 10.13
CA GLU A 78 -0.60 7.54 10.96
C GLU A 78 -0.30 6.25 10.18
N ILE A 79 -1.32 5.67 9.51
CA ILE A 79 -1.25 4.38 8.80
C ILE A 79 -0.50 4.51 7.46
N LEU A 80 -0.63 5.67 6.83
CA LEU A 80 0.12 6.06 5.64
C LEU A 80 1.63 6.06 5.93
N VAL A 81 2.04 6.82 6.96
CA VAL A 81 3.43 7.07 7.31
C VAL A 81 4.07 5.80 7.80
N GLU A 82 3.29 5.02 8.56
CA GLU A 82 3.62 3.68 8.91
C GLU A 82 4.06 2.90 7.67
N ALA A 83 3.15 2.63 6.72
CA ALA A 83 3.50 1.90 5.48
C ALA A 83 4.72 2.48 4.72
N LEU A 84 4.83 3.82 4.65
CA LEU A 84 5.96 4.53 4.01
C LEU A 84 7.29 4.25 4.70
N GLU A 85 7.25 3.86 5.97
CA GLU A 85 8.41 3.38 6.69
C GLU A 85 8.48 1.86 6.91
N ARG A 86 7.40 1.10 6.67
CA ARG A 86 7.26 -0.29 7.07
C ARG A 86 7.28 -1.25 5.89
N LEU A 87 6.84 -0.78 4.72
CA LEU A 87 6.67 -1.51 3.49
C LEU A 87 7.50 -0.92 2.34
N ASN A 88 8.26 0.16 2.58
CA ASN A 88 9.01 0.80 1.51
C ASN A 88 10.28 0.01 1.13
N ASN A 89 10.18 -0.72 0.02
CA ASN A 89 11.20 -1.60 -0.55
C ASN A 89 11.49 -2.80 0.38
N ILE A 90 10.41 -3.54 0.68
CA ILE A 90 10.38 -4.77 1.51
C ILE A 90 10.06 -5.97 0.65
N GLU A 91 10.59 -7.13 1.05
CA GLU A 91 10.22 -8.40 0.47
C GLU A 91 8.91 -8.95 1.06
N PHE A 92 8.01 -9.21 0.13
CA PHE A 92 6.61 -9.60 0.25
C PHE A 92 6.42 -11.08 -0.06
N ARG A 93 6.61 -11.95 0.95
CA ARG A 93 6.50 -13.42 0.86
C ARG A 93 7.21 -14.07 -0.35
N GLY A 94 8.21 -13.39 -0.94
CA GLY A 94 8.91 -13.79 -2.17
C GLY A 94 8.88 -12.77 -3.32
N SER A 95 8.05 -11.71 -3.27
CA SER A 95 8.09 -10.57 -4.17
C SER A 95 8.75 -9.43 -3.39
N VAL A 96 8.78 -8.22 -3.90
CA VAL A 96 9.15 -7.03 -3.09
C VAL A 96 8.31 -5.85 -3.59
N ILE A 97 7.97 -4.92 -2.70
CA ILE A 97 7.20 -3.70 -3.00
C ILE A 97 7.90 -2.47 -2.44
N THR A 98 7.76 -1.36 -3.15
CA THR A 98 8.14 0.01 -2.80
C THR A 98 6.83 0.77 -2.62
N VAL A 99 6.77 1.69 -1.65
CA VAL A 99 5.49 2.30 -1.28
C VAL A 99 5.64 3.78 -0.97
N GLU A 100 4.58 4.51 -1.23
CA GLU A 100 4.58 5.97 -1.19
C GLU A 100 3.15 6.53 -1.20
N ARG A 101 3.00 7.79 -0.81
CA ARG A 101 1.75 8.52 -1.01
C ARG A 101 1.39 8.62 -2.50
N ASP A 102 0.12 8.85 -2.79
CA ASP A 102 -0.41 9.01 -4.16
C ASP A 102 -1.23 10.30 -4.35
N ASP A 103 -1.51 11.01 -3.24
CA ASP A 103 -2.34 12.23 -3.18
C ASP A 103 -1.85 13.28 -2.15
N ASN A 104 -0.58 13.18 -1.73
CA ASN A 104 0.09 14.05 -0.74
C ASN A 104 1.54 14.42 -1.17
N PRO A 25 -11.17 12.73 8.55
CA PRO A 25 -11.65 13.13 9.88
C PRO A 25 -10.56 13.86 10.70
N ALA A 26 -10.09 13.32 11.84
CA ALA A 26 -8.89 13.82 12.55
C ALA A 26 -7.68 13.89 11.59
N LYS A 27 -7.60 12.84 10.77
CA LYS A 27 -6.82 12.69 9.54
C LYS A 27 -7.65 11.87 8.57
N ARG A 28 -7.12 11.81 7.37
CA ARG A 28 -7.37 10.88 6.27
C ARG A 28 -6.46 11.29 5.13
N TYR A 29 -5.77 10.30 4.61
CA TYR A 29 -4.69 10.38 3.65
C TYR A 29 -4.91 9.27 2.63
N ARG A 30 -4.11 9.26 1.58
CA ARG A 30 -4.05 8.17 0.64
C ARG A 30 -2.58 7.92 0.29
N ILE A 31 -2.14 6.67 0.33
CA ILE A 31 -0.80 6.25 -0.13
C ILE A 31 -0.93 5.37 -1.35
N THR A 32 0.10 5.35 -2.17
CA THR A 32 0.26 4.50 -3.35
C THR A 32 1.27 3.42 -3.05
N MET A 33 1.15 2.30 -3.77
CA MET A 33 2.02 1.16 -3.72
C MET A 33 2.27 0.59 -5.11
N LYS A 34 3.54 0.39 -5.43
CA LYS A 34 3.94 -0.29 -6.67
C LYS A 34 5.38 -0.66 -6.71
N ASN A 35 5.68 -1.47 -7.73
CA ASN A 35 6.98 -1.61 -8.34
C ASN A 35 6.88 -2.64 -9.51
N LEU A 36 7.93 -2.77 -10.32
CA LEU A 36 7.95 -3.58 -11.55
C LEU A 36 7.44 -5.03 -11.45
N PRO A 37 7.76 -5.85 -10.42
CA PRO A 37 7.40 -7.27 -10.41
C PRO A 37 5.92 -7.57 -10.07
N GLU A 38 5.19 -6.64 -9.44
CA GLU A 38 3.80 -6.87 -9.04
C GLU A 38 2.78 -6.89 -10.20
N GLY A 39 1.60 -7.42 -9.86
CA GLY A 39 0.33 -7.38 -10.57
C GLY A 39 -0.78 -7.64 -9.56
N CYS A 40 -0.61 -7.06 -8.37
CA CYS A 40 -1.36 -7.33 -7.14
C CYS A 40 -2.88 -7.08 -7.19
N SER A 41 -3.56 -7.70 -6.24
CA SER A 41 -4.99 -7.49 -5.91
C SER A 41 -5.12 -6.96 -4.48
N TRP A 42 -6.28 -6.42 -4.09
CA TRP A 42 -6.45 -5.97 -2.71
C TRP A 42 -6.21 -7.09 -1.72
N GLN A 43 -6.76 -8.28 -1.99
CA GLN A 43 -6.53 -9.44 -1.16
C GLN A 43 -5.06 -9.82 -1.00
N ASP A 44 -4.23 -9.56 -2.00
CA ASP A 44 -2.81 -9.84 -1.95
C ASP A 44 -2.07 -8.80 -1.09
N LEU A 45 -2.40 -7.53 -1.28
CA LEU A 45 -1.81 -6.43 -0.54
C LEU A 45 -2.27 -6.35 0.91
N LYS A 46 -3.51 -6.73 1.21
CA LYS A 46 -4.03 -6.98 2.55
C LYS A 46 -3.20 -8.07 3.19
N ASP A 47 -3.01 -9.19 2.48
CA ASP A 47 -2.16 -10.27 2.98
C ASP A 47 -0.79 -9.78 3.35
N LEU A 48 -0.08 -9.13 2.42
CA LEU A 48 1.22 -8.53 2.72
C LEU A 48 1.13 -7.61 3.92
N ALA A 49 0.18 -6.68 3.93
CA ALA A 49 0.11 -5.70 4.99
C ALA A 49 0.10 -6.35 6.38
N ARG A 50 -0.68 -7.42 6.56
CA ARG A 50 -0.69 -8.19 7.82
C ARG A 50 0.64 -8.92 8.07
N GLU A 51 1.26 -9.39 7.00
CA GLU A 51 2.66 -9.89 7.05
C GLU A 51 3.65 -8.91 7.66
N ASN A 52 3.44 -7.64 7.37
CA ASN A 52 4.39 -6.56 7.57
C ASN A 52 4.18 -5.71 8.84
N SER A 53 2.93 -5.53 9.27
CA SER A 53 2.39 -4.90 10.50
C SER A 53 1.20 -3.96 10.20
N LEU A 54 0.90 -3.73 8.92
CA LEU A 54 -0.18 -2.87 8.45
C LEU A 54 -1.55 -3.54 8.48
N GLU A 55 -2.49 -2.62 8.36
CA GLU A 55 -3.90 -2.68 8.11
C GLU A 55 -4.35 -1.22 7.88
N THR A 56 -5.38 -0.97 7.08
CA THR A 56 -6.00 0.37 6.97
C THR A 56 -7.54 0.22 6.88
N THR A 57 -8.26 1.23 6.39
CA THR A 57 -9.68 1.12 6.05
C THR A 57 -9.85 0.33 4.75
N PHE A 58 -9.00 0.60 3.76
CA PHE A 58 -9.15 0.15 2.38
C PHE A 58 -7.96 0.49 1.48
N SER A 59 -7.90 -0.13 0.29
CA SER A 59 -7.00 0.24 -0.80
C SER A 59 -7.68 0.16 -2.17
N SER A 60 -7.34 1.10 -3.04
CA SER A 60 -7.64 1.10 -4.47
C SER A 60 -6.65 0.15 -5.17
N VAL A 61 -7.13 -1.04 -5.57
CA VAL A 61 -6.39 -2.07 -6.34
C VAL A 61 -7.34 -2.69 -7.37
N ASN A 62 -6.87 -3.66 -8.17
CA ASN A 62 -7.60 -4.37 -9.23
C ASN A 62 -7.89 -3.50 -10.48
N THR A 63 -7.98 -2.18 -10.31
CA THR A 63 -8.00 -1.17 -11.39
C THR A 63 -6.71 -1.24 -12.20
N ARG A 64 -6.78 -1.14 -13.54
CA ARG A 64 -5.60 -1.24 -14.42
C ARG A 64 -4.62 -0.08 -14.19
N ASP A 65 -3.33 -0.40 -14.26
CA ASP A 65 -2.18 0.52 -14.20
C ASP A 65 -1.10 0.00 -15.16
N PHE A 66 0.20 0.13 -14.84
CA PHE A 66 1.29 -0.54 -15.56
C PHE A 66 1.01 -2.07 -15.67
N ASP A 67 0.46 -2.67 -14.60
CA ASP A 67 -0.12 -4.02 -14.58
C ASP A 67 -1.02 -4.22 -13.34
N GLY A 68 -0.51 -3.86 -12.16
CA GLY A 68 -1.29 -3.77 -10.92
C GLY A 68 -0.51 -3.10 -9.79
N THR A 69 -1.12 -2.05 -9.25
CA THR A 69 -0.65 -1.17 -8.16
C THR A 69 -1.77 -1.04 -7.11
N GLY A 70 -1.41 -0.79 -5.85
CA GLY A 70 -2.35 -0.49 -4.78
C GLY A 70 -2.34 0.97 -4.38
N ALA A 71 -3.37 1.43 -3.69
CA ALA A 71 -3.37 2.74 -3.05
C ALA A 71 -4.30 2.80 -1.81
N LEU A 72 -3.71 2.63 -0.62
CA LEU A 72 -4.36 2.51 0.68
C LEU A 72 -4.89 3.88 1.18
N GLU A 73 -5.79 3.84 2.16
CA GLU A 73 -6.26 5.03 2.93
C GLU A 73 -6.63 4.67 4.40
N PHE A 74 -6.27 5.53 5.37
CA PHE A 74 -6.69 5.43 6.78
C PHE A 74 -7.00 6.81 7.41
N PRO A 75 -7.88 6.93 8.44
CA PRO A 75 -8.10 8.17 9.19
C PRO A 75 -7.04 8.60 10.23
N SER A 76 -5.84 8.01 10.28
CA SER A 76 -4.72 8.49 11.12
C SER A 76 -3.37 8.34 10.41
N GLU A 77 -2.65 9.45 10.24
CA GLU A 77 -1.31 9.47 9.62
C GLU A 77 -0.29 8.52 10.27
N GLU A 78 -0.56 8.04 11.48
CA GLU A 78 0.16 6.96 12.14
C GLU A 78 0.37 5.76 11.19
N ILE A 79 -0.71 5.28 10.56
CA ILE A 79 -0.73 4.10 9.68
C ILE A 79 -0.06 4.40 8.33
N LEU A 80 -0.17 5.65 7.86
CA LEU A 80 0.52 6.14 6.68
C LEU A 80 2.04 6.04 6.87
N VAL A 81 2.55 6.62 7.96
CA VAL A 81 3.99 6.74 8.25
C VAL A 81 4.59 5.38 8.52
N GLU A 82 3.81 4.53 9.18
CA GLU A 82 4.08 3.13 9.29
C GLU A 82 4.36 2.55 7.89
N ALA A 83 3.38 2.41 7.00
CA ALA A 83 3.60 1.83 5.66
C ALA A 83 4.76 2.48 4.87
N LEU A 84 4.96 3.78 4.98
CA LEU A 84 6.05 4.52 4.32
C LEU A 84 7.42 4.13 4.87
N GLU A 85 7.47 3.65 6.11
CA GLU A 85 8.67 3.10 6.72
C GLU A 85 8.69 1.56 6.77
N ARG A 86 7.59 0.86 6.45
CA ARG A 86 7.40 -0.59 6.68
C ARG A 86 7.28 -1.35 5.38
N LEU A 87 6.63 -0.75 4.39
CA LEU A 87 6.32 -1.31 3.09
C LEU A 87 7.12 -0.64 1.96
N ASN A 88 7.98 0.32 2.27
CA ASN A 88 8.75 1.04 1.27
C ASN A 88 10.03 0.28 0.86
N ASN A 89 10.02 -0.20 -0.39
CA ASN A 89 11.07 -1.01 -1.02
C ASN A 89 11.36 -2.31 -0.25
N ILE A 90 10.30 -3.05 0.09
CA ILE A 90 10.33 -4.33 0.82
C ILE A 90 9.85 -5.47 -0.07
N GLU A 91 10.51 -6.61 0.06
CA GLU A 91 10.18 -7.81 -0.70
C GLU A 91 8.86 -8.43 -0.23
N PHE A 92 7.94 -8.45 -1.18
CA PHE A 92 6.56 -8.87 -1.05
C PHE A 92 6.43 -10.37 -1.31
N ARG A 93 6.76 -11.20 -0.31
CA ARG A 93 6.69 -12.67 -0.36
C ARG A 93 7.30 -13.32 -1.63
N GLY A 94 8.23 -12.63 -2.28
CA GLY A 94 8.81 -12.99 -3.58
C GLY A 94 8.85 -11.88 -4.64
N SER A 95 8.05 -10.80 -4.51
CA SER A 95 8.14 -9.60 -5.34
C SER A 95 8.80 -8.49 -4.50
N VAL A 96 8.60 -7.19 -4.77
CA VAL A 96 9.01 -6.09 -3.87
C VAL A 96 8.24 -4.84 -4.28
N ILE A 97 7.64 -4.14 -3.32
CA ILE A 97 6.88 -2.89 -3.53
C ILE A 97 7.58 -1.68 -2.93
N THR A 98 7.28 -0.51 -3.48
CA THR A 98 7.68 0.82 -3.01
C THR A 98 6.41 1.61 -2.75
N VAL A 99 6.37 2.38 -1.66
CA VAL A 99 5.13 3.01 -1.19
C VAL A 99 5.35 4.42 -0.67
N GLU A 100 4.32 5.24 -0.82
CA GLU A 100 4.43 6.70 -0.57
C GLU A 100 3.10 7.41 -0.47
N ARG A 101 3.09 8.52 0.28
CA ARG A 101 2.01 9.51 0.32
C ARG A 101 1.65 10.00 -1.08
N ASP A 102 0.36 10.07 -1.37
CA ASP A 102 -0.21 10.31 -2.70
C ASP A 102 -1.18 11.51 -2.76
N ASP A 103 -1.65 12.01 -1.61
CA ASP A 103 -2.54 13.19 -1.52
C ASP A 103 -2.21 14.15 -0.35
N ASN A 104 -1.22 13.82 0.50
CA ASN A 104 -0.88 14.54 1.74
C ASN A 104 0.62 14.50 2.05
N PRO A 25 -10.62 12.07 9.68
CA PRO A 25 -10.44 12.56 11.07
C PRO A 25 -9.28 13.55 11.21
N ALA A 26 -8.20 13.18 11.93
CA ALA A 26 -6.94 13.94 11.95
C ALA A 26 -6.35 14.09 10.52
N LYS A 27 -6.61 13.08 9.68
CA LYS A 27 -6.23 12.94 8.27
C LYS A 27 -7.24 12.12 7.49
N ARG A 28 -7.01 12.09 6.19
CA ARG A 28 -7.57 11.19 5.16
C ARG A 28 -6.59 11.15 3.97
N TYR A 29 -5.32 10.90 4.27
CA TYR A 29 -4.25 10.78 3.27
C TYR A 29 -4.52 9.68 2.26
N ARG A 30 -3.76 9.66 1.16
CA ARG A 30 -3.82 8.59 0.18
C ARG A 30 -2.42 8.30 -0.39
N ILE A 31 -1.89 7.11 -0.12
CA ILE A 31 -0.60 6.64 -0.67
C ILE A 31 -0.78 5.84 -1.94
N THR A 32 0.31 5.71 -2.69
CA THR A 32 0.50 4.85 -3.87
C THR A 32 1.52 3.77 -3.53
N MET A 33 1.33 2.59 -4.13
CA MET A 33 2.19 1.42 -3.96
C MET A 33 2.40 0.63 -5.25
N LYS A 34 3.65 0.55 -5.73
CA LYS A 34 4.02 -0.16 -6.95
C LYS A 34 5.47 -0.53 -7.02
N ASN A 35 5.79 -1.42 -7.97
CA ASN A 35 7.13 -1.47 -8.55
C ASN A 35 7.29 -2.48 -9.70
N LEU A 36 7.22 -3.78 -9.43
CA LEU A 36 7.34 -4.80 -10.48
C LEU A 36 6.03 -4.91 -11.30
N PRO A 37 6.11 -5.29 -12.59
CA PRO A 37 4.96 -5.66 -13.44
C PRO A 37 4.07 -6.79 -12.88
N GLU A 38 3.23 -6.45 -11.90
CA GLU A 38 2.44 -7.44 -11.15
C GLU A 38 0.94 -7.23 -11.11
N GLY A 39 0.50 -6.01 -11.42
CA GLY A 39 -0.89 -5.67 -11.54
C GLY A 39 -1.77 -6.23 -10.43
N CYS A 40 -1.31 -6.03 -9.19
CA CYS A 40 -1.84 -6.57 -7.93
C CYS A 40 -3.37 -6.48 -7.78
N SER A 41 -3.91 -7.17 -6.79
CA SER A 41 -5.31 -7.05 -6.35
C SER A 41 -5.40 -6.53 -4.93
N TRP A 42 -6.57 -5.98 -4.54
CA TRP A 42 -6.74 -5.52 -3.16
C TRP A 42 -6.52 -6.63 -2.16
N GLN A 43 -7.04 -7.84 -2.40
CA GLN A 43 -6.85 -8.92 -1.45
C GLN A 43 -5.39 -9.29 -1.19
N ASP A 44 -4.55 -9.14 -2.21
CA ASP A 44 -3.12 -9.41 -2.18
C ASP A 44 -2.37 -8.34 -1.40
N LEU A 45 -2.65 -7.08 -1.73
CA LEU A 45 -2.04 -5.94 -1.07
C LEU A 45 -2.48 -5.78 0.38
N LYS A 46 -3.73 -6.10 0.68
CA LYS A 46 -4.32 -6.25 2.01
C LYS A 46 -3.48 -7.26 2.74
N ASP A 47 -3.35 -8.46 2.18
CA ASP A 47 -2.55 -9.52 2.78
C ASP A 47 -1.15 -9.06 3.15
N LEU A 48 -0.38 -8.50 2.20
CA LEU A 48 0.93 -7.95 2.54
C LEU A 48 0.83 -6.95 3.69
N ALA A 49 -0.08 -5.98 3.61
CA ALA A 49 -0.25 -5.00 4.66
C ALA A 49 -0.43 -5.63 6.05
N ARG A 50 -1.19 -6.73 6.16
CA ARG A 50 -1.35 -7.48 7.42
C ARG A 50 -0.08 -8.26 7.80
N GLU A 51 0.72 -8.67 6.81
CA GLU A 51 2.09 -9.22 7.00
C GLU A 51 3.06 -8.24 7.62
N ASN A 52 2.81 -6.97 7.34
CA ASN A 52 3.79 -5.90 7.52
C ASN A 52 3.60 -4.98 8.73
N SER A 53 2.36 -4.54 9.03
CA SER A 53 1.97 -3.59 10.11
C SER A 53 0.65 -2.87 9.81
N LEU A 54 0.28 -2.76 8.53
CA LEU A 54 -0.82 -1.92 8.09
C LEU A 54 -2.17 -2.54 8.44
N GLU A 55 -3.09 -1.62 8.67
CA GLU A 55 -4.50 -1.82 9.00
C GLU A 55 -5.29 -0.60 8.52
N THR A 56 -5.08 -0.28 7.25
CA THR A 56 -5.67 0.85 6.56
C THR A 56 -7.20 0.71 6.40
N THR A 57 -7.88 1.76 5.93
CA THR A 57 -9.32 1.71 5.65
C THR A 57 -9.59 0.85 4.42
N PHE A 58 -8.83 1.13 3.36
CA PHE A 58 -9.08 0.63 2.01
C PHE A 58 -7.93 0.94 1.06
N SER A 59 -7.99 0.37 -0.14
CA SER A 59 -7.13 0.73 -1.28
C SER A 59 -7.85 0.59 -2.61
N SER A 60 -7.48 1.46 -3.56
CA SER A 60 -7.81 1.28 -4.98
C SER A 60 -6.74 0.36 -5.58
N VAL A 61 -7.17 -0.75 -6.18
CA VAL A 61 -6.33 -1.67 -6.96
C VAL A 61 -7.18 -2.20 -8.15
N ASN A 62 -6.59 -2.98 -9.06
CA ASN A 62 -7.24 -3.48 -10.31
C ASN A 62 -7.77 -2.40 -11.29
N THR A 63 -7.55 -1.12 -11.01
CA THR A 63 -7.80 0.02 -11.94
C THR A 63 -6.86 0.02 -13.17
N ARG A 64 -5.93 -0.95 -13.24
CA ARG A 64 -5.06 -1.32 -14.39
C ARG A 64 -4.06 -0.26 -14.87
N ASP A 65 -3.84 0.74 -14.01
CA ASP A 65 -2.85 1.84 -13.89
C ASP A 65 -1.63 1.93 -14.84
N PHE A 66 -1.05 0.77 -15.12
CA PHE A 66 0.09 0.45 -16.00
C PHE A 66 -0.03 -1.06 -16.33
N ASP A 67 -0.40 -1.79 -15.27
CA ASP A 67 -0.90 -3.16 -15.15
C ASP A 67 -1.64 -3.19 -13.79
N GLY A 68 -1.14 -2.45 -12.80
CA GLY A 68 -1.85 -2.13 -11.56
C GLY A 68 -0.94 -1.85 -10.37
N THR A 69 -1.21 -0.73 -9.71
CA THR A 69 -0.64 -0.28 -8.44
C THR A 69 -1.73 -0.36 -7.35
N GLY A 70 -1.33 -0.27 -6.09
CA GLY A 70 -2.24 -0.06 -4.97
C GLY A 70 -2.30 1.42 -4.62
N ALA A 71 -3.40 1.86 -4.02
CA ALA A 71 -3.51 3.21 -3.51
C ALA A 71 -4.38 3.27 -2.25
N LEU A 72 -3.72 3.24 -1.09
CA LEU A 72 -4.32 3.03 0.23
C LEU A 72 -4.77 4.36 0.86
N GLU A 73 -5.65 4.30 1.86
CA GLU A 73 -6.06 5.46 2.69
C GLU A 73 -6.20 5.12 4.20
N PHE A 74 -5.97 6.11 5.08
CA PHE A 74 -6.36 6.00 6.51
C PHE A 74 -6.78 7.36 7.13
N PRO A 75 -7.62 7.34 8.19
CA PRO A 75 -7.91 8.51 9.03
C PRO A 75 -6.72 9.10 9.84
N SER A 76 -5.54 8.47 9.86
CA SER A 76 -4.35 9.00 10.54
C SER A 76 -3.07 8.75 9.77
N GLU A 77 -2.26 9.80 9.58
CA GLU A 77 -0.93 9.70 8.97
C GLU A 77 0.05 8.75 9.69
N GLU A 78 -0.29 8.28 10.88
CA GLU A 78 0.40 7.17 11.56
C GLU A 78 0.60 5.98 10.59
N ILE A 79 -0.49 5.54 9.93
CA ILE A 79 -0.52 4.39 9.02
C ILE A 79 0.16 4.72 7.68
N LEU A 80 0.14 5.98 7.26
CA LEU A 80 0.89 6.49 6.11
C LEU A 80 2.39 6.33 6.34
N VAL A 81 2.90 6.86 7.46
CA VAL A 81 4.33 6.94 7.77
C VAL A 81 4.88 5.56 8.01
N GLU A 82 4.08 4.72 8.66
CA GLU A 82 4.30 3.32 8.74
C GLU A 82 4.55 2.78 7.32
N ALA A 83 3.57 2.74 6.42
CA ALA A 83 3.75 2.19 5.06
C ALA A 83 4.98 2.75 4.33
N LEU A 84 5.24 4.05 4.44
CA LEU A 84 6.38 4.74 3.83
C LEU A 84 7.73 4.30 4.41
N GLU A 85 7.72 3.71 5.60
CA GLU A 85 8.86 3.04 6.19
C GLU A 85 8.76 1.50 6.25
N ARG A 86 7.61 0.88 5.89
CA ARG A 86 7.30 -0.54 6.13
C ARG A 86 7.12 -1.29 4.82
N LEU A 87 6.43 -0.67 3.88
CA LEU A 87 6.11 -1.19 2.57
C LEU A 87 7.02 -0.59 1.48
N ASN A 88 8.02 0.22 1.86
CA ASN A 88 8.84 0.96 0.92
C ASN A 88 10.12 0.23 0.48
N ASN A 89 10.12 -0.17 -0.79
CA ASN A 89 11.16 -0.94 -1.48
C ASN A 89 11.47 -2.28 -0.76
N ILE A 90 10.39 -3.04 -0.54
CA ILE A 90 10.33 -4.31 0.20
C ILE A 90 9.71 -5.41 -0.65
N GLU A 91 10.29 -6.60 -0.53
CA GLU A 91 9.88 -7.77 -1.26
C GLU A 91 8.56 -8.34 -0.75
N PHE A 92 7.65 -8.45 -1.72
CA PHE A 92 6.25 -8.80 -1.60
C PHE A 92 5.99 -10.21 -2.13
N ARG A 93 6.09 -11.25 -1.30
CA ARG A 93 5.88 -12.67 -1.65
C ARG A 93 6.60 -13.15 -2.93
N GLY A 94 7.67 -12.47 -3.36
CA GLY A 94 8.39 -12.69 -4.61
C GLY A 94 8.39 -11.50 -5.59
N SER A 95 7.56 -10.46 -5.39
CA SER A 95 7.59 -9.19 -6.08
C SER A 95 8.37 -8.23 -5.16
N VAL A 96 8.38 -6.94 -5.43
CA VAL A 96 8.81 -5.91 -4.47
C VAL A 96 7.99 -4.67 -4.80
N ILE A 97 7.61 -3.87 -3.80
CA ILE A 97 6.86 -2.63 -3.94
C ILE A 97 7.63 -1.46 -3.33
N THR A 98 7.42 -0.28 -3.88
CA THR A 98 7.88 1.04 -3.42
C THR A 98 6.63 1.88 -3.18
N VAL A 99 6.61 2.66 -2.11
CA VAL A 99 5.38 3.32 -1.64
C VAL A 99 5.62 4.73 -1.14
N GLU A 100 4.61 5.57 -1.33
CA GLU A 100 4.73 7.01 -1.07
C GLU A 100 3.39 7.73 -0.96
N ARG A 101 3.42 8.86 -0.24
CA ARG A 101 2.35 9.86 -0.19
C ARG A 101 2.06 10.40 -1.59
N ASP A 102 0.78 10.53 -1.93
CA ASP A 102 0.33 10.89 -3.28
C ASP A 102 -0.61 12.12 -3.33
N ASP A 103 -1.08 12.59 -2.17
CA ASP A 103 -2.03 13.70 -2.04
C ASP A 103 -1.65 14.76 -0.96
N ASN A 104 -0.74 14.43 -0.04
CA ASN A 104 -0.27 15.31 1.05
C ASN A 104 1.19 15.13 1.44
N PRO A 25 -10.99 11.40 8.01
CA PRO A 25 -11.63 11.82 9.27
C PRO A 25 -10.71 12.68 10.16
N ALA A 26 -10.13 12.14 11.26
CA ALA A 26 -9.07 12.80 12.05
C ALA A 26 -7.88 13.20 11.15
N LYS A 27 -7.55 12.29 10.22
CA LYS A 27 -6.72 12.46 9.04
C LYS A 27 -7.38 11.68 7.92
N ARG A 28 -6.99 11.98 6.70
CA ARG A 28 -7.20 11.13 5.54
C ARG A 28 -6.06 11.39 4.59
N TYR A 29 -5.62 10.32 3.96
CA TYR A 29 -4.43 10.26 3.15
C TYR A 29 -4.60 9.13 2.15
N ARG A 30 -3.73 9.07 1.16
CA ARG A 30 -3.67 7.96 0.24
C ARG A 30 -2.22 7.69 -0.13
N ILE A 31 -1.80 6.43 -0.02
CA ILE A 31 -0.43 5.97 -0.35
C ILE A 31 -0.44 5.05 -1.55
N THR A 32 0.68 4.99 -2.26
CA THR A 32 1.06 4.05 -3.32
C THR A 32 1.88 2.93 -2.68
N MET A 33 1.62 1.72 -3.17
CA MET A 33 2.40 0.52 -2.89
C MET A 33 2.59 -0.21 -4.21
N LYS A 34 3.85 -0.21 -4.64
CA LYS A 34 4.22 -0.46 -6.02
C LYS A 34 5.68 -0.80 -6.15
N ASN A 35 6.03 -1.45 -7.23
CA ASN A 35 7.40 -1.54 -7.73
C ASN A 35 7.40 -2.45 -8.99
N LEU A 36 8.30 -2.21 -9.95
CA LEU A 36 8.25 -2.83 -11.31
C LEU A 36 8.05 -4.37 -11.37
N PRO A 37 8.76 -5.22 -10.61
CA PRO A 37 8.56 -6.68 -10.60
C PRO A 37 7.29 -7.19 -9.85
N GLU A 38 6.34 -6.32 -9.46
CA GLU A 38 5.06 -6.73 -8.83
C GLU A 38 3.86 -6.04 -9.45
N GLY A 39 2.78 -6.79 -9.60
CA GLY A 39 1.47 -6.32 -10.11
C GLY A 39 0.36 -6.41 -9.06
N CYS A 40 0.53 -7.31 -8.07
CA CYS A 40 -0.34 -7.62 -6.93
C CYS A 40 -1.87 -7.68 -7.24
N SER A 41 -2.70 -7.62 -6.18
CA SER A 41 -4.17 -7.46 -6.19
C SER A 41 -4.59 -6.93 -4.80
N TRP A 42 -5.83 -6.45 -4.59
CA TRP A 42 -6.20 -5.98 -3.24
C TRP A 42 -6.12 -7.09 -2.21
N GLN A 43 -6.63 -8.28 -2.52
CA GLN A 43 -6.55 -9.41 -1.60
C GLN A 43 -5.11 -9.76 -1.20
N ASP A 44 -4.14 -9.57 -2.11
CA ASP A 44 -2.72 -9.82 -1.93
C ASP A 44 -2.16 -8.82 -0.93
N LEU A 45 -2.43 -7.55 -1.24
CA LEU A 45 -1.86 -6.44 -0.53
C LEU A 45 -2.45 -6.34 0.86
N LYS A 46 -3.76 -6.60 0.99
CA LYS A 46 -4.49 -6.73 2.24
C LYS A 46 -3.88 -7.80 3.10
N ASP A 47 -3.59 -8.97 2.51
CA ASP A 47 -2.93 -10.03 3.22
C ASP A 47 -1.63 -9.54 3.84
N LEU A 48 -0.65 -9.16 3.00
CA LEU A 48 0.63 -8.69 3.48
C LEU A 48 0.45 -7.58 4.52
N ALA A 49 -0.40 -6.60 4.25
CA ALA A 49 -0.60 -5.48 5.14
C ALA A 49 -1.03 -5.89 6.56
N ARG A 50 -1.92 -6.88 6.68
CA ARG A 50 -2.29 -7.42 8.01
C ARG A 50 -1.10 -8.11 8.64
N GLU A 51 -0.36 -8.84 7.82
CA GLU A 51 0.96 -9.40 8.19
C GLU A 51 1.97 -8.39 8.74
N ASN A 52 1.84 -7.14 8.32
CA ASN A 52 2.83 -6.10 8.50
C ASN A 52 2.43 -4.96 9.47
N SER A 53 1.15 -4.91 9.87
CA SER A 53 0.53 -4.05 10.90
C SER A 53 -0.21 -2.84 10.28
N LEU A 54 -0.34 -2.84 8.95
CA LEU A 54 -1.03 -1.80 8.17
C LEU A 54 -2.54 -1.84 8.40
N GLU A 55 -3.16 -3.00 8.20
CA GLU A 55 -4.59 -3.26 8.10
C GLU A 55 -5.36 -2.42 7.07
N THR A 56 -5.32 -1.12 7.28
CA THR A 56 -5.99 -0.01 6.60
C THR A 56 -7.51 -0.17 6.44
N THR A 57 -8.17 0.80 5.81
CA THR A 57 -9.60 0.73 5.46
C THR A 57 -9.79 0.01 4.13
N PHE A 58 -8.94 0.34 3.15
CA PHE A 58 -9.12 -0.02 1.75
C PHE A 58 -7.90 0.35 0.90
N SER A 59 -7.85 -0.20 -0.32
CA SER A 59 -6.92 0.21 -1.37
C SER A 59 -7.53 0.09 -2.76
N SER A 60 -7.12 1.00 -3.64
CA SER A 60 -7.36 0.96 -5.08
C SER A 60 -6.32 0.02 -5.72
N VAL A 61 -6.75 -1.15 -6.21
CA VAL A 61 -5.90 -2.16 -6.91
C VAL A 61 -6.68 -2.78 -8.07
N ASN A 62 -6.00 -3.55 -8.92
CA ASN A 62 -6.48 -4.21 -10.16
C ASN A 62 -6.79 -3.21 -11.29
N THR A 63 -7.14 -1.96 -10.95
CA THR A 63 -7.18 -0.81 -11.85
C THR A 63 -5.77 -0.58 -12.41
N ARG A 64 -5.60 -0.74 -13.73
CA ARG A 64 -4.27 -0.79 -14.38
C ARG A 64 -3.43 0.46 -14.12
N ASP A 65 -2.12 0.25 -13.99
CA ASP A 65 -1.09 1.27 -13.74
C ASP A 65 0.03 1.07 -14.80
N PHE A 66 1.31 1.17 -14.43
CA PHE A 66 2.42 0.70 -15.27
C PHE A 66 2.17 -0.79 -15.63
N ASP A 67 1.57 -1.53 -14.68
CA ASP A 67 0.95 -2.84 -14.87
C ASP A 67 -0.07 -3.01 -13.74
N GLY A 68 0.39 -3.01 -12.48
CA GLY A 68 -0.44 -2.94 -11.29
C GLY A 68 0.33 -2.44 -10.08
N THR A 69 -0.32 -1.54 -9.37
CA THR A 69 0.03 -1.01 -8.05
C THR A 69 -1.23 -1.00 -7.19
N GLY A 70 -1.04 -0.97 -5.87
CA GLY A 70 -2.11 -0.69 -4.95
C GLY A 70 -1.97 0.73 -4.42
N ALA A 71 -3.08 1.31 -3.98
CA ALA A 71 -3.06 2.61 -3.33
C ALA A 71 -4.08 2.70 -2.17
N LEU A 72 -3.57 2.60 -0.95
CA LEU A 72 -4.32 2.45 0.31
C LEU A 72 -4.81 3.79 0.86
N GLU A 73 -5.76 3.77 1.80
CA GLU A 73 -6.19 4.94 2.60
C GLU A 73 -6.51 4.58 4.08
N PHE A 74 -6.33 5.52 5.03
CA PHE A 74 -6.81 5.38 6.42
C PHE A 74 -7.26 6.70 7.09
N PRO A 75 -8.20 6.65 8.07
CA PRO A 75 -8.57 7.74 8.99
C PRO A 75 -7.46 8.38 9.85
N SER A 76 -6.22 7.86 9.87
CA SER A 76 -5.11 8.39 10.70
C SER A 76 -3.76 8.23 10.02
N GLU A 77 -2.97 9.30 9.91
CA GLU A 77 -1.60 9.26 9.40
C GLU A 77 -0.67 8.26 10.12
N GLU A 78 -1.06 7.80 11.31
CA GLU A 78 -0.41 6.68 12.01
C GLU A 78 -0.12 5.51 11.06
N ILE A 79 -1.15 5.05 10.33
CA ILE A 79 -1.08 3.87 9.44
C ILE A 79 -0.28 4.16 8.16
N LEU A 80 -0.34 5.41 7.71
CA LEU A 80 0.46 5.93 6.60
C LEU A 80 1.96 5.83 6.93
N VAL A 81 2.34 6.40 8.08
CA VAL A 81 3.75 6.56 8.49
C VAL A 81 4.35 5.23 8.82
N GLU A 82 3.55 4.37 9.45
CA GLU A 82 3.83 2.98 9.60
C GLU A 82 4.25 2.42 8.23
N ALA A 83 3.34 2.30 7.25
CA ALA A 83 3.68 1.73 5.92
C ALA A 83 4.95 2.32 5.28
N LEU A 84 5.11 3.63 5.36
CA LEU A 84 6.26 4.35 4.80
C LEU A 84 7.58 3.97 5.49
N GLU A 85 7.49 3.47 6.71
CA GLU A 85 8.60 2.85 7.42
C GLU A 85 8.55 1.29 7.53
N ARG A 86 7.46 0.62 7.10
CA ARG A 86 7.18 -0.80 7.38
C ARG A 86 7.18 -1.65 6.13
N LEU A 87 6.84 -1.05 4.99
CA LEU A 87 6.71 -1.68 3.70
C LEU A 87 7.56 -1.00 2.62
N ASN A 88 8.39 0.00 2.96
CA ASN A 88 9.19 0.68 1.94
C ASN A 88 10.40 -0.16 1.46
N ASN A 89 10.30 -0.64 0.21
CA ASN A 89 11.20 -1.56 -0.48
C ASN A 89 11.38 -2.91 0.25
N ILE A 90 10.32 -3.39 0.89
CA ILE A 90 10.28 -4.70 1.55
C ILE A 90 10.03 -5.80 0.54
N GLU A 91 10.63 -6.97 0.77
CA GLU A 91 10.39 -8.15 -0.04
C GLU A 91 9.03 -8.81 0.34
N PHE A 92 8.03 -8.62 -0.53
CA PHE A 92 6.74 -9.29 -0.50
C PHE A 92 6.85 -10.71 -1.05
N ARG A 93 7.22 -11.66 -0.18
CA ARG A 93 7.26 -13.12 -0.42
C ARG A 93 8.32 -13.63 -1.41
N GLY A 94 8.80 -12.71 -2.26
CA GLY A 94 9.63 -12.97 -3.45
C GLY A 94 9.56 -11.83 -4.46
N SER A 95 8.58 -10.90 -4.36
CA SER A 95 8.58 -9.63 -5.08
C SER A 95 9.08 -8.61 -4.05
N VAL A 96 9.16 -7.34 -4.39
CA VAL A 96 9.36 -6.28 -3.38
C VAL A 96 8.43 -5.12 -3.74
N ILE A 97 8.03 -4.29 -2.76
CA ILE A 97 7.21 -3.09 -2.95
C ILE A 97 7.88 -1.89 -2.28
N THR A 98 7.89 -0.76 -2.97
CA THR A 98 8.26 0.57 -2.49
C THR A 98 6.95 1.31 -2.22
N VAL A 99 6.89 2.08 -1.13
CA VAL A 99 5.63 2.66 -0.65
C VAL A 99 5.82 4.10 -0.19
N GLU A 100 4.86 4.93 -0.55
CA GLU A 100 4.93 6.39 -0.32
C GLU A 100 3.59 7.09 -0.49
N ARG A 101 3.49 8.29 0.09
CA ARG A 101 2.29 9.14 0.03
C ARG A 101 2.06 9.76 -1.37
N ASP A 102 0.78 9.82 -1.74
CA ASP A 102 0.28 10.15 -3.08
C ASP A 102 -0.64 11.40 -3.12
N ASP A 103 -1.15 11.85 -1.96
CA ASP A 103 -2.04 13.01 -1.81
C ASP A 103 -1.67 13.97 -0.66
N ASN A 104 -0.47 13.77 -0.08
CA ASN A 104 0.03 14.42 1.16
C ASN A 104 1.43 15.00 0.97
N PRO A 25 -11.61 11.71 8.90
CA PRO A 25 -11.84 12.12 10.30
C PRO A 25 -10.72 13.01 10.86
N ALA A 26 -9.96 12.54 11.87
CA ALA A 26 -8.74 13.19 12.37
C ALA A 26 -7.69 13.43 11.26
N LYS A 27 -7.67 12.52 10.27
CA LYS A 27 -6.95 12.59 8.99
C LYS A 27 -7.80 11.96 7.89
N ARG A 28 -7.28 12.12 6.66
CA ARG A 28 -7.58 11.40 5.44
C ARG A 28 -6.36 11.55 4.54
N TYR A 29 -5.77 10.43 4.17
CA TYR A 29 -4.60 10.33 3.32
C TYR A 29 -4.81 9.26 2.27
N ARG A 30 -3.91 9.20 1.29
CA ARG A 30 -3.81 8.14 0.31
C ARG A 30 -2.33 7.80 0.10
N ILE A 31 -1.98 6.51 0.11
CA ILE A 31 -0.62 6.04 -0.25
C ILE A 31 -0.65 5.12 -1.44
N THR A 32 0.43 5.16 -2.21
CA THR A 32 0.79 4.27 -3.31
C THR A 32 1.68 3.17 -2.76
N MET A 33 1.48 1.96 -3.28
CA MET A 33 2.31 0.79 -3.04
C MET A 33 2.46 0.04 -4.36
N LYS A 34 3.70 0.05 -4.86
CA LYS A 34 4.01 -0.17 -6.27
C LYS A 34 5.48 -0.42 -6.46
N ASN A 35 5.93 -1.04 -7.57
CA ASN A 35 7.35 -0.94 -7.88
C ASN A 35 7.76 -1.31 -9.33
N LEU A 36 7.64 -2.57 -9.75
CA LEU A 36 7.87 -3.04 -11.13
C LEU A 36 7.06 -4.33 -11.39
N PRO A 37 6.54 -4.53 -12.61
CA PRO A 37 5.50 -5.50 -12.99
C PRO A 37 5.01 -6.54 -11.95
N GLU A 38 4.37 -6.08 -10.87
CA GLU A 38 3.82 -6.94 -9.81
C GLU A 38 2.31 -6.92 -9.65
N GLY A 39 1.66 -6.14 -10.52
CA GLY A 39 0.25 -6.11 -10.82
C GLY A 39 -0.73 -6.64 -9.75
N CYS A 40 -0.58 -6.16 -8.51
CA CYS A 40 -1.24 -6.73 -7.33
C CYS A 40 -2.79 -6.78 -7.38
N SER A 41 -3.37 -7.49 -6.43
CA SER A 41 -4.82 -7.55 -6.12
C SER A 41 -5.06 -7.07 -4.68
N TRP A 42 -6.28 -6.63 -4.33
CA TRP A 42 -6.53 -6.19 -2.95
C TRP A 42 -6.35 -7.29 -1.94
N GLN A 43 -6.68 -8.55 -2.27
CA GLN A 43 -6.41 -9.65 -1.36
C GLN A 43 -4.93 -9.96 -1.15
N ASP A 44 -4.10 -9.59 -2.12
CA ASP A 44 -2.67 -9.77 -2.06
C ASP A 44 -2.06 -8.72 -1.13
N LEU A 45 -2.47 -7.46 -1.33
CA LEU A 45 -2.01 -6.36 -0.51
C LEU A 45 -2.59 -6.40 0.91
N LYS A 46 -3.80 -6.95 1.12
CA LYS A 46 -4.32 -7.35 2.45
C LYS A 46 -3.34 -8.31 3.07
N ASP A 47 -3.10 -9.44 2.43
CA ASP A 47 -2.18 -10.48 2.93
C ASP A 47 -0.88 -9.89 3.43
N LEU A 48 -0.13 -9.22 2.55
CA LEU A 48 1.13 -8.64 3.00
C LEU A 48 0.89 -7.64 4.14
N ALA A 49 -0.08 -6.75 4.02
CA ALA A 49 -0.33 -5.76 5.06
C ALA A 49 -0.59 -6.39 6.44
N ARG A 50 -1.21 -7.57 6.48
CA ARG A 50 -1.50 -8.29 7.73
C ARG A 50 -0.22 -8.96 8.25
N GLU A 51 0.66 -9.31 7.32
CA GLU A 51 2.06 -9.70 7.63
C GLU A 51 2.89 -8.59 8.27
N ASN A 52 2.51 -7.36 7.97
CA ASN A 52 3.34 -6.19 8.20
C ASN A 52 2.84 -5.15 9.22
N SER A 53 1.56 -5.18 9.63
CA SER A 53 0.87 -4.46 10.72
C SER A 53 -0.10 -3.38 10.21
N LEU A 54 -0.33 -3.31 8.89
CA LEU A 54 -1.36 -2.45 8.29
C LEU A 54 -2.74 -3.09 8.40
N GLU A 55 -3.74 -2.29 8.07
CA GLU A 55 -5.16 -2.63 7.97
C GLU A 55 -5.81 -1.76 6.90
N THR A 56 -5.75 -0.47 7.16
CA THR A 56 -6.37 0.65 6.42
C THR A 56 -7.91 0.51 6.28
N THR A 57 -8.54 1.43 5.56
CA THR A 57 -9.96 1.33 5.19
C THR A 57 -10.11 0.43 3.97
N PHE A 58 -9.28 0.71 2.96
CA PHE A 58 -9.41 0.19 1.61
C PHE A 58 -8.19 0.54 0.77
N SER A 59 -8.11 -0.07 -0.42
CA SER A 59 -7.16 0.31 -1.47
C SER A 59 -7.73 0.12 -2.86
N SER A 60 -7.33 1.00 -3.78
CA SER A 60 -7.51 0.77 -5.21
C SER A 60 -6.44 -0.26 -5.63
N VAL A 61 -6.83 -1.45 -6.08
CA VAL A 61 -5.95 -2.44 -6.70
C VAL A 61 -6.69 -3.18 -7.81
N ASN A 62 -6.03 -4.09 -8.54
CA ASN A 62 -6.51 -4.78 -9.75
C ASN A 62 -6.64 -3.85 -10.98
N THR A 63 -6.68 -2.53 -10.78
CA THR A 63 -6.62 -1.50 -11.83
C THR A 63 -5.30 -1.57 -12.59
N ARG A 64 -5.33 -1.31 -13.91
CA ARG A 64 -4.19 -1.57 -14.81
C ARG A 64 -2.99 -0.61 -14.65
N ASP A 65 -3.18 0.55 -14.01
CA ASP A 65 -2.13 1.48 -13.55
C ASP A 65 -0.91 1.56 -14.51
N PHE A 66 0.33 1.38 -14.00
CA PHE A 66 1.50 1.12 -14.84
C PHE A 66 1.50 -0.38 -15.29
N ASP A 67 1.03 -1.26 -14.40
CA ASP A 67 0.71 -2.67 -14.59
C ASP A 67 -0.32 -3.08 -13.51
N GLY A 68 -0.09 -2.61 -12.28
CA GLY A 68 -1.04 -2.63 -11.16
C GLY A 68 -0.36 -2.31 -9.83
N THR A 69 -0.93 -1.36 -9.12
CA THR A 69 -0.46 -0.86 -7.82
C THR A 69 -1.60 -0.90 -6.79
N GLY A 70 -1.22 -0.84 -5.52
CA GLY A 70 -2.14 -0.55 -4.44
C GLY A 70 -2.17 0.95 -4.22
N ALA A 71 -3.34 1.49 -3.93
CA ALA A 71 -3.48 2.86 -3.48
C ALA A 71 -4.46 2.93 -2.30
N LEU A 72 -3.91 2.76 -1.10
CA LEU A 72 -4.59 2.64 0.18
C LEU A 72 -5.12 3.99 0.68
N GLU A 73 -6.07 3.96 1.62
CA GLU A 73 -6.54 5.14 2.38
C GLU A 73 -6.83 4.81 3.86
N PHE A 74 -6.59 5.75 4.79
CA PHE A 74 -7.07 5.66 6.18
C PHE A 74 -7.44 7.03 6.81
N PRO A 75 -8.35 7.06 7.80
CA PRO A 75 -8.63 8.20 8.67
C PRO A 75 -7.52 8.67 9.64
N SER A 76 -6.35 8.02 9.74
CA SER A 76 -5.30 8.42 10.70
C SER A 76 -3.90 8.15 10.15
N GLU A 77 -3.08 9.21 10.02
CA GLU A 77 -1.72 9.12 9.45
C GLU A 77 -0.76 8.16 10.14
N GLU A 78 -1.11 7.66 11.32
CA GLU A 78 -0.41 6.55 11.99
C GLU A 78 -0.18 5.37 11.02
N ILE A 79 -1.23 4.94 10.32
CA ILE A 79 -1.22 3.79 9.39
C ILE A 79 -0.41 4.10 8.11
N LEU A 80 -0.48 5.37 7.67
CA LEU A 80 0.30 5.90 6.55
C LEU A 80 1.80 5.78 6.85
N VAL A 81 2.20 6.32 8.01
CA VAL A 81 3.60 6.46 8.43
C VAL A 81 4.21 5.12 8.72
N GLU A 82 3.40 4.24 9.29
CA GLU A 82 3.68 2.84 9.39
C GLU A 82 4.11 2.32 8.00
N ALA A 83 3.21 2.19 7.01
CA ALA A 83 3.61 1.62 5.70
C ALA A 83 4.83 2.33 5.06
N LEU A 84 4.95 3.64 5.17
CA LEU A 84 6.10 4.42 4.65
C LEU A 84 7.42 4.04 5.32
N GLU A 85 7.36 3.56 6.57
CA GLU A 85 8.51 3.04 7.28
C GLU A 85 8.57 1.50 7.37
N ARG A 86 7.53 0.75 6.95
CA ARG A 86 7.35 -0.69 7.19
C ARG A 86 7.38 -1.47 5.89
N LEU A 87 6.91 -0.85 4.81
CA LEU A 87 6.74 -1.45 3.51
C LEU A 87 7.67 -0.86 2.46
N ASN A 88 8.36 0.25 2.73
CA ASN A 88 9.08 0.95 1.67
C ASN A 88 10.25 0.16 1.07
N ASN A 89 10.03 -0.28 -0.17
CA ASN A 89 10.87 -1.15 -0.98
C ASN A 89 11.13 -2.52 -0.34
N ILE A 90 10.17 -3.02 0.47
CA ILE A 90 10.25 -4.36 1.09
C ILE A 90 9.83 -5.46 0.14
N GLU A 91 10.55 -6.57 0.21
CA GLU A 91 10.29 -7.77 -0.57
C GLU A 91 8.96 -8.41 -0.15
N PHE A 92 8.02 -8.37 -1.10
CA PHE A 92 6.67 -8.90 -0.99
C PHE A 92 6.61 -10.34 -1.51
N ARG A 93 6.94 -11.30 -0.64
CA ARG A 93 6.97 -12.76 -0.91
C ARG A 93 7.68 -13.20 -2.21
N GLY A 94 8.50 -12.34 -2.81
CA GLY A 94 9.14 -12.54 -4.12
C GLY A 94 9.07 -11.33 -5.08
N SER A 95 8.15 -10.37 -4.89
CA SER A 95 8.20 -9.09 -5.57
C SER A 95 8.80 -8.12 -4.55
N VAL A 96 8.76 -6.82 -4.77
CA VAL A 96 9.01 -5.82 -3.71
C VAL A 96 7.99 -4.70 -3.92
N ILE A 97 7.78 -3.80 -2.96
CA ILE A 97 6.91 -2.62 -3.16
C ILE A 97 7.52 -1.38 -2.54
N THR A 98 7.73 -0.35 -3.35
CA THR A 98 8.08 0.99 -2.89
C THR A 98 6.77 1.69 -2.54
N VAL A 99 6.73 2.39 -1.41
CA VAL A 99 5.49 2.93 -0.85
C VAL A 99 5.65 4.35 -0.36
N GLU A 100 4.65 5.16 -0.62
CA GLU A 100 4.70 6.60 -0.32
C GLU A 100 3.35 7.28 -0.31
N ARG A 101 3.30 8.39 0.44
CA ARG A 101 2.21 9.36 0.43
C ARG A 101 1.98 9.90 -0.99
N ASP A 102 0.71 9.97 -1.37
CA ASP A 102 0.25 10.23 -2.73
C ASP A 102 -0.79 11.35 -2.84
N ASP A 103 -1.26 11.90 -1.70
CA ASP A 103 -2.17 13.05 -1.63
C ASP A 103 -1.80 14.10 -0.55
N ASN A 104 -0.73 13.87 0.23
CA ASN A 104 -0.28 14.72 1.32
C ASN A 104 1.26 14.82 1.35
N PRO A 25 -11.20 12.12 7.38
CA PRO A 25 -11.88 12.41 8.66
C PRO A 25 -10.98 13.16 9.67
N ALA A 26 -10.57 12.55 10.79
CA ALA A 26 -9.55 13.07 11.72
C ALA A 26 -8.25 13.43 10.96
N LYS A 27 -7.88 12.51 10.06
CA LYS A 27 -6.93 12.62 8.97
C LYS A 27 -7.61 12.00 7.76
N ARG A 28 -7.12 12.31 6.58
CA ARG A 28 -7.39 11.54 5.37
C ARG A 28 -6.14 11.61 4.51
N TYR A 29 -5.76 10.47 3.99
CA TYR A 29 -4.60 10.34 3.15
C TYR A 29 -4.83 9.19 2.17
N ARG A 30 -4.02 9.18 1.12
CA ARG A 30 -3.84 8.10 0.17
C ARG A 30 -2.33 7.92 -0.01
N ILE A 31 -1.86 6.68 0.01
CA ILE A 31 -0.49 6.30 -0.36
C ILE A 31 -0.56 5.44 -1.60
N THR A 32 0.56 5.37 -2.32
CA THR A 32 0.79 4.50 -3.47
C THR A 32 1.87 3.51 -3.11
N MET A 33 1.73 2.28 -3.64
CA MET A 33 2.65 1.18 -3.43
C MET A 33 2.92 0.40 -4.72
N LYS A 34 4.18 0.34 -5.13
CA LYS A 34 4.59 -0.34 -6.38
C LYS A 34 6.04 -0.67 -6.43
N ASN A 35 6.36 -1.51 -7.40
CA ASN A 35 7.70 -1.59 -7.96
C ASN A 35 7.74 -2.52 -9.19
N LEU A 36 8.77 -2.41 -10.03
CA LEU A 36 8.87 -3.04 -11.35
C LEU A 36 8.48 -4.54 -11.44
N PRO A 37 8.86 -5.43 -10.51
CA PRO A 37 8.44 -6.84 -10.50
C PRO A 37 6.94 -7.08 -10.25
N GLU A 38 6.14 -6.06 -9.95
CA GLU A 38 4.77 -6.22 -9.45
C GLU A 38 3.68 -5.34 -10.04
N GLY A 39 2.50 -5.95 -10.11
CA GLY A 39 1.20 -5.33 -10.36
C GLY A 39 0.29 -5.50 -9.13
N CYS A 40 0.61 -6.45 -8.25
CA CYS A 40 -0.20 -6.93 -7.13
C CYS A 40 -1.69 -7.11 -7.52
N SER A 41 -2.56 -7.02 -6.52
CA SER A 41 -4.02 -6.88 -6.56
C SER A 41 -4.46 -6.54 -5.14
N TRP A 42 -5.69 -6.03 -4.93
CA TRP A 42 -6.06 -5.64 -3.57
C TRP A 42 -5.99 -6.81 -2.61
N GLN A 43 -6.44 -8.01 -2.98
CA GLN A 43 -6.32 -9.18 -2.11
C GLN A 43 -4.90 -9.48 -1.62
N ASP A 44 -3.93 -9.21 -2.49
CA ASP A 44 -2.55 -9.55 -2.26
C ASP A 44 -1.91 -8.52 -1.32
N LEU A 45 -2.22 -7.24 -1.57
CA LEU A 45 -1.82 -6.15 -0.69
C LEU A 45 -2.61 -6.12 0.63
N LYS A 46 -3.83 -6.68 0.70
CA LYS A 46 -4.56 -6.96 1.95
C LYS A 46 -3.69 -7.91 2.77
N ASP A 47 -3.31 -9.02 2.16
CA ASP A 47 -2.43 -10.02 2.75
C ASP A 47 -1.15 -9.40 3.28
N LEU A 48 -0.35 -8.76 2.43
CA LEU A 48 0.87 -8.11 2.91
C LEU A 48 0.57 -7.09 4.02
N ALA A 49 -0.46 -6.27 3.89
CA ALA A 49 -0.75 -5.29 4.93
C ALA A 49 -1.02 -5.93 6.31
N ARG A 50 -1.66 -7.10 6.36
CA ARG A 50 -1.81 -7.88 7.59
C ARG A 50 -0.49 -8.52 8.03
N GLU A 51 0.33 -8.91 7.06
CA GLU A 51 1.75 -9.30 7.30
C GLU A 51 2.54 -8.22 8.04
N ASN A 52 2.15 -6.98 7.80
CA ASN A 52 2.88 -5.78 8.15
C ASN A 52 2.18 -4.90 9.20
N SER A 53 0.99 -5.30 9.66
CA SER A 53 0.15 -4.57 10.63
C SER A 53 -0.24 -3.16 10.15
N LEU A 54 -0.32 -3.00 8.82
CA LEU A 54 -0.93 -1.84 8.17
C LEU A 54 -2.42 -1.84 8.48
N GLU A 55 -3.13 -2.83 7.93
CA GLU A 55 -4.58 -2.92 7.87
C GLU A 55 -5.25 -1.53 7.82
N THR A 56 -5.05 -0.85 6.68
CA THR A 56 -5.78 0.38 6.36
C THR A 56 -7.27 0.08 6.08
N THR A 57 -8.06 1.07 5.68
CA THR A 57 -9.47 0.89 5.32
C THR A 57 -9.59 0.06 4.05
N PHE A 58 -8.80 0.44 3.04
CA PHE A 58 -8.94 -0.03 1.66
C PHE A 58 -7.77 0.39 0.78
N SER A 59 -7.71 -0.20 -0.43
CA SER A 59 -6.85 0.26 -1.51
C SER A 59 -7.54 0.18 -2.87
N SER A 60 -7.21 1.14 -3.72
CA SER A 60 -7.48 1.10 -5.15
C SER A 60 -6.32 0.38 -5.82
N VAL A 61 -6.57 -0.76 -6.48
CA VAL A 61 -5.57 -1.53 -7.26
C VAL A 61 -6.22 -1.91 -8.59
N ASN A 62 -5.40 -2.18 -9.62
CA ASN A 62 -5.86 -2.64 -10.95
C ASN A 62 -6.79 -1.63 -11.67
N THR A 63 -6.62 -0.32 -11.44
CA THR A 63 -7.61 0.71 -11.88
C THR A 63 -7.06 2.12 -12.17
N ARG A 64 -5.84 2.46 -11.74
CA ARG A 64 -5.24 3.82 -11.82
C ARG A 64 -3.71 3.70 -11.92
N ASP A 65 -3.24 2.81 -12.79
CA ASP A 65 -1.86 2.33 -12.73
C ASP A 65 -1.19 2.06 -14.08
N PHE A 66 0.12 1.77 -14.01
CA PHE A 66 0.91 1.22 -15.12
C PHE A 66 0.41 -0.18 -15.52
N ASP A 67 -0.09 -0.96 -14.53
CA ASP A 67 -0.87 -2.20 -14.67
C ASP A 67 -1.55 -2.53 -13.33
N GLY A 68 -0.87 -2.23 -12.22
CA GLY A 68 -1.39 -2.26 -10.86
C GLY A 68 -0.40 -1.68 -9.84
N THR A 69 -0.87 -0.73 -9.03
CA THR A 69 -0.19 -0.18 -7.84
C THR A 69 -1.21 -0.12 -6.68
N GLY A 70 -0.74 -0.33 -5.46
CA GLY A 70 -1.49 -0.28 -4.21
C GLY A 70 -1.77 1.15 -3.76
N ALA A 71 -2.88 1.75 -4.17
CA ALA A 71 -3.27 3.05 -3.64
C ALA A 71 -4.16 2.95 -2.39
N LEU A 72 -3.53 2.78 -1.22
CA LEU A 72 -4.13 2.53 0.09
C LEU A 72 -4.58 3.82 0.79
N GLU A 73 -5.59 3.71 1.67
CA GLU A 73 -6.22 4.85 2.38
C GLU A 73 -6.54 4.55 3.87
N PHE A 74 -6.35 5.51 4.79
CA PHE A 74 -6.84 5.45 6.19
C PHE A 74 -7.26 6.82 6.77
N PRO A 75 -8.14 6.87 7.79
CA PRO A 75 -8.45 8.08 8.57
C PRO A 75 -7.41 8.56 9.60
N SER A 76 -6.22 7.94 9.73
CA SER A 76 -5.13 8.43 10.61
C SER A 76 -3.76 8.28 9.96
N GLU A 77 -3.01 9.38 9.85
CA GLU A 77 -1.63 9.37 9.33
C GLU A 77 -0.68 8.39 10.04
N GLU A 78 -1.04 7.91 11.23
CA GLU A 78 -0.38 6.81 11.91
C GLU A 78 -0.08 5.64 10.96
N ILE A 79 -1.10 5.13 10.27
CA ILE A 79 -0.99 3.95 9.37
C ILE A 79 -0.25 4.30 8.06
N LEU A 80 -0.34 5.57 7.63
CA LEU A 80 0.42 6.10 6.50
C LEU A 80 1.92 6.06 6.78
N VAL A 81 2.33 6.63 7.92
CA VAL A 81 3.75 6.79 8.31
C VAL A 81 4.36 5.45 8.60
N GLU A 82 3.56 4.56 9.21
CA GLU A 82 3.87 3.18 9.29
C GLU A 82 4.26 2.66 7.89
N ALA A 83 3.33 2.56 6.93
CA ALA A 83 3.66 2.05 5.58
C ALA A 83 4.90 2.70 4.94
N LEU A 84 5.06 4.01 5.06
CA LEU A 84 6.20 4.76 4.51
C LEU A 84 7.52 4.39 5.19
N GLU A 85 7.45 3.80 6.37
CA GLU A 85 8.60 3.18 7.04
C GLU A 85 8.57 1.63 7.10
N ARG A 86 7.49 0.96 6.68
CA ARG A 86 7.22 -0.48 6.90
C ARG A 86 7.20 -1.25 5.60
N LEU A 87 6.73 -0.61 4.53
CA LEU A 87 6.57 -1.14 3.20
C LEU A 87 7.50 -0.47 2.17
N ASN A 88 8.26 0.55 2.58
CA ASN A 88 9.11 1.28 1.64
C ASN A 88 10.39 0.50 1.25
N ASN A 89 10.36 -0.06 0.04
CA ASN A 89 11.40 -0.88 -0.57
C ASN A 89 11.67 -2.17 0.23
N ILE A 90 10.57 -2.86 0.60
CA ILE A 90 10.58 -4.14 1.33
C ILE A 90 10.18 -5.29 0.43
N GLU A 91 10.82 -6.44 0.65
CA GLU A 91 10.51 -7.68 -0.04
C GLU A 91 9.17 -8.27 0.41
N PHE A 92 8.20 -8.18 -0.50
CA PHE A 92 6.87 -8.76 -0.43
C PHE A 92 6.92 -10.27 -0.73
N ARG A 93 7.30 -11.09 0.25
CA ARG A 93 7.37 -12.57 0.20
C ARG A 93 8.20 -13.20 -0.95
N GLY A 94 8.82 -12.39 -1.80
CA GLY A 94 9.45 -12.80 -3.05
C GLY A 94 9.44 -11.71 -4.14
N SER A 95 8.55 -10.71 -4.05
CA SER A 95 8.59 -9.49 -4.83
C SER A 95 9.17 -8.41 -3.92
N VAL A 96 9.13 -7.14 -4.29
CA VAL A 96 9.41 -6.02 -3.39
C VAL A 96 8.53 -4.84 -3.86
N ILE A 97 8.11 -3.98 -2.93
CA ILE A 97 7.32 -2.76 -3.19
C ILE A 97 8.02 -1.53 -2.58
N THR A 98 7.81 -0.37 -3.17
CA THR A 98 8.24 0.96 -2.72
C THR A 98 6.97 1.77 -2.50
N VAL A 99 6.93 2.58 -1.45
CA VAL A 99 5.66 3.22 -1.02
C VAL A 99 5.83 4.65 -0.56
N GLU A 100 4.77 5.43 -0.74
CA GLU A 100 4.81 6.87 -0.51
C GLU A 100 3.43 7.52 -0.47
N ARG A 101 3.34 8.65 0.23
CA ARG A 101 2.21 9.58 0.23
C ARG A 101 1.86 10.03 -1.19
N ASP A 102 0.56 10.07 -1.51
CA ASP A 102 0.03 10.22 -2.88
C ASP A 102 -1.03 11.33 -3.05
N ASP A 103 -1.68 11.79 -1.99
CA ASP A 103 -2.58 12.97 -1.97
C ASP A 103 -2.27 13.95 -0.82
N ASN A 104 -1.18 13.70 -0.10
CA ASN A 104 -0.76 14.29 1.17
C ASN A 104 0.71 14.76 1.10
N PRO A 25 -10.50 10.88 10.06
CA PRO A 25 -10.92 11.74 11.18
C PRO A 25 -9.77 12.55 11.80
N ALA A 26 -8.80 11.87 12.45
CA ALA A 26 -7.55 12.51 12.88
C ALA A 26 -6.72 13.00 11.67
N LYS A 27 -6.90 12.35 10.51
CA LYS A 27 -6.36 12.68 9.18
C LYS A 27 -7.26 12.15 8.06
N ARG A 28 -6.90 12.46 6.83
CA ARG A 28 -7.41 11.88 5.61
C ARG A 28 -6.28 11.90 4.57
N TYR A 29 -5.88 10.73 4.09
CA TYR A 29 -4.77 10.55 3.15
C TYR A 29 -5.07 9.45 2.12
N ARG A 30 -4.14 9.31 1.16
CA ARG A 30 -4.02 8.14 0.27
C ARG A 30 -2.54 7.98 -0.11
N ILE A 31 -2.04 6.74 -0.08
CA ILE A 31 -0.64 6.38 -0.41
C ILE A 31 -0.58 5.47 -1.61
N THR A 32 0.54 5.46 -2.30
CA THR A 32 0.93 4.49 -3.34
C THR A 32 1.70 3.37 -2.72
N MET A 33 1.46 2.16 -3.23
CA MET A 33 2.24 0.95 -2.98
C MET A 33 2.42 0.22 -4.31
N LYS A 34 3.65 0.28 -4.79
CA LYS A 34 4.02 0.04 -6.18
C LYS A 34 5.47 -0.34 -6.30
N ASN A 35 5.88 -0.91 -7.43
CA ASN A 35 7.29 -0.92 -7.81
C ASN A 35 7.46 -1.24 -9.31
N LEU A 36 7.81 -2.47 -9.72
CA LEU A 36 7.88 -2.90 -11.14
C LEU A 36 7.80 -4.44 -11.30
N PRO A 37 8.65 -5.27 -10.65
CA PRO A 37 8.58 -6.74 -10.70
C PRO A 37 7.34 -7.39 -10.07
N GLU A 38 6.26 -6.65 -9.79
CA GLU A 38 4.95 -7.19 -9.39
C GLU A 38 3.78 -6.31 -9.87
N GLY A 39 2.77 -6.94 -10.48
CA GLY A 39 1.48 -6.34 -10.80
C GLY A 39 0.45 -6.66 -9.71
N CYS A 40 0.59 -6.03 -8.53
CA CYS A 40 -0.20 -6.33 -7.33
C CYS A 40 -1.73 -6.23 -7.54
N SER A 41 -2.49 -6.84 -6.63
CA SER A 41 -3.97 -6.81 -6.54
C SER A 41 -4.39 -6.63 -5.07
N TRP A 42 -5.64 -6.20 -4.80
CA TRP A 42 -6.01 -5.89 -3.40
C TRP A 42 -5.90 -7.09 -2.47
N GLN A 43 -6.26 -8.29 -2.92
CA GLN A 43 -6.15 -9.48 -2.06
C GLN A 43 -4.71 -9.87 -1.71
N ASP A 44 -3.77 -9.55 -2.60
CA ASP A 44 -2.35 -9.76 -2.38
C ASP A 44 -1.82 -8.74 -1.37
N LEU A 45 -2.17 -7.47 -1.58
CA LEU A 45 -1.83 -6.39 -0.67
C LEU A 45 -2.52 -6.47 0.69
N LYS A 46 -3.70 -7.10 0.80
CA LYS A 46 -4.34 -7.52 2.06
C LYS A 46 -3.41 -8.51 2.72
N ASP A 47 -3.06 -9.61 2.05
CA ASP A 47 -2.16 -10.62 2.61
C ASP A 47 -0.87 -10.03 3.17
N LEU A 48 -0.14 -9.24 2.39
CA LEU A 48 1.04 -8.59 2.94
C LEU A 48 0.68 -7.61 4.07
N ALA A 49 -0.37 -6.82 3.95
CA ALA A 49 -0.77 -5.95 5.05
C ALA A 49 -1.13 -6.71 6.34
N ARG A 50 -1.52 -7.99 6.25
CA ARG A 50 -1.76 -8.85 7.42
C ARG A 50 -0.44 -9.45 7.91
N GLU A 51 0.57 -9.53 7.03
CA GLU A 51 1.99 -9.77 7.37
C GLU A 51 2.61 -8.61 8.15
N ASN A 52 2.08 -7.41 7.92
CA ASN A 52 2.68 -6.14 8.31
C ASN A 52 1.85 -5.29 9.28
N SER A 53 0.66 -5.76 9.68
CA SER A 53 -0.21 -5.12 10.69
C SER A 53 -0.71 -3.74 10.24
N LEU A 54 -0.92 -3.63 8.91
CA LEU A 54 -1.28 -2.39 8.21
C LEU A 54 -2.77 -2.02 8.41
N GLU A 55 -3.62 -3.04 8.57
CA GLU A 55 -5.10 -3.04 8.63
C GLU A 55 -5.79 -2.37 7.43
N THR A 56 -5.62 -1.07 7.44
CA THR A 56 -6.18 0.03 6.67
C THR A 56 -7.72 0.01 6.48
N THR A 57 -8.26 0.97 5.75
CA THR A 57 -9.66 0.96 5.29
C THR A 57 -9.78 0.13 4.04
N PHE A 58 -8.95 0.46 3.05
CA PHE A 58 -9.06 0.00 1.67
C PHE A 58 -7.85 0.40 0.82
N SER A 59 -7.78 -0.14 -0.40
CA SER A 59 -6.88 0.31 -1.46
C SER A 59 -7.55 0.29 -2.83
N SER A 60 -7.17 1.27 -3.65
CA SER A 60 -7.43 1.27 -5.09
C SER A 60 -6.35 0.38 -5.74
N VAL A 61 -6.73 -0.80 -6.23
CA VAL A 61 -5.85 -1.70 -7.02
C VAL A 61 -6.57 -2.18 -8.28
N ASN A 62 -5.82 -2.74 -9.24
CA ASN A 62 -6.31 -3.26 -10.53
C ASN A 62 -6.86 -2.18 -11.49
N THR A 63 -6.58 -0.90 -11.21
CA THR A 63 -6.86 0.28 -12.07
C THR A 63 -5.95 0.36 -13.32
N ARG A 64 -5.61 -0.79 -13.90
CA ARG A 64 -4.60 -1.10 -14.95
C ARG A 64 -3.16 -0.72 -14.58
N ASP A 65 -2.95 0.52 -14.11
CA ASP A 65 -1.67 1.04 -13.62
C ASP A 65 -0.52 0.87 -14.65
N PHE A 66 0.74 0.83 -14.21
CA PHE A 66 1.84 0.39 -15.09
C PHE A 66 1.65 -1.09 -15.47
N ASP A 67 1.17 -1.89 -14.52
CA ASP A 67 0.69 -3.27 -14.64
C ASP A 67 -0.10 -3.70 -13.37
N GLY A 68 0.28 -3.14 -12.22
CA GLY A 68 -0.48 -3.25 -10.96
C GLY A 68 0.15 -2.46 -9.82
N THR A 69 -0.56 -1.48 -9.28
CA THR A 69 -0.16 -0.69 -8.10
C THR A 69 -1.33 -0.53 -7.16
N GLY A 70 -1.08 -0.78 -5.87
CA GLY A 70 -2.05 -0.42 -4.84
C GLY A 70 -1.97 1.07 -4.52
N ALA A 71 -3.07 1.61 -4.04
CA ALA A 71 -3.11 2.94 -3.47
C ALA A 71 -4.05 2.98 -2.25
N LEU A 72 -3.45 2.79 -1.06
CA LEU A 72 -4.12 2.55 0.23
C LEU A 72 -4.65 3.84 0.87
N GLU A 73 -5.58 3.68 1.82
CA GLU A 73 -6.19 4.79 2.57
C GLU A 73 -6.48 4.48 4.08
N PHE A 74 -6.42 5.52 4.95
CA PHE A 74 -6.91 5.44 6.35
C PHE A 74 -7.38 6.78 6.98
N PRO A 75 -8.26 6.74 8.02
CA PRO A 75 -8.61 7.83 8.94
C PRO A 75 -7.49 8.55 9.74
N SER A 76 -6.24 8.09 9.72
CA SER A 76 -5.13 8.67 10.52
C SER A 76 -3.79 8.44 9.83
N GLU A 77 -2.97 9.49 9.66
CA GLU A 77 -1.64 9.34 9.04
C GLU A 77 -0.69 8.39 9.79
N GLU A 78 -1.02 7.99 11.01
CA GLU A 78 -0.39 6.86 11.72
C GLU A 78 -0.19 5.71 10.73
N ILE A 79 -1.26 5.19 10.13
CA ILE A 79 -1.18 4.01 9.28
C ILE A 79 -0.37 4.27 8.00
N LEU A 80 -0.48 5.49 7.48
CA LEU A 80 0.29 5.97 6.33
C LEU A 80 1.79 5.95 6.63
N VAL A 81 2.25 6.70 7.64
CA VAL A 81 3.66 6.86 8.05
C VAL A 81 4.28 5.51 8.44
N GLU A 82 3.52 4.71 9.15
CA GLU A 82 3.82 3.37 9.60
C GLU A 82 4.14 2.51 8.38
N ALA A 83 3.24 2.35 7.41
CA ALA A 83 3.52 1.74 6.10
C ALA A 83 4.73 2.36 5.36
N LEU A 84 4.92 3.68 5.42
CA LEU A 84 6.08 4.39 4.81
C LEU A 84 7.39 4.01 5.48
N GLU A 85 7.33 3.51 6.70
CA GLU A 85 8.48 2.95 7.40
C GLU A 85 8.50 1.41 7.42
N ARG A 86 7.42 0.71 7.01
CA ARG A 86 7.22 -0.74 7.20
C ARG A 86 7.23 -1.49 5.89
N LEU A 87 6.87 -0.83 4.78
CA LEU A 87 6.70 -1.35 3.45
C LEU A 87 7.49 -0.57 2.39
N ASN A 88 8.25 0.46 2.76
CA ASN A 88 9.07 1.21 1.80
C ASN A 88 10.28 0.39 1.30
N ASN A 89 10.14 -0.12 0.08
CA ASN A 89 11.16 -0.84 -0.67
C ASN A 89 11.56 -2.15 0.06
N ILE A 90 10.52 -2.89 0.49
CA ILE A 90 10.59 -4.18 1.20
C ILE A 90 10.35 -5.31 0.22
N GLU A 91 10.92 -6.49 0.49
CA GLU A 91 10.66 -7.69 -0.32
C GLU A 91 9.41 -8.43 0.20
N PHE A 92 8.31 -8.28 -0.54
CA PHE A 92 7.04 -8.98 -0.42
C PHE A 92 7.17 -10.46 -0.80
N ARG A 93 7.69 -11.28 0.12
CA ARG A 93 7.88 -12.75 0.02
C ARG A 93 8.73 -13.27 -1.15
N GLY A 94 9.03 -12.42 -2.13
CA GLY A 94 9.61 -12.74 -3.43
C GLY A 94 9.44 -11.60 -4.45
N SER A 95 8.42 -10.73 -4.30
CA SER A 95 8.30 -9.48 -5.02
C SER A 95 8.90 -8.40 -4.12
N VAL A 96 8.83 -7.14 -4.50
CA VAL A 96 9.14 -6.02 -3.60
C VAL A 96 8.19 -4.88 -3.95
N ILE A 97 7.80 -4.09 -2.94
CA ILE A 97 6.97 -2.88 -3.08
C ILE A 97 7.67 -1.71 -2.43
N THR A 98 7.41 -0.54 -2.97
CA THR A 98 7.85 0.78 -2.52
C THR A 98 6.61 1.62 -2.29
N VAL A 99 6.59 2.35 -1.17
CA VAL A 99 5.38 3.00 -0.69
C VAL A 99 5.64 4.42 -0.24
N GLU A 100 4.66 5.29 -0.48
CA GLU A 100 4.83 6.74 -0.27
C GLU A 100 3.50 7.52 -0.29
N ARG A 101 3.43 8.64 0.46
CA ARG A 101 2.23 9.50 0.52
C ARG A 101 1.90 10.08 -0.87
N ASP A 102 0.63 10.00 -1.27
CA ASP A 102 0.19 10.25 -2.66
C ASP A 102 -0.99 11.25 -2.82
N ASP A 103 -1.64 11.67 -1.74
CA ASP A 103 -2.62 12.78 -1.71
C ASP A 103 -2.32 13.77 -0.56
N ASN A 104 -2.00 13.25 0.64
CA ASN A 104 -1.59 13.99 1.84
C ASN A 104 -0.98 13.01 2.84
N PRO A 25 -11.41 11.70 7.43
CA PRO A 25 -11.99 12.25 8.68
C PRO A 25 -11.02 13.17 9.45
N ALA A 26 -10.52 12.79 10.65
CA ALA A 26 -9.44 13.48 11.36
C ALA A 26 -8.20 13.71 10.46
N LYS A 27 -7.90 12.67 9.68
CA LYS A 27 -7.01 12.63 8.52
C LYS A 27 -7.74 11.81 7.46
N ARG A 28 -7.25 11.90 6.24
CA ARG A 28 -7.50 10.94 5.18
C ARG A 28 -6.36 11.11 4.19
N TYR A 29 -5.86 10.00 3.70
CA TYR A 29 -4.69 9.96 2.83
C TYR A 29 -4.86 8.81 1.86
N ARG A 30 -4.01 8.76 0.86
CA ARG A 30 -3.83 7.62 -0.04
C ARG A 30 -2.32 7.39 -0.13
N ILE A 31 -1.91 6.14 0.03
CA ILE A 31 -0.56 5.68 -0.30
C ILE A 31 -0.63 4.80 -1.52
N THR A 32 0.51 4.58 -2.13
CA THR A 32 0.74 3.73 -3.30
C THR A 32 1.84 2.75 -2.99
N MET A 33 1.64 1.52 -3.46
CA MET A 33 2.56 0.42 -3.22
C MET A 33 2.87 -0.37 -4.50
N LYS A 34 4.13 -0.38 -4.92
CA LYS A 34 4.55 -0.90 -6.23
C LYS A 34 5.98 -1.29 -6.30
N ASN A 35 6.32 -1.96 -7.39
CA ASN A 35 7.69 -1.97 -7.87
C ASN A 35 7.81 -2.45 -9.33
N LEU A 36 9.02 -2.41 -9.91
CA LEU A 36 9.25 -2.56 -11.35
C LEU A 36 8.47 -3.72 -12.04
N PRO A 37 8.49 -4.97 -11.55
CA PRO A 37 7.71 -6.07 -12.12
C PRO A 37 6.27 -6.21 -11.60
N GLU A 38 5.85 -5.58 -10.49
CA GLU A 38 4.55 -5.84 -9.85
C GLU A 38 3.80 -4.65 -9.22
N GLY A 39 2.48 -4.84 -9.09
CA GLY A 39 1.55 -4.01 -8.33
C GLY A 39 0.61 -4.80 -7.41
N CYS A 40 0.75 -6.14 -7.42
CA CYS A 40 -0.10 -7.11 -6.74
C CYS A 40 -1.62 -6.90 -7.02
N SER A 41 -2.48 -7.36 -6.11
CA SER A 41 -3.96 -7.25 -6.18
C SER A 41 -4.50 -6.96 -4.76
N TRP A 42 -5.67 -6.34 -4.61
CA TRP A 42 -6.10 -5.91 -3.26
C TRP A 42 -6.14 -7.05 -2.27
N GLN A 43 -6.67 -8.20 -2.68
CA GLN A 43 -6.69 -9.41 -1.85
C GLN A 43 -5.31 -9.77 -1.26
N ASP A 44 -4.29 -9.72 -2.12
CA ASP A 44 -2.89 -10.09 -1.82
C ASP A 44 -2.25 -9.07 -0.91
N LEU A 45 -2.53 -7.82 -1.23
CA LEU A 45 -1.94 -6.68 -0.59
C LEU A 45 -2.52 -6.51 0.81
N LYS A 46 -3.83 -6.69 0.95
CA LYS A 46 -4.57 -6.71 2.21
C LYS A 46 -3.96 -7.77 3.08
N ASP A 47 -3.80 -8.97 2.51
CA ASP A 47 -3.11 -10.07 3.17
C ASP A 47 -1.74 -9.62 3.67
N LEU A 48 -0.77 -9.36 2.79
CA LEU A 48 0.58 -8.97 3.20
C LEU A 48 0.60 -7.84 4.19
N ALA A 49 -0.16 -6.79 3.93
CA ALA A 49 -0.18 -5.63 4.79
C ALA A 49 -0.61 -6.01 6.21
N ARG A 50 -1.65 -6.84 6.34
CA ARG A 50 -2.05 -7.47 7.62
C ARG A 50 -1.09 -8.56 8.10
N GLU A 51 -0.21 -9.08 7.25
CA GLU A 51 0.94 -9.90 7.68
C GLU A 51 2.05 -9.01 8.29
N ASN A 52 2.04 -7.73 7.94
CA ASN A 52 3.10 -6.74 8.16
C ASN A 52 2.78 -5.62 9.17
N SER A 53 1.52 -5.47 9.58
CA SER A 53 0.94 -4.65 10.69
C SER A 53 0.07 -3.47 10.23
N LEU A 54 -0.12 -3.31 8.92
CA LEU A 54 -0.77 -2.15 8.27
C LEU A 54 -2.24 -1.92 8.66
N GLU A 55 -3.03 -2.98 8.83
CA GLU A 55 -4.49 -2.96 8.96
C GLU A 55 -5.22 -2.20 7.84
N THR A 56 -5.21 -0.89 7.92
CA THR A 56 -5.91 0.09 7.06
C THR A 56 -7.42 -0.17 6.86
N THR A 57 -8.07 0.63 6.00
CA THR A 57 -9.47 0.45 5.62
C THR A 57 -9.58 -0.30 4.29
N PHE A 58 -8.91 0.22 3.26
CA PHE A 58 -9.13 -0.21 1.88
C PHE A 58 -8.01 0.19 0.91
N SER A 59 -8.08 -0.33 -0.33
CA SER A 59 -7.20 0.05 -1.45
C SER A 59 -7.93 0.03 -2.80
N SER A 60 -7.28 0.56 -3.81
CA SER A 60 -7.59 0.45 -5.23
C SER A 60 -6.39 -0.17 -5.94
N VAL A 61 -6.60 -1.30 -6.64
CA VAL A 61 -5.53 -2.11 -7.25
C VAL A 61 -5.97 -2.68 -8.60
N ASN A 62 -5.02 -3.18 -9.40
CA ASN A 62 -5.23 -3.83 -10.71
C ASN A 62 -5.62 -2.85 -11.84
N THR A 63 -5.57 -1.54 -11.58
CA THR A 63 -5.99 -0.43 -12.46
C THR A 63 -5.37 0.89 -11.94
N ARG A 64 -5.87 2.06 -12.36
CA ARG A 64 -5.57 3.43 -11.83
C ARG A 64 -4.19 4.01 -12.16
N ASP A 65 -3.20 3.15 -12.37
CA ASP A 65 -1.77 3.48 -12.40
C ASP A 65 -1.06 3.14 -13.72
N PHE A 66 0.28 3.12 -13.69
CA PHE A 66 1.16 2.68 -14.79
C PHE A 66 0.75 1.31 -15.39
N ASP A 67 0.18 0.44 -14.55
CA ASP A 67 -0.48 -0.82 -14.93
C ASP A 67 -1.35 -1.26 -13.74
N GLY A 68 -0.76 -1.13 -12.55
CA GLY A 68 -1.41 -1.26 -11.26
C GLY A 68 -0.40 -1.08 -10.14
N THR A 69 -0.85 -0.47 -9.06
CA THR A 69 -0.17 -0.36 -7.76
C THR A 69 -1.21 -0.59 -6.66
N GLY A 70 -0.75 -0.90 -5.45
CA GLY A 70 -1.53 -0.92 -4.23
C GLY A 70 -1.84 0.46 -3.69
N ALA A 71 -2.91 1.10 -4.16
CA ALA A 71 -3.23 2.44 -3.68
C ALA A 71 -4.16 2.39 -2.45
N LEU A 72 -3.58 2.25 -1.25
CA LEU A 72 -4.25 2.08 0.05
C LEU A 72 -4.69 3.40 0.71
N GLU A 73 -5.66 3.36 1.61
CA GLU A 73 -6.16 4.53 2.37
C GLU A 73 -6.52 4.22 3.86
N PHE A 74 -6.34 5.21 4.74
CA PHE A 74 -6.85 5.21 6.13
C PHE A 74 -7.27 6.62 6.61
N PRO A 75 -8.18 6.76 7.59
CA PRO A 75 -8.48 8.01 8.29
C PRO A 75 -7.42 8.62 9.24
N SER A 76 -6.20 8.06 9.36
CA SER A 76 -5.22 8.48 10.40
C SER A 76 -3.80 8.27 9.89
N GLU A 77 -3.06 9.36 9.65
CA GLU A 77 -1.70 9.35 9.08
C GLU A 77 -0.69 8.47 9.82
N GLU A 78 -0.96 8.11 11.07
CA GLU A 78 -0.22 7.10 11.83
C GLU A 78 -0.03 5.81 11.02
N ILE A 79 -1.10 5.34 10.36
CA ILE A 79 -1.09 4.10 9.54
C ILE A 79 -0.31 4.30 8.21
N LEU A 80 -0.40 5.51 7.66
CA LEU A 80 0.34 5.91 6.47
C LEU A 80 1.86 5.83 6.74
N VAL A 81 2.30 6.48 7.83
CA VAL A 81 3.71 6.61 8.22
C VAL A 81 4.28 5.28 8.64
N GLU A 82 3.45 4.48 9.30
CA GLU A 82 3.70 3.09 9.57
C GLU A 82 4.12 2.41 8.26
N ALA A 83 3.24 2.28 7.27
CA ALA A 83 3.56 1.66 5.97
C ALA A 83 4.81 2.25 5.30
N LEU A 84 4.97 3.57 5.31
CA LEU A 84 6.12 4.26 4.70
C LEU A 84 7.44 3.88 5.39
N GLU A 85 7.36 3.44 6.64
CA GLU A 85 8.49 2.91 7.39
C GLU A 85 8.48 1.37 7.60
N ARG A 86 7.42 0.66 7.17
CA ARG A 86 7.20 -0.78 7.40
C ARG A 86 7.27 -1.58 6.11
N LEU A 87 6.95 -0.95 4.98
CA LEU A 87 6.74 -1.56 3.69
C LEU A 87 7.56 -0.89 2.57
N ASN A 88 8.42 0.09 2.84
CA ASN A 88 9.17 0.74 1.78
C ASN A 88 10.39 -0.07 1.30
N ASN A 89 10.25 -0.67 0.12
CA ASN A 89 11.19 -1.57 -0.55
C ASN A 89 11.45 -2.86 0.25
N ILE A 90 10.34 -3.48 0.67
CA ILE A 90 10.31 -4.77 1.39
C ILE A 90 10.07 -5.88 0.39
N GLU A 91 10.50 -7.10 0.74
CA GLU A 91 10.11 -8.27 -0.03
C GLU A 91 8.64 -8.64 0.30
N PHE A 92 7.76 -8.47 -0.68
CA PHE A 92 6.37 -8.92 -0.71
C PHE A 92 6.30 -10.44 -0.79
N ARG A 93 6.65 -11.06 0.32
CA ARG A 93 6.93 -12.49 0.56
C ARG A 93 8.08 -13.08 -0.30
N GLY A 94 8.06 -12.77 -1.60
CA GLY A 94 9.03 -13.08 -2.65
C GLY A 94 9.04 -12.06 -3.83
N SER A 95 8.02 -11.20 -3.99
CA SER A 95 8.10 -10.01 -4.86
C SER A 95 8.76 -8.94 -3.99
N VAL A 96 8.82 -7.68 -4.44
CA VAL A 96 9.16 -6.56 -3.54
C VAL A 96 8.23 -5.39 -3.85
N ILE A 97 7.97 -4.53 -2.87
CA ILE A 97 7.15 -3.33 -3.03
C ILE A 97 7.80 -2.15 -2.29
N THR A 98 7.69 -0.99 -2.93
CA THR A 98 8.12 0.34 -2.50
C THR A 98 6.84 1.13 -2.25
N VAL A 99 6.79 1.93 -1.19
CA VAL A 99 5.53 2.53 -0.74
C VAL A 99 5.70 3.99 -0.35
N GLU A 100 4.69 4.79 -0.66
CA GLU A 100 4.74 6.25 -0.49
C GLU A 100 3.35 6.87 -0.44
N ARG A 101 3.24 8.04 0.17
CA ARG A 101 2.05 8.89 0.08
C ARG A 101 1.80 9.27 -1.39
N ASP A 102 0.54 9.32 -1.80
CA ASP A 102 0.12 9.43 -3.21
C ASP A 102 -0.80 10.66 -3.48
N ASP A 103 -1.54 11.10 -2.47
CA ASP A 103 -2.32 12.35 -2.48
C ASP A 103 -1.70 13.44 -1.60
N ASN A 104 -0.43 13.25 -1.21
CA ASN A 104 0.41 14.11 -0.37
C ASN A 104 1.87 14.12 -0.91
N PRO A 25 -11.53 11.31 7.90
CA PRO A 25 -11.92 11.67 9.27
C PRO A 25 -10.88 12.59 9.98
N ALA A 26 -10.31 12.21 11.12
CA ALA A 26 -9.16 12.90 11.77
C ALA A 26 -7.98 13.09 10.77
N LYS A 27 -7.80 12.08 9.93
CA LYS A 27 -6.99 12.02 8.72
C LYS A 27 -7.81 11.22 7.68
N ARG A 28 -7.37 11.26 6.43
CA ARG A 28 -7.80 10.35 5.35
C ARG A 28 -6.74 10.35 4.25
N TYR A 29 -5.50 10.18 4.69
CA TYR A 29 -4.32 10.21 3.84
C TYR A 29 -4.43 9.21 2.67
N ARG A 30 -3.58 9.34 1.66
CA ARG A 30 -3.53 8.35 0.57
C ARG A 30 -2.09 8.17 0.12
N ILE A 31 -1.51 7.02 0.47
CA ILE A 31 -0.23 6.58 -0.09
C ILE A 31 -0.44 5.87 -1.41
N THR A 32 0.64 5.80 -2.18
CA THR A 32 0.84 5.01 -3.40
C THR A 32 1.93 3.98 -3.14
N MET A 33 1.79 2.83 -3.78
CA MET A 33 2.68 1.68 -3.67
C MET A 33 2.87 1.01 -5.03
N LYS A 34 4.13 0.86 -5.44
CA LYS A 34 4.54 0.30 -6.75
C LYS A 34 5.99 -0.03 -6.83
N ASN A 35 6.37 -0.75 -7.90
CA ASN A 35 7.71 -0.61 -8.41
C ASN A 35 7.95 -1.13 -9.84
N LEU A 36 7.83 -2.44 -10.06
CA LEU A 36 7.94 -3.12 -11.36
C LEU A 36 7.79 -4.65 -11.24
N PRO A 37 8.47 -5.32 -10.28
CA PRO A 37 8.48 -6.79 -10.13
C PRO A 37 7.13 -7.43 -9.77
N GLU A 38 6.07 -6.67 -9.50
CA GLU A 38 4.78 -7.18 -9.04
C GLU A 38 3.55 -6.92 -9.91
N GLY A 39 3.45 -5.75 -10.52
CA GLY A 39 2.22 -5.31 -11.13
C GLY A 39 0.98 -5.55 -10.25
N CYS A 40 1.11 -5.27 -8.95
CA CYS A 40 0.19 -5.67 -7.89
C CYS A 40 -1.29 -5.25 -8.08
N SER A 41 -2.20 -6.08 -7.55
CA SER A 41 -3.64 -5.80 -7.39
C SER A 41 -3.98 -5.60 -5.91
N TRP A 42 -5.22 -5.20 -5.56
CA TRP A 42 -5.58 -5.01 -4.15
C TRP A 42 -5.42 -6.30 -3.34
N GLN A 43 -5.59 -7.47 -3.94
CA GLN A 43 -5.38 -8.71 -3.22
C GLN A 43 -3.93 -8.97 -2.86
N ASP A 44 -3.04 -8.55 -3.75
CA ASP A 44 -1.63 -8.74 -3.57
C ASP A 44 -1.11 -7.83 -2.46
N LEU A 45 -1.49 -6.55 -2.58
CA LEU A 45 -1.10 -5.51 -1.66
C LEU A 45 -1.67 -5.69 -0.26
N LYS A 46 -2.94 -6.09 -0.17
CA LYS A 46 -3.57 -6.52 1.07
C LYS A 46 -2.78 -7.65 1.67
N ASP A 47 -2.53 -8.73 0.96
CA ASP A 47 -1.84 -9.87 1.58
C ASP A 47 -0.48 -9.50 2.12
N LEU A 48 0.33 -8.76 1.35
CA LEU A 48 1.56 -8.24 1.92
C LEU A 48 1.27 -7.34 3.11
N ALA A 49 0.37 -6.38 3.02
CA ALA A 49 0.03 -5.52 4.14
C ALA A 49 -0.37 -6.32 5.40
N ARG A 50 -1.03 -7.47 5.22
CA ARG A 50 -1.40 -8.39 6.32
C ARG A 50 -0.19 -9.19 6.82
N GLU A 51 0.87 -9.33 6.00
CA GLU A 51 2.22 -9.79 6.40
C GLU A 51 2.93 -8.78 7.30
N ASN A 52 2.73 -7.51 6.94
CA ASN A 52 3.46 -6.35 7.41
C ASN A 52 2.73 -5.58 8.54
N SER A 53 1.52 -6.01 8.90
CA SER A 53 0.70 -5.46 10.00
C SER A 53 0.24 -4.02 9.71
N LEU A 54 0.07 -3.72 8.42
CA LEU A 54 -0.42 -2.45 7.88
C LEU A 54 -1.87 -2.17 8.31
N GLU A 55 -2.69 -3.21 8.47
CA GLU A 55 -4.13 -3.20 8.69
C GLU A 55 -4.96 -2.43 7.66
N THR A 56 -4.82 -1.13 7.70
CA THR A 56 -5.48 -0.09 6.91
C THR A 56 -7.02 -0.23 6.80
N THR A 57 -7.66 0.54 5.90
CA THR A 57 -9.08 0.38 5.56
C THR A 57 -9.20 -0.24 4.18
N PHE A 58 -8.53 0.37 3.19
CA PHE A 58 -8.72 0.09 1.79
C PHE A 58 -7.61 0.66 0.90
N SER A 59 -7.57 0.19 -0.35
CA SER A 59 -6.75 0.74 -1.43
C SER A 59 -7.56 0.87 -2.72
N SER A 60 -7.07 1.70 -3.62
CA SER A 60 -7.51 1.84 -5.00
C SER A 60 -6.40 1.32 -5.91
N VAL A 61 -6.66 0.19 -6.58
CA VAL A 61 -5.68 -0.54 -7.40
C VAL A 61 -6.29 -0.91 -8.76
N ASN A 62 -5.44 -1.15 -9.76
CA ASN A 62 -5.75 -1.71 -11.09
C ASN A 62 -6.32 -0.68 -12.11
N THR A 63 -6.21 0.62 -11.84
CA THR A 63 -6.71 1.72 -12.69
C THR A 63 -6.31 1.57 -14.17
N ARG A 64 -5.02 1.26 -14.40
CA ARG A 64 -4.35 0.80 -15.64
C ARG A 64 -2.87 0.61 -15.33
N ASP A 65 -2.28 1.66 -14.74
CA ASP A 65 -0.94 1.67 -14.13
C ASP A 65 0.19 1.38 -15.13
N PHE A 66 1.40 1.08 -14.65
CA PHE A 66 2.45 0.49 -15.50
C PHE A 66 2.00 -0.92 -15.92
N ASP A 67 1.46 -1.66 -14.95
CA ASP A 67 0.80 -2.97 -15.03
C ASP A 67 -0.10 -3.17 -13.79
N GLY A 68 0.34 -2.65 -12.64
CA GLY A 68 -0.45 -2.51 -11.42
C GLY A 68 0.29 -1.75 -10.31
N THR A 69 -0.29 -0.64 -9.85
CA THR A 69 0.09 0.11 -8.64
C THR A 69 -1.16 0.30 -7.79
N GLY A 70 -1.01 0.40 -6.47
CA GLY A 70 -2.13 0.58 -5.56
C GLY A 70 -1.93 1.76 -4.64
N ALA A 71 -3.02 2.33 -4.13
CA ALA A 71 -2.97 3.51 -3.30
C ALA A 71 -3.89 3.38 -2.07
N LEU A 72 -3.29 3.22 -0.90
CA LEU A 72 -3.94 2.85 0.37
C LEU A 72 -4.37 4.11 1.15
N GLU A 73 -5.43 3.97 1.91
CA GLU A 73 -6.03 5.05 2.74
C GLU A 73 -6.38 4.60 4.17
N PHE A 74 -6.27 5.51 5.16
CA PHE A 74 -6.67 5.29 6.56
C PHE A 74 -7.10 6.57 7.31
N PRO A 75 -7.92 6.48 8.38
CA PRO A 75 -8.21 7.57 9.31
C PRO A 75 -7.07 8.04 10.24
N SER A 76 -5.89 7.39 10.26
CA SER A 76 -4.73 7.78 11.10
C SER A 76 -3.42 7.72 10.34
N GLU A 77 -2.77 8.87 10.21
CA GLU A 77 -1.40 8.97 9.70
C GLU A 77 -0.36 8.12 10.44
N GLU A 78 -0.68 7.59 11.62
CA GLU A 78 0.10 6.55 12.27
C GLU A 78 0.39 5.38 11.30
N ILE A 79 -0.65 4.92 10.59
CA ILE A 79 -0.59 3.82 9.61
C ILE A 79 0.12 4.23 8.30
N LEU A 80 -0.01 5.50 7.91
CA LEU A 80 0.74 6.09 6.80
C LEU A 80 2.24 5.98 7.03
N VAL A 81 2.70 6.51 8.17
CA VAL A 81 4.13 6.66 8.50
C VAL A 81 4.75 5.30 8.74
N GLU A 82 3.97 4.41 9.34
CA GLU A 82 4.27 3.01 9.40
C GLU A 82 4.61 2.52 7.98
N ALA A 83 3.65 2.42 7.05
CA ALA A 83 3.88 1.92 5.69
C ALA A 83 5.05 2.60 4.94
N LEU A 84 5.22 3.92 5.07
CA LEU A 84 6.33 4.68 4.48
C LEU A 84 7.68 4.27 5.05
N GLU A 85 7.70 3.78 6.29
CA GLU A 85 8.89 3.24 6.93
C GLU A 85 8.92 1.68 6.99
N ARG A 86 7.88 0.98 6.53
CA ARG A 86 7.67 -0.47 6.69
C ARG A 86 7.66 -1.20 5.36
N LEU A 87 7.24 -0.52 4.28
CA LEU A 87 7.06 -1.04 2.95
C LEU A 87 7.83 -0.25 1.87
N ASN A 88 8.59 0.79 2.24
CA ASN A 88 9.34 1.55 1.24
C ASN A 88 10.64 0.85 0.81
N ASN A 89 10.68 0.40 -0.44
CA ASN A 89 11.73 -0.38 -1.08
C ASN A 89 12.07 -1.68 -0.31
N ILE A 90 11.01 -2.40 0.10
CA ILE A 90 11.09 -3.73 0.76
C ILE A 90 10.89 -4.81 -0.30
N GLU A 91 11.45 -5.99 -0.07
CA GLU A 91 11.22 -7.15 -0.94
C GLU A 91 9.98 -7.94 -0.51
N PHE A 92 8.90 -7.68 -1.23
CA PHE A 92 7.61 -8.37 -1.24
C PHE A 92 7.75 -9.81 -1.74
N ARG A 93 8.15 -10.76 -0.88
CA ARG A 93 8.16 -12.21 -1.18
C ARG A 93 9.09 -12.68 -2.33
N GLY A 94 9.79 -11.76 -2.99
CA GLY A 94 10.53 -11.97 -4.24
C GLY A 94 10.31 -10.83 -5.25
N SER A 95 9.27 -10.01 -5.08
CA SER A 95 9.02 -8.76 -5.75
C SER A 95 9.56 -7.69 -4.80
N VAL A 96 9.53 -6.42 -5.16
CA VAL A 96 9.81 -5.31 -4.21
C VAL A 96 8.86 -4.16 -4.56
N ILE A 97 8.46 -3.38 -3.57
CA ILE A 97 7.59 -2.19 -3.70
C ILE A 97 8.27 -0.97 -3.05
N THR A 98 7.97 0.20 -3.59
CA THR A 98 8.36 1.52 -3.08
C THR A 98 7.06 2.25 -2.79
N VAL A 99 7.01 2.97 -1.67
CA VAL A 99 5.76 3.54 -1.16
C VAL A 99 5.96 4.93 -0.58
N GLU A 100 4.93 5.75 -0.74
CA GLU A 100 4.98 7.18 -0.42
C GLU A 100 3.59 7.77 -0.37
N ARG A 101 3.43 8.86 0.40
CA ARG A 101 2.20 9.65 0.33
C ARG A 101 2.00 10.28 -1.05
N ASP A 102 0.75 10.55 -1.37
CA ASP A 102 0.30 11.09 -2.65
C ASP A 102 -0.68 12.26 -2.50
N ASP A 103 -1.80 12.05 -1.79
CA ASP A 103 -2.75 13.11 -1.38
C ASP A 103 -2.30 13.75 -0.05
N ASN A 104 -2.03 12.89 0.93
CA ASN A 104 -1.53 13.16 2.27
C ASN A 104 -0.80 11.90 2.78
N PRO A 25 -11.37 11.75 8.16
CA PRO A 25 -11.98 12.13 9.45
C PRO A 25 -11.03 12.96 10.33
N ALA A 26 -10.61 12.46 11.52
CA ALA A 26 -9.55 13.05 12.35
C ALA A 26 -8.25 13.27 11.55
N LYS A 27 -7.96 12.31 10.66
CA LYS A 27 -6.97 12.32 9.58
C LYS A 27 -7.59 11.64 8.36
N ARG A 28 -6.91 11.78 7.23
CA ARG A 28 -7.04 10.99 6.00
C ARG A 28 -5.77 11.24 5.19
N TYR A 29 -5.29 10.26 4.44
CA TYR A 29 -3.94 10.33 3.88
C TYR A 29 -3.67 9.65 2.56
N ARG A 30 -4.46 8.61 2.29
CA ARG A 30 -4.44 7.72 1.14
C ARG A 30 -3.02 7.47 0.57
N ILE A 31 -2.29 6.49 1.09
CA ILE A 31 -1.00 6.07 0.53
C ILE A 31 -1.13 5.37 -0.82
N THR A 32 -0.03 5.37 -1.54
CA THR A 32 0.32 4.60 -2.75
C THR A 32 1.29 3.49 -2.40
N MET A 33 1.16 2.36 -3.08
CA MET A 33 2.01 1.19 -2.95
C MET A 33 2.25 0.52 -4.30
N LYS A 34 3.52 0.30 -4.64
CA LYS A 34 3.92 -0.29 -5.94
C LYS A 34 5.35 -0.75 -5.97
N ASN A 35 5.66 -1.44 -7.07
CA ASN A 35 6.98 -1.60 -7.65
C ASN A 35 6.96 -2.65 -8.80
N LEU A 36 7.94 -2.58 -9.71
CA LEU A 36 7.97 -3.30 -11.00
C LEU A 36 7.76 -4.84 -11.03
N PRO A 37 8.26 -5.67 -10.08
CA PRO A 37 8.13 -7.14 -10.14
C PRO A 37 6.75 -7.64 -9.66
N GLU A 38 5.67 -6.92 -10.02
CA GLU A 38 4.33 -7.09 -9.45
C GLU A 38 3.19 -6.75 -10.43
N GLY A 39 1.96 -7.00 -9.98
CA GLY A 39 0.70 -6.70 -10.65
C GLY A 39 -0.47 -7.02 -9.72
N CYS A 40 -0.33 -6.64 -8.44
CA CYS A 40 -1.19 -7.06 -7.33
C CYS A 40 -2.67 -6.65 -7.46
N SER A 41 -3.50 -7.28 -6.63
CA SER A 41 -4.92 -6.98 -6.37
C SER A 41 -5.15 -6.77 -4.86
N TRP A 42 -6.36 -6.34 -4.45
CA TRP A 42 -6.62 -6.07 -3.02
C TRP A 42 -6.43 -7.30 -2.14
N GLN A 43 -6.79 -8.50 -2.62
CA GLN A 43 -6.53 -9.73 -1.87
C GLN A 43 -5.05 -9.98 -1.57
N ASP A 44 -4.19 -9.51 -2.45
CA ASP A 44 -2.77 -9.75 -2.39
C ASP A 44 -2.12 -8.75 -1.44
N LEU A 45 -2.54 -7.49 -1.54
CA LEU A 45 -2.11 -6.46 -0.63
C LEU A 45 -2.69 -6.63 0.79
N LYS A 46 -3.90 -7.20 0.96
CA LYS A 46 -4.45 -7.70 2.24
C LYS A 46 -3.47 -8.71 2.80
N ASP A 47 -3.21 -9.77 2.06
CA ASP A 47 -2.30 -10.84 2.47
C ASP A 47 -0.96 -10.33 2.95
N LEU A 48 -0.25 -9.57 2.11
CA LEU A 48 1.00 -9.02 2.60
C LEU A 48 0.79 -8.15 3.82
N ALA A 49 -0.17 -7.22 3.81
CA ALA A 49 -0.40 -6.38 4.97
C ALA A 49 -0.56 -7.21 6.25
N ARG A 50 -1.24 -8.36 6.16
CA ARG A 50 -1.50 -9.24 7.30
C ARG A 50 -0.20 -9.95 7.73
N GLU A 51 0.72 -10.17 6.79
CA GLU A 51 2.12 -10.61 7.05
C GLU A 51 2.92 -9.61 7.88
N ASN A 52 2.73 -8.35 7.51
CA ASN A 52 3.55 -7.22 7.91
C ASN A 52 3.11 -6.48 9.19
N SER A 53 1.82 -6.57 9.52
CA SER A 53 1.08 -6.13 10.72
C SER A 53 0.02 -5.06 10.38
N LEU A 54 -0.13 -4.71 9.09
CA LEU A 54 -1.13 -3.75 8.63
C LEU A 54 -2.54 -4.32 8.62
N GLU A 55 -3.42 -3.36 8.58
CA GLU A 55 -4.83 -3.34 8.32
C GLU A 55 -5.18 -1.86 8.06
N THR A 56 -6.06 -1.55 7.11
CA THR A 56 -6.57 -0.18 6.90
C THR A 56 -8.10 -0.19 6.70
N THR A 57 -8.69 0.90 6.20
CA THR A 57 -10.11 0.93 5.80
C THR A 57 -10.29 0.07 4.55
N PHE A 58 -9.39 0.28 3.59
CA PHE A 58 -9.49 -0.19 2.21
C PHE A 58 -8.24 0.18 1.41
N SER A 59 -8.16 -0.36 0.19
CA SER A 59 -7.22 0.07 -0.84
C SER A 59 -7.84 0.04 -2.23
N SER A 60 -7.52 1.05 -3.04
CA SER A 60 -7.76 1.06 -4.48
C SER A 60 -6.67 0.23 -5.14
N VAL A 61 -7.01 -0.94 -5.68
CA VAL A 61 -6.13 -1.85 -6.45
C VAL A 61 -6.87 -2.39 -7.67
N ASN A 62 -6.14 -3.05 -8.58
CA ASN A 62 -6.57 -3.63 -9.87
C ASN A 62 -6.49 -2.61 -11.03
N THR A 63 -6.18 -1.33 -10.73
CA THR A 63 -5.90 -0.26 -11.69
C THR A 63 -4.84 -0.67 -12.72
N ARG A 64 -5.09 -0.45 -14.02
CA ARG A 64 -4.12 -0.61 -15.12
C ARG A 64 -3.10 0.55 -15.12
N ASP A 65 -2.31 0.59 -14.05
CA ASP A 65 -1.12 1.43 -13.84
C ASP A 65 0.05 0.93 -14.74
N PHE A 66 1.30 0.92 -14.26
CA PHE A 66 2.42 0.22 -14.90
C PHE A 66 2.01 -1.25 -15.21
N ASP A 67 1.27 -1.87 -14.27
CA ASP A 67 0.54 -3.13 -14.43
C ASP A 67 -0.48 -3.26 -13.29
N GLY A 68 -0.02 -3.19 -12.04
CA GLY A 68 -0.90 -3.19 -10.86
C GLY A 68 -0.22 -2.64 -9.61
N THR A 69 -0.86 -1.63 -9.05
CA THR A 69 -0.49 -0.84 -7.85
C THR A 69 -1.70 -0.74 -6.93
N GLY A 70 -1.43 -0.53 -5.63
CA GLY A 70 -2.45 -0.33 -4.60
C GLY A 70 -2.39 1.07 -4.01
N ALA A 71 -3.46 1.49 -3.35
CA ALA A 71 -3.49 2.76 -2.65
C ALA A 71 -4.45 2.73 -1.45
N LEU A 72 -3.89 2.60 -0.25
CA LEU A 72 -4.58 2.31 1.01
C LEU A 72 -5.02 3.60 1.69
N GLU A 73 -6.02 3.55 2.55
CA GLU A 73 -6.47 4.73 3.35
C GLU A 73 -6.89 4.41 4.80
N PHE A 74 -6.71 5.36 5.72
CA PHE A 74 -7.25 5.29 7.08
C PHE A 74 -7.62 6.68 7.67
N PRO A 75 -8.56 6.74 8.65
CA PRO A 75 -8.83 7.95 9.42
C PRO A 75 -7.71 8.38 10.40
N SER A 76 -6.56 7.71 10.46
CA SER A 76 -5.52 7.90 11.51
C SER A 76 -4.12 7.65 10.97
N GLU A 77 -3.28 8.70 10.96
CA GLU A 77 -1.90 8.64 10.44
C GLU A 77 -0.97 7.63 11.12
N GLU A 78 -1.36 7.07 12.25
CA GLU A 78 -0.65 5.93 12.87
C GLU A 78 -0.45 4.78 11.88
N ILE A 79 -1.53 4.40 11.16
CA ILE A 79 -1.55 3.30 10.20
C ILE A 79 -0.75 3.64 8.93
N LEU A 80 -0.80 4.92 8.53
CA LEU A 80 0.02 5.47 7.44
C LEU A 80 1.51 5.28 7.73
N VAL A 81 1.95 5.77 8.90
CA VAL A 81 3.37 5.85 9.28
C VAL A 81 3.93 4.47 9.49
N GLU A 82 3.10 3.59 10.03
CA GLU A 82 3.36 2.18 10.04
C GLU A 82 3.70 1.72 8.60
N ALA A 83 2.75 1.66 7.67
CA ALA A 83 3.04 1.18 6.30
C ALA A 83 4.24 1.88 5.61
N LEU A 84 4.47 3.17 5.84
CA LEU A 84 5.62 3.92 5.30
C LEU A 84 6.95 3.49 5.91
N GLU A 85 6.93 2.95 7.11
CA GLU A 85 8.10 2.33 7.74
C GLU A 85 8.12 0.79 7.66
N ARG A 86 7.03 0.13 7.23
CA ARG A 86 6.82 -1.32 7.33
C ARG A 86 6.81 -1.96 5.96
N LEU A 87 6.24 -1.28 4.97
CA LEU A 87 6.03 -1.72 3.62
C LEU A 87 6.90 -0.98 2.60
N ASN A 88 7.77 -0.05 3.04
CA ASN A 88 8.58 0.74 2.13
C ASN A 88 9.90 0.05 1.74
N ASN A 89 9.99 -0.31 0.46
CA ASN A 89 11.10 -1.04 -0.17
C ASN A 89 11.41 -2.38 0.54
N ILE A 90 10.33 -3.14 0.83
CA ILE A 90 10.35 -4.48 1.46
C ILE A 90 9.95 -5.53 0.46
N GLU A 91 10.58 -6.70 0.55
CA GLU A 91 10.24 -7.86 -0.27
C GLU A 91 8.87 -8.43 0.13
N PHE A 92 7.92 -8.28 -0.78
CA PHE A 92 6.60 -8.89 -0.78
C PHE A 92 6.72 -10.37 -1.16
N ARG A 93 7.31 -11.19 -0.29
CA ARG A 93 7.39 -12.66 -0.36
C ARG A 93 7.86 -13.25 -1.71
N GLY A 94 8.56 -12.47 -2.53
CA GLY A 94 8.87 -12.79 -3.93
C GLY A 94 8.86 -11.58 -4.87
N SER A 95 8.07 -10.55 -4.57
CA SER A 95 8.10 -9.24 -5.22
C SER A 95 8.74 -8.28 -4.20
N VAL A 96 8.71 -6.99 -4.42
CA VAL A 96 9.03 -5.96 -3.41
C VAL A 96 8.14 -4.76 -3.73
N ILE A 97 7.73 -4.01 -2.72
CA ILE A 97 6.93 -2.77 -2.85
C ILE A 97 7.64 -1.60 -2.20
N THR A 98 7.32 -0.41 -2.70
CA THR A 98 7.72 0.90 -2.21
C THR A 98 6.44 1.66 -1.97
N VAL A 99 6.36 2.37 -0.85
CA VAL A 99 5.11 2.97 -0.38
C VAL A 99 5.32 4.33 0.23
N GLU A 100 4.33 5.19 0.00
CA GLU A 100 4.35 6.58 0.46
C GLU A 100 2.95 7.16 0.47
N ARG A 101 2.74 8.20 1.28
CA ARG A 101 1.52 9.00 1.21
C ARG A 101 1.31 9.58 -0.18
N ASP A 102 0.07 9.97 -0.43
CA ASP A 102 -0.34 10.51 -1.74
C ASP A 102 -1.38 11.64 -1.66
N ASP A 103 -2.45 11.48 -0.87
CA ASP A 103 -3.45 12.55 -0.65
C ASP A 103 -3.03 13.56 0.44
N ASN A 104 -2.10 13.19 1.35
CA ASN A 104 -1.59 14.05 2.44
C ASN A 104 -0.07 14.28 2.32
N PRO A 25 -11.51 12.26 8.39
CA PRO A 25 -11.68 12.59 9.83
C PRO A 25 -10.48 13.39 10.39
N ALA A 26 -9.88 12.99 11.52
CA ALA A 26 -8.60 13.53 12.02
C ALA A 26 -7.50 13.49 10.92
N LYS A 27 -7.53 12.42 10.15
CA LYS A 27 -6.87 12.20 8.86
C LYS A 27 -7.84 11.44 7.95
N ARG A 28 -7.44 11.24 6.70
CA ARG A 28 -8.08 10.37 5.69
C ARG A 28 -7.16 10.12 4.50
N TYR A 29 -5.86 10.03 4.79
CA TYR A 29 -4.78 10.00 3.81
C TYR A 29 -4.96 8.90 2.76
N ARG A 30 -4.20 9.02 1.68
CA ARG A 30 -4.05 7.98 0.67
C ARG A 30 -2.56 7.80 0.34
N ILE A 31 -2.09 6.56 0.30
CA ILE A 31 -0.73 6.18 -0.14
C ILE A 31 -0.80 5.36 -1.41
N THR A 32 0.31 5.29 -2.13
CA THR A 32 0.54 4.45 -3.33
C THR A 32 1.62 3.43 -3.04
N MET A 33 1.51 2.27 -3.68
CA MET A 33 2.37 1.12 -3.51
C MET A 33 2.64 0.39 -4.84
N LYS A 34 3.89 0.41 -5.31
CA LYS A 34 4.37 -0.26 -6.53
C LYS A 34 5.85 -0.49 -6.52
N ASN A 35 6.31 -1.39 -7.40
CA ASN A 35 7.70 -1.34 -7.87
C ASN A 35 8.05 -2.37 -8.95
N LEU A 36 8.00 -3.66 -8.61
CA LEU A 36 8.35 -4.77 -9.52
C LEU A 36 7.29 -4.91 -10.63
N PRO A 37 7.58 -5.52 -11.81
CA PRO A 37 6.59 -5.93 -12.81
C PRO A 37 5.51 -6.89 -12.26
N GLU A 38 4.57 -6.31 -11.52
CA GLU A 38 3.50 -6.88 -10.70
C GLU A 38 2.24 -6.06 -10.98
N GLY A 39 1.08 -6.66 -10.75
CA GLY A 39 -0.21 -5.98 -10.78
C GLY A 39 -1.10 -6.27 -9.58
N CYS A 40 -0.67 -7.22 -8.73
CA CYS A 40 -1.32 -7.72 -7.51
C CYS A 40 -2.88 -7.79 -7.62
N SER A 41 -3.58 -7.48 -6.52
CA SER A 41 -5.02 -7.26 -6.36
C SER A 41 -5.24 -6.69 -4.96
N TRP A 42 -6.44 -6.17 -4.64
CA TRP A 42 -6.67 -5.75 -3.25
C TRP A 42 -6.52 -6.91 -2.28
N GLN A 43 -7.04 -8.10 -2.62
CA GLN A 43 -6.83 -9.27 -1.76
C GLN A 43 -5.37 -9.58 -1.43
N ASP A 44 -4.48 -9.25 -2.36
CA ASP A 44 -3.08 -9.61 -2.30
C ASP A 44 -2.28 -8.58 -1.51
N LEU A 45 -2.57 -7.30 -1.73
CA LEU A 45 -1.98 -6.21 -0.96
C LEU A 45 -2.55 -6.11 0.45
N LYS A 46 -3.78 -6.57 0.69
CA LYS A 46 -4.40 -6.78 2.01
C LYS A 46 -3.62 -7.88 2.67
N ASP A 47 -3.40 -8.99 1.98
CA ASP A 47 -2.54 -10.03 2.52
C ASP A 47 -1.16 -9.48 2.90
N LEU A 48 -0.45 -8.81 2.00
CA LEU A 48 0.82 -8.17 2.37
C LEU A 48 0.67 -7.22 3.54
N ALA A 49 -0.24 -6.26 3.50
CA ALA A 49 -0.44 -5.29 4.56
C ALA A 49 -0.62 -5.97 5.92
N ARG A 50 -1.38 -7.06 5.93
CA ARG A 50 -1.61 -7.89 7.12
C ARG A 50 -0.40 -8.77 7.47
N GLU A 51 0.52 -9.05 6.53
CA GLU A 51 1.88 -9.59 6.79
C GLU A 51 2.72 -8.60 7.61
N ASN A 52 2.50 -7.33 7.27
CA ASN A 52 3.29 -6.17 7.62
C ASN A 52 2.73 -5.32 8.78
N SER A 53 1.55 -5.69 9.28
CA SER A 53 0.86 -5.16 10.47
C SER A 53 0.01 -3.91 10.18
N LEU A 54 -0.15 -3.55 8.90
CA LEU A 54 -1.15 -2.57 8.49
C LEU A 54 -2.53 -3.20 8.71
N GLU A 55 -3.47 -2.31 8.97
CA GLU A 55 -4.90 -2.54 8.97
C GLU A 55 -5.59 -1.26 8.51
N THR A 56 -5.31 -0.95 7.26
CA THR A 56 -5.92 0.13 6.49
C THR A 56 -7.41 -0.15 6.23
N THR A 57 -8.14 0.87 5.78
CA THR A 57 -9.57 0.76 5.43
C THR A 57 -9.73 -0.05 4.16
N PHE A 58 -8.93 0.31 3.14
CA PHE A 58 -9.10 -0.13 1.76
C PHE A 58 -7.90 0.25 0.90
N SER A 59 -7.89 -0.24 -0.34
CA SER A 59 -6.96 0.20 -1.39
C SER A 59 -7.60 0.19 -2.77
N SER A 60 -7.17 1.13 -3.60
CA SER A 60 -7.43 1.19 -5.04
C SER A 60 -6.41 0.27 -5.76
N VAL A 61 -6.87 -0.85 -6.33
CA VAL A 61 -6.05 -1.85 -7.05
C VAL A 61 -6.78 -2.31 -8.34
N ASN A 62 -6.08 -3.06 -9.20
CA ASN A 62 -6.56 -3.67 -10.46
C ASN A 62 -6.85 -2.69 -11.62
N THR A 63 -6.74 -1.38 -11.40
CA THR A 63 -6.69 -0.37 -12.47
C THR A 63 -5.38 -0.55 -13.26
N ARG A 64 -5.38 -0.33 -14.59
CA ARG A 64 -4.24 -0.63 -15.49
C ARG A 64 -3.15 0.46 -15.45
N ASP A 65 -2.72 0.78 -14.24
CA ASP A 65 -1.82 1.87 -13.81
C ASP A 65 -0.50 1.97 -14.61
N PHE A 66 0.10 0.81 -14.84
CA PHE A 66 1.25 0.50 -15.70
C PHE A 66 1.13 -1.01 -16.04
N ASP A 67 0.74 -1.76 -15.00
CA ASP A 67 0.25 -3.14 -14.98
C ASP A 67 -0.74 -3.17 -13.80
N GLY A 68 -0.27 -2.73 -12.63
CA GLY A 68 -1.10 -2.39 -11.47
C GLY A 68 -0.29 -2.09 -10.21
N THR A 69 -0.64 -0.97 -9.59
CA THR A 69 -0.18 -0.54 -8.27
C THR A 69 -1.36 -0.70 -7.29
N GLY A 70 -1.09 -0.52 -6.01
CA GLY A 70 -2.13 -0.36 -5.00
C GLY A 70 -2.11 1.06 -4.47
N ALA A 71 -3.23 1.54 -3.95
CA ALA A 71 -3.23 2.83 -3.26
C ALA A 71 -4.20 2.83 -2.05
N LEU A 72 -3.62 2.66 -0.86
CA LEU A 72 -4.29 2.38 0.41
C LEU A 72 -4.84 3.68 1.05
N GLU A 73 -5.74 3.55 2.02
CA GLU A 73 -6.28 4.68 2.83
C GLU A 73 -6.51 4.33 4.32
N PHE A 74 -6.40 5.33 5.22
CA PHE A 74 -6.88 5.24 6.61
C PHE A 74 -7.30 6.61 7.19
N PRO A 75 -8.23 6.66 8.18
CA PRO A 75 -8.54 7.85 8.96
C PRO A 75 -7.46 8.31 9.98
N SER A 76 -6.31 7.61 10.12
CA SER A 76 -5.18 8.09 10.92
C SER A 76 -3.85 7.89 10.23
N GLU A 77 -3.05 8.96 10.13
CA GLU A 77 -1.68 8.92 9.63
C GLU A 77 -0.75 7.92 10.34
N GLU A 78 -1.15 7.39 11.49
CA GLU A 78 -0.50 6.26 12.15
C GLU A 78 -0.21 5.12 11.15
N ILE A 79 -1.24 4.69 10.40
CA ILE A 79 -1.19 3.57 9.44
C ILE A 79 -0.43 3.97 8.15
N LEU A 80 -0.46 5.27 7.79
CA LEU A 80 0.34 5.85 6.71
C LEU A 80 1.84 5.73 7.03
N VAL A 81 2.24 6.24 8.20
CA VAL A 81 3.64 6.37 8.62
C VAL A 81 4.24 5.01 8.85
N GLU A 82 3.42 4.11 9.40
CA GLU A 82 3.73 2.72 9.41
C GLU A 82 4.08 2.27 7.99
N ALA A 83 3.15 2.23 7.04
CA ALA A 83 3.43 1.72 5.68
C ALA A 83 4.68 2.36 5.03
N LEU A 84 4.85 3.66 5.18
CA LEU A 84 5.99 4.44 4.65
C LEU A 84 7.32 4.04 5.28
N GLU A 85 7.28 3.50 6.50
CA GLU A 85 8.45 2.90 7.13
C GLU A 85 8.46 1.36 7.10
N ARG A 86 7.39 0.67 6.67
CA ARG A 86 7.17 -0.78 6.83
C ARG A 86 7.19 -1.51 5.49
N LEU A 87 6.81 -0.82 4.41
CA LEU A 87 6.66 -1.33 3.06
C LEU A 87 7.49 -0.54 2.04
N ASN A 88 8.25 0.48 2.45
CA ASN A 88 9.08 1.25 1.50
C ASN A 88 10.26 0.42 0.96
N ASN A 89 10.03 -0.15 -0.23
CA ASN A 89 10.97 -0.93 -1.04
C ASN A 89 11.28 -2.28 -0.36
N ILE A 90 10.20 -3.04 -0.14
CA ILE A 90 10.17 -4.37 0.51
C ILE A 90 9.80 -5.43 -0.48
N GLU A 91 10.33 -6.63 -0.28
CA GLU A 91 9.94 -7.79 -1.04
C GLU A 91 8.64 -8.41 -0.50
N PHE A 92 7.72 -8.54 -1.44
CA PHE A 92 6.31 -8.93 -1.31
C PHE A 92 6.11 -10.38 -1.74
N ARG A 93 6.37 -11.33 -0.82
CA ARG A 93 6.28 -12.78 -1.04
C ARG A 93 6.92 -13.30 -2.35
N GLY A 94 7.85 -12.55 -2.93
CA GLY A 94 8.46 -12.81 -4.24
C GLY A 94 8.41 -11.63 -5.25
N SER A 95 7.57 -10.60 -5.06
CA SER A 95 7.61 -9.35 -5.83
C SER A 95 8.31 -8.32 -4.95
N VAL A 96 8.28 -7.03 -5.26
CA VAL A 96 8.70 -5.97 -4.32
C VAL A 96 7.86 -4.74 -4.60
N ILE A 97 7.56 -3.96 -3.56
CA ILE A 97 6.83 -2.70 -3.62
C ILE A 97 7.59 -1.61 -2.87
N THR A 98 7.47 -0.40 -3.38
CA THR A 98 7.91 0.87 -2.79
C THR A 98 6.64 1.69 -2.54
N VAL A 99 6.61 2.40 -1.42
CA VAL A 99 5.37 3.05 -0.96
C VAL A 99 5.60 4.46 -0.48
N GLU A 100 4.55 5.26 -0.59
CA GLU A 100 4.62 6.71 -0.34
C GLU A 100 3.25 7.37 -0.26
N ARG A 101 3.20 8.48 0.47
CA ARG A 101 2.08 9.44 0.52
C ARG A 101 1.71 9.91 -0.89
N ASP A 102 0.41 9.97 -1.17
CA ASP A 102 -0.17 10.20 -2.49
C ASP A 102 -1.21 11.35 -2.56
N ASP A 103 -1.78 11.75 -1.41
CA ASP A 103 -2.69 12.92 -1.30
C ASP A 103 -2.27 13.93 -0.21
N ASN A 104 -1.06 13.75 0.35
CA ASN A 104 -0.41 14.58 1.37
C ASN A 104 1.04 14.88 0.97
N PRO A 25 -11.52 12.38 8.87
CA PRO A 25 -10.98 12.50 10.24
C PRO A 25 -9.60 13.19 10.31
N ALA A 26 -8.69 12.72 11.17
CA ALA A 26 -7.37 13.31 11.46
C ALA A 26 -6.49 13.63 10.23
N LYS A 27 -6.60 12.82 9.16
CA LYS A 27 -5.92 13.05 7.86
C LYS A 27 -6.75 12.68 6.65
N ARG A 28 -7.35 11.50 6.74
CA ARG A 28 -7.96 10.71 5.66
C ARG A 28 -7.14 10.75 4.35
N TYR A 29 -5.88 10.37 4.49
CA TYR A 29 -4.86 10.30 3.44
C TYR A 29 -5.16 9.24 2.38
N ARG A 30 -4.29 9.20 1.37
CA ARG A 30 -4.21 8.10 0.42
C ARG A 30 -2.73 7.88 0.05
N ILE A 31 -2.26 6.62 0.04
CA ILE A 31 -0.89 6.23 -0.34
C ILE A 31 -0.89 5.34 -1.57
N THR A 32 0.27 5.21 -2.20
CA THR A 32 0.64 4.28 -3.28
C THR A 32 1.57 3.23 -2.70
N MET A 33 1.32 1.99 -3.13
CA MET A 33 2.17 0.84 -2.85
C MET A 33 2.39 0.13 -4.18
N LYS A 34 3.65 0.14 -4.60
CA LYS A 34 4.05 -0.05 -5.97
C LYS A 34 5.49 -0.46 -6.09
N ASN A 35 5.85 -1.10 -7.19
CA ASN A 35 7.21 -1.27 -7.65
C ASN A 35 7.18 -2.15 -8.93
N LEU A 36 8.21 -2.11 -9.79
CA LEU A 36 8.18 -2.73 -11.14
C LEU A 36 7.88 -4.26 -11.15
N PRO A 37 8.54 -5.12 -10.37
CA PRO A 37 8.16 -6.54 -10.23
C PRO A 37 6.92 -6.77 -9.33
N GLU A 38 5.77 -6.26 -9.77
CA GLU A 38 4.44 -6.54 -9.21
C GLU A 38 3.33 -6.42 -10.30
N GLY A 39 2.12 -6.83 -9.93
CA GLY A 39 0.87 -6.71 -10.67
C GLY A 39 -0.33 -6.97 -9.73
N CYS A 40 -0.20 -6.49 -8.50
CA CYS A 40 -1.02 -6.78 -7.31
C CYS A 40 -2.55 -6.69 -7.45
N SER A 41 -3.22 -7.33 -6.49
CA SER A 41 -4.67 -7.26 -6.25
C SER A 41 -4.92 -6.79 -4.81
N TRP A 42 -6.13 -6.32 -4.49
CA TRP A 42 -6.41 -5.89 -3.11
C TRP A 42 -6.23 -7.02 -2.11
N GLN A 43 -6.69 -8.23 -2.41
CA GLN A 43 -6.48 -9.36 -1.49
C GLN A 43 -5.03 -9.64 -1.14
N ASP A 44 -4.14 -9.34 -2.07
CA ASP A 44 -2.71 -9.58 -1.95
C ASP A 44 -2.10 -8.51 -1.04
N LEU A 45 -2.41 -7.26 -1.34
CA LEU A 45 -1.91 -6.14 -0.57
C LEU A 45 -2.46 -6.11 0.86
N LYS A 46 -3.74 -6.42 1.04
CA LYS A 46 -4.36 -6.71 2.35
C LYS A 46 -3.54 -7.74 3.06
N ASP A 47 -3.38 -8.93 2.49
CA ASP A 47 -2.64 -10.02 3.13
C ASP A 47 -1.30 -9.56 3.68
N LEU A 48 -0.46 -8.98 2.82
CA LEU A 48 0.79 -8.46 3.32
C LEU A 48 0.58 -7.39 4.40
N ALA A 49 -0.30 -6.44 4.20
CA ALA A 49 -0.59 -5.44 5.22
C ALA A 49 -0.90 -6.04 6.60
N ARG A 50 -1.66 -7.15 6.64
CA ARG A 50 -1.95 -7.89 7.89
C ARG A 50 -0.70 -8.58 8.44
N GLU A 51 0.22 -9.00 7.57
CA GLU A 51 1.57 -9.48 7.92
C GLU A 51 2.44 -8.44 8.61
N ASN A 52 2.25 -7.20 8.19
CA ASN A 52 3.18 -6.13 8.43
C ASN A 52 2.86 -5.19 9.60
N SER A 53 1.59 -4.77 9.76
CA SER A 53 1.03 -3.88 10.81
C SER A 53 -0.19 -3.09 10.34
N LEU A 54 -0.48 -3.08 9.04
CA LEU A 54 -1.49 -2.20 8.47
C LEU A 54 -2.87 -2.80 8.73
N GLU A 55 -3.78 -1.87 8.94
CA GLU A 55 -5.21 -2.05 9.17
C GLU A 55 -5.99 -0.89 8.55
N THR A 56 -5.53 -0.56 7.35
CA THR A 56 -6.06 0.47 6.46
C THR A 56 -7.54 0.22 6.12
N THR A 57 -8.30 1.26 5.80
CA THR A 57 -9.75 1.17 5.51
C THR A 57 -10.00 0.43 4.21
N PHE A 58 -9.30 0.85 3.16
CA PHE A 58 -9.58 0.47 1.78
C PHE A 58 -8.41 0.74 0.84
N SER A 59 -8.55 0.26 -0.40
CA SER A 59 -7.51 0.30 -1.43
C SER A 59 -8.06 0.63 -2.83
N SER A 60 -7.16 0.87 -3.77
CA SER A 60 -7.43 0.97 -5.22
C SER A 60 -6.34 0.20 -5.97
N VAL A 61 -6.64 -1.03 -6.36
CA VAL A 61 -5.71 -2.02 -6.96
C VAL A 61 -6.36 -2.72 -8.15
N ASN A 62 -5.68 -3.72 -8.74
CA ASN A 62 -6.06 -4.47 -9.96
C ASN A 62 -5.94 -3.61 -11.25
N THR A 63 -6.06 -2.29 -11.13
CA THR A 63 -5.78 -1.28 -12.14
C THR A 63 -4.34 -1.38 -12.66
N ARG A 64 -4.16 -1.48 -13.99
CA ARG A 64 -2.83 -1.54 -14.64
C ARG A 64 -2.15 -0.16 -14.69
N ASP A 65 -1.72 0.33 -13.52
CA ASP A 65 -0.94 1.57 -13.35
C ASP A 65 0.34 1.58 -14.22
N PHE A 66 0.92 0.38 -14.36
CA PHE A 66 1.96 -0.04 -15.29
C PHE A 66 1.71 -1.53 -15.63
N ASP A 67 1.29 -2.29 -14.60
CA ASP A 67 0.74 -3.65 -14.63
C ASP A 67 -0.04 -3.89 -13.33
N GLY A 68 0.41 -3.28 -12.21
CA GLY A 68 -0.38 -3.19 -11.00
C GLY A 68 0.36 -2.62 -9.78
N THR A 69 -0.26 -1.61 -9.21
CA THR A 69 0.02 -0.96 -7.92
C THR A 69 -1.28 -0.89 -7.14
N GLY A 70 -1.19 -0.65 -5.83
CA GLY A 70 -2.36 -0.49 -4.98
C GLY A 70 -2.26 0.72 -4.10
N ALA A 71 -3.33 1.50 -4.07
CA ALA A 71 -3.34 2.78 -3.40
C ALA A 71 -4.31 2.76 -2.21
N LEU A 72 -3.76 2.76 -0.99
CA LEU A 72 -4.43 2.51 0.29
C LEU A 72 -4.92 3.80 0.95
N GLU A 73 -5.82 3.67 1.92
CA GLU A 73 -6.37 4.79 2.72
C GLU A 73 -6.55 4.47 4.21
N PHE A 74 -6.40 5.47 5.08
CA PHE A 74 -6.85 5.41 6.47
C PHE A 74 -7.27 6.81 6.98
N PRO A 75 -8.25 6.93 7.91
CA PRO A 75 -8.56 8.19 8.59
C PRO A 75 -7.40 8.87 9.34
N SER A 76 -6.35 8.14 9.75
CA SER A 76 -5.25 8.69 10.56
C SER A 76 -3.88 8.46 9.95
N GLU A 77 -3.08 9.51 9.86
CA GLU A 77 -1.70 9.45 9.37
C GLU A 77 -0.81 8.41 10.07
N GLU A 78 -1.19 7.97 11.26
CA GLU A 78 -0.61 6.84 11.96
C GLU A 78 -0.32 5.64 11.02
N ILE A 79 -1.34 5.16 10.30
CA ILE A 79 -1.26 3.98 9.41
C ILE A 79 -0.47 4.29 8.12
N LEU A 80 -0.52 5.54 7.67
CA LEU A 80 0.27 6.03 6.55
C LEU A 80 1.76 5.98 6.88
N VAL A 81 2.14 6.57 8.02
CA VAL A 81 3.53 6.74 8.46
C VAL A 81 4.14 5.40 8.79
N GLU A 82 3.31 4.54 9.38
CA GLU A 82 3.60 3.14 9.52
C GLU A 82 4.02 2.59 8.15
N ALA A 83 3.12 2.45 7.17
CA ALA A 83 3.48 1.88 5.86
C ALA A 83 4.74 2.51 5.23
N LEU A 84 4.88 3.83 5.29
CA LEU A 84 6.02 4.60 4.76
C LEU A 84 7.33 4.24 5.46
N GLU A 85 7.26 3.74 6.68
CA GLU A 85 8.40 3.17 7.40
C GLU A 85 8.41 1.63 7.48
N ARG A 86 7.36 0.91 7.04
CA ARG A 86 7.14 -0.52 7.30
C ARG A 86 7.15 -1.36 6.04
N LEU A 87 6.72 -0.79 4.91
CA LEU A 87 6.59 -1.39 3.61
C LEU A 87 7.39 -0.64 2.54
N ASN A 88 8.18 0.38 2.89
CA ASN A 88 8.94 1.15 1.91
C ASN A 88 10.19 0.42 1.43
N ASN A 89 10.03 -0.28 0.31
CA ASN A 89 11.02 -1.12 -0.36
C ASN A 89 11.37 -2.37 0.44
N ILE A 90 10.33 -3.19 0.62
CA ILE A 90 10.33 -4.46 1.36
C ILE A 90 10.04 -5.60 0.40
N GLU A 91 10.58 -6.79 0.66
CA GLU A 91 10.23 -7.99 -0.08
C GLU A 91 8.91 -8.60 0.42
N PHE A 92 7.90 -8.49 -0.42
CA PHE A 92 6.60 -9.14 -0.31
C PHE A 92 6.70 -10.64 -0.67
N ARG A 93 7.36 -11.39 0.22
CA ARG A 93 7.60 -12.85 0.18
C ARG A 93 8.21 -13.45 -1.10
N GLY A 94 8.55 -12.62 -2.09
CA GLY A 94 8.90 -13.03 -3.46
C GLY A 94 8.76 -11.88 -4.45
N SER A 95 7.88 -10.90 -4.20
CA SER A 95 7.83 -9.64 -4.90
C SER A 95 8.51 -8.63 -3.97
N VAL A 96 8.52 -7.36 -4.32
CA VAL A 96 8.91 -6.27 -3.40
C VAL A 96 8.04 -5.06 -3.75
N ILE A 97 7.71 -4.23 -2.76
CA ILE A 97 6.93 -2.99 -2.90
C ILE A 97 7.64 -1.83 -2.21
N THR A 98 7.58 -0.68 -2.85
CA THR A 98 7.95 0.65 -2.37
C THR A 98 6.65 1.40 -2.07
N VAL A 99 6.61 2.24 -1.04
CA VAL A 99 5.35 2.88 -0.61
C VAL A 99 5.57 4.33 -0.21
N GLU A 100 4.58 5.15 -0.51
CA GLU A 100 4.65 6.61 -0.36
C GLU A 100 3.28 7.26 -0.44
N ARG A 101 3.16 8.44 0.15
CA ARG A 101 1.94 9.25 0.08
C ARG A 101 1.52 9.61 -1.35
N ASP A 102 0.22 9.75 -1.57
CA ASP A 102 -0.38 9.88 -2.92
C ASP A 102 -1.47 10.96 -2.99
N ASP A 103 -2.22 11.21 -1.92
CA ASP A 103 -3.05 12.42 -1.79
C ASP A 103 -2.18 13.65 -1.40
N ASN A 104 -0.87 13.42 -1.21
CA ASN A 104 0.10 14.32 -0.60
C ASN A 104 1.52 14.12 -1.18
N PRO A 25 -11.20 11.66 6.30
CA PRO A 25 -12.01 11.84 7.53
C PRO A 25 -11.33 12.77 8.55
N ALA A 26 -10.86 12.28 9.72
CA ALA A 26 -9.99 13.05 10.65
C ALA A 26 -8.71 13.53 9.93
N LYS A 27 -8.14 12.59 9.17
CA LYS A 27 -7.14 12.75 8.11
C LYS A 27 -7.74 12.05 6.90
N ARG A 28 -7.37 12.46 5.70
CA ARG A 28 -7.61 11.68 4.51
C ARG A 28 -6.33 11.65 3.71
N TYR A 29 -5.99 10.46 3.25
CA TYR A 29 -4.78 10.23 2.51
C TYR A 29 -4.98 9.01 1.62
N ARG A 30 -4.08 8.89 0.65
CA ARG A 30 -3.88 7.71 -0.19
C ARG A 30 -2.37 7.56 -0.35
N ILE A 31 -1.88 6.33 -0.21
CA ILE A 31 -0.50 5.97 -0.58
C ILE A 31 -0.52 5.15 -1.84
N THR A 32 0.58 5.20 -2.56
CA THR A 32 1.02 4.41 -3.70
C THR A 32 1.81 3.24 -3.13
N MET A 33 1.60 2.03 -3.68
CA MET A 33 2.39 0.83 -3.42
C MET A 33 2.61 0.13 -4.75
N LYS A 34 3.82 0.29 -5.23
CA LYS A 34 4.21 0.12 -6.61
C LYS A 34 5.66 -0.26 -6.75
N ASN A 35 6.01 -0.84 -7.89
CA ASN A 35 7.37 -0.93 -8.37
C ASN A 35 7.34 -1.57 -9.79
N LEU A 36 8.43 -1.52 -10.57
CA LEU A 36 8.43 -2.06 -11.94
C LEU A 36 8.26 -3.60 -11.96
N PRO A 37 9.11 -4.41 -11.31
CA PRO A 37 8.86 -5.83 -11.08
C PRO A 37 7.85 -6.07 -9.94
N GLU A 38 6.56 -5.84 -10.26
CA GLU A 38 5.30 -6.19 -9.58
C GLU A 38 4.48 -5.03 -8.95
N GLY A 39 3.15 -5.21 -9.00
CA GLY A 39 2.13 -4.40 -8.33
C GLY A 39 0.97 -5.21 -7.72
N CYS A 40 0.97 -6.54 -7.87
CA CYS A 40 -0.03 -7.50 -7.38
C CYS A 40 -1.50 -7.07 -7.63
N SER A 41 -2.37 -7.29 -6.64
CA SER A 41 -3.82 -7.09 -6.62
C SER A 41 -4.24 -6.76 -5.19
N TRP A 42 -5.48 -6.32 -4.94
CA TRP A 42 -5.83 -5.93 -3.56
C TRP A 42 -5.67 -7.05 -2.55
N GLN A 43 -6.21 -8.25 -2.79
CA GLN A 43 -6.11 -9.32 -1.80
C GLN A 43 -4.68 -9.79 -1.49
N ASP A 44 -3.78 -9.57 -2.45
CA ASP A 44 -2.36 -9.86 -2.33
C ASP A 44 -1.63 -8.79 -1.52
N LEU A 45 -1.96 -7.51 -1.76
CA LEU A 45 -1.46 -6.37 -1.02
C LEU A 45 -2.00 -6.27 0.40
N LYS A 46 -3.23 -6.73 0.64
CA LYS A 46 -3.84 -7.00 1.95
C LYS A 46 -2.98 -8.04 2.60
N ASP A 47 -2.71 -9.15 1.93
CA ASP A 47 -1.82 -10.15 2.51
C ASP A 47 -0.47 -9.60 2.91
N LEU A 48 0.24 -8.88 2.04
CA LEU A 48 1.48 -8.23 2.47
C LEU A 48 1.25 -7.26 3.61
N ALA A 49 0.29 -6.35 3.52
CA ALA A 49 0.04 -5.38 4.57
C ALA A 49 -0.19 -6.06 5.94
N ARG A 50 -0.89 -7.19 5.92
CA ARG A 50 -1.12 -8.09 7.06
C ARG A 50 0.16 -8.83 7.48
N GLU A 51 1.14 -9.06 6.59
CA GLU A 51 2.53 -9.49 6.92
C GLU A 51 3.29 -8.43 7.72
N ASN A 52 3.03 -7.19 7.35
CA ASN A 52 3.80 -6.00 7.69
C ASN A 52 3.26 -5.14 8.84
N SER A 53 2.02 -5.40 9.29
CA SER A 53 1.33 -4.83 10.47
C SER A 53 0.37 -3.68 10.09
N LEU A 54 0.17 -3.43 8.79
CA LEU A 54 -0.87 -2.53 8.31
C LEU A 54 -2.26 -3.13 8.56
N GLU A 55 -3.24 -2.25 8.44
CA GLU A 55 -4.66 -2.54 8.61
C GLU A 55 -5.48 -1.89 7.50
N THR A 56 -5.28 -0.59 7.40
CA THR A 56 -5.95 0.38 6.51
C THR A 56 -7.48 0.24 6.46
N THR A 57 -8.14 0.97 5.58
CA THR A 57 -9.56 0.77 5.26
C THR A 57 -9.67 -0.10 4.02
N PHE A 58 -8.93 0.30 2.98
CA PHE A 58 -9.07 -0.23 1.63
C PHE A 58 -7.93 0.19 0.71
N SER A 59 -7.93 -0.38 -0.50
CA SER A 59 -7.05 0.04 -1.60
C SER A 59 -7.75 0.00 -2.97
N SER A 60 -7.29 0.89 -3.84
CA SER A 60 -7.55 0.88 -5.28
C SER A 60 -6.39 0.16 -5.98
N VAL A 61 -6.66 -0.99 -6.59
CA VAL A 61 -5.73 -1.81 -7.39
C VAL A 61 -6.43 -2.28 -8.66
N ASN A 62 -5.69 -2.69 -9.69
CA ASN A 62 -6.16 -3.32 -10.94
C ASN A 62 -7.01 -2.44 -11.89
N THR A 63 -7.28 -1.18 -11.52
CA THR A 63 -8.01 -0.18 -12.32
C THR A 63 -7.31 1.20 -12.29
N ARG A 64 -6.01 1.20 -11.95
CA ARG A 64 -5.19 2.39 -11.65
C ARG A 64 -3.70 2.15 -11.97
N ASP A 65 -2.98 3.23 -12.30
CA ASP A 65 -1.54 3.35 -12.61
C ASP A 65 -1.11 2.91 -14.03
N PHE A 66 0.22 2.85 -14.25
CA PHE A 66 0.89 2.44 -15.50
C PHE A 66 0.34 1.15 -16.14
N ASP A 67 -0.04 0.19 -15.30
CA ASP A 67 -0.68 -1.09 -15.66
C ASP A 67 -1.21 -1.77 -14.38
N GLY A 68 -0.46 -1.65 -13.28
CA GLY A 68 -0.93 -2.02 -11.95
C GLY A 68 0.05 -1.68 -10.83
N THR A 69 -0.50 -0.96 -9.84
CA THR A 69 0.03 -0.65 -8.51
C THR A 69 -1.18 -0.63 -7.59
N GLY A 70 -0.96 -0.82 -6.29
CA GLY A 70 -2.01 -0.57 -5.31
C GLY A 70 -1.91 0.84 -4.79
N ALA A 71 -3.02 1.33 -4.25
CA ALA A 71 -3.02 2.58 -3.52
C ALA A 71 -3.97 2.51 -2.32
N LEU A 72 -3.41 2.50 -1.10
CA LEU A 72 -4.12 2.23 0.17
C LEU A 72 -4.57 3.54 0.84
N GLU A 73 -5.62 3.47 1.66
CA GLU A 73 -6.26 4.65 2.31
C GLU A 73 -6.60 4.41 3.81
N PHE A 74 -6.56 5.47 4.65
CA PHE A 74 -7.08 5.43 6.04
C PHE A 74 -7.56 6.81 6.59
N PRO A 75 -8.45 6.82 7.62
CA PRO A 75 -8.81 7.99 8.43
C PRO A 75 -7.67 8.68 9.22
N SER A 76 -6.47 8.10 9.35
CA SER A 76 -5.38 8.68 10.16
C SER A 76 -4.01 8.50 9.50
N GLU A 77 -3.25 9.59 9.39
CA GLU A 77 -1.87 9.53 8.88
C GLU A 77 -0.91 8.62 9.65
N GLU A 78 -1.29 8.17 10.85
CA GLU A 78 -0.60 7.11 11.59
C GLU A 78 -0.27 5.92 10.66
N ILE A 79 -1.27 5.40 9.94
CA ILE A 79 -1.18 4.22 9.07
C ILE A 79 -0.41 4.53 7.77
N LEU A 80 -0.56 5.76 7.26
CA LEU A 80 0.20 6.27 6.13
C LEU A 80 1.70 6.22 6.44
N VAL A 81 2.09 6.82 7.57
CA VAL A 81 3.49 7.03 7.98
C VAL A 81 4.14 5.72 8.33
N GLU A 82 3.37 4.84 8.97
CA GLU A 82 3.72 3.46 9.13
C GLU A 82 4.14 2.88 7.77
N ALA A 83 3.22 2.70 6.82
CA ALA A 83 3.55 2.11 5.51
C ALA A 83 4.76 2.77 4.82
N LEU A 84 4.88 4.10 4.87
CA LEU A 84 5.99 4.87 4.30
C LEU A 84 7.33 4.53 4.96
N GLU A 85 7.30 4.12 6.22
CA GLU A 85 8.48 3.59 6.89
C GLU A 85 8.58 2.06 6.93
N ARG A 86 7.53 1.30 6.54
CA ARG A 86 7.41 -0.15 6.76
C ARG A 86 7.50 -0.94 5.47
N LEU A 87 7.09 -0.34 4.34
CA LEU A 87 6.97 -0.95 3.03
C LEU A 87 7.75 -0.16 1.95
N ASN A 88 8.50 0.88 2.30
CA ASN A 88 9.29 1.64 1.32
C ASN A 88 10.50 0.83 0.81
N ASN A 89 10.32 0.20 -0.36
CA ASN A 89 11.31 -0.57 -1.11
C ASN A 89 11.68 -1.86 -0.37
N ILE A 90 10.65 -2.67 -0.11
CA ILE A 90 10.68 -3.95 0.61
C ILE A 90 10.40 -5.11 -0.33
N GLU A 91 10.98 -6.27 -0.04
CA GLU A 91 10.69 -7.49 -0.78
C GLU A 91 9.43 -8.18 -0.25
N PHE A 92 8.48 -8.29 -1.17
CA PHE A 92 7.13 -8.82 -1.04
C PHE A 92 7.06 -10.30 -1.46
N ARG A 93 7.31 -11.21 -0.52
CA ARG A 93 7.28 -12.68 -0.69
C ARG A 93 8.01 -13.22 -1.94
N GLY A 94 8.96 -12.45 -2.50
CA GLY A 94 9.66 -12.75 -3.75
C GLY A 94 9.56 -11.67 -4.85
N SER A 95 8.74 -10.62 -4.70
CA SER A 95 8.74 -9.44 -5.56
C SER A 95 9.26 -8.28 -4.70
N VAL A 96 9.10 -7.03 -5.09
CA VAL A 96 9.36 -5.90 -4.18
C VAL A 96 8.35 -4.79 -4.48
N ILE A 97 7.99 -3.99 -3.49
CA ILE A 97 7.18 -2.78 -3.62
C ILE A 97 7.87 -1.62 -2.93
N THR A 98 7.59 -0.44 -3.45
CA THR A 98 8.03 0.86 -2.98
C THR A 98 6.79 1.71 -2.78
N VAL A 99 6.72 2.37 -1.63
CA VAL A 99 5.51 3.06 -1.19
C VAL A 99 5.80 4.50 -0.85
N GLU A 100 4.80 5.33 -1.08
CA GLU A 100 4.85 6.78 -0.83
C GLU A 100 3.46 7.40 -0.91
N ARG A 101 3.32 8.66 -0.51
CA ARG A 101 2.08 9.43 -0.62
C ARG A 101 1.63 9.68 -2.06
N ASP A 102 0.32 9.61 -2.30
CA ASP A 102 -0.33 9.59 -3.63
C ASP A 102 -1.34 10.74 -3.85
N ASP A 103 -1.88 11.35 -2.78
CA ASP A 103 -2.87 12.45 -2.84
C ASP A 103 -2.59 13.62 -1.87
N ASN A 104 -1.52 13.52 -1.05
CA ASN A 104 -1.18 14.46 0.03
C ASN A 104 0.30 14.81 0.03
N PRO A 25 -11.47 11.45 6.81
CA PRO A 25 -12.16 11.95 8.03
C PRO A 25 -11.29 12.90 8.87
N ALA A 26 -10.81 12.47 10.06
CA ALA A 26 -9.82 13.18 10.88
C ALA A 26 -8.55 13.55 10.08
N LYS A 27 -8.15 12.64 9.17
CA LYS A 27 -7.16 12.80 8.10
C LYS A 27 -7.72 12.21 6.83
N ARG A 28 -7.14 12.66 5.72
CA ARG A 28 -7.25 12.09 4.41
C ARG A 28 -5.85 11.96 3.81
N TYR A 29 -5.52 10.73 3.46
CA TYR A 29 -4.34 10.41 2.68
C TYR A 29 -4.62 9.17 1.85
N ARG A 30 -3.77 8.95 0.86
CA ARG A 30 -3.65 7.74 0.06
C ARG A 30 -2.15 7.53 -0.17
N ILE A 31 -1.64 6.36 0.19
CA ILE A 31 -0.31 5.91 -0.21
C ILE A 31 -0.45 5.09 -1.48
N THR A 32 0.69 4.79 -2.09
CA THR A 32 0.92 3.87 -3.19
C THR A 32 1.95 2.84 -2.79
N MET A 33 1.81 1.64 -3.35
CA MET A 33 2.73 0.53 -3.19
C MET A 33 2.99 -0.18 -4.51
N LYS A 34 4.25 -0.18 -4.96
CA LYS A 34 4.68 -0.84 -6.19
C LYS A 34 6.14 -1.09 -6.26
N ASN A 35 6.47 -1.93 -7.25
CA ASN A 35 7.78 -1.95 -7.84
C ASN A 35 7.79 -2.81 -9.13
N LEU A 36 8.90 -2.80 -9.87
CA LEU A 36 9.05 -3.37 -11.22
C LEU A 36 8.38 -4.75 -11.47
N PRO A 37 8.45 -5.76 -10.58
CA PRO A 37 7.82 -7.06 -10.80
C PRO A 37 6.29 -7.02 -11.03
N GLU A 38 5.55 -6.23 -10.25
CA GLU A 38 4.09 -6.24 -10.21
C GLU A 38 3.42 -4.99 -9.62
N GLY A 39 2.15 -4.79 -9.98
CA GLY A 39 1.24 -3.82 -9.38
C GLY A 39 0.27 -4.46 -8.37
N CYS A 40 0.54 -5.71 -7.96
CA CYS A 40 -0.21 -6.51 -6.99
C CYS A 40 -1.73 -6.62 -7.29
N SER A 41 -2.53 -6.97 -6.27
CA SER A 41 -4.00 -6.93 -6.26
C SER A 41 -4.46 -6.66 -4.81
N TRP A 42 -5.69 -6.16 -4.57
CA TRP A 42 -6.06 -5.78 -3.20
C TRP A 42 -6.05 -6.96 -2.24
N GLN A 43 -6.55 -8.13 -2.66
CA GLN A 43 -6.55 -9.33 -1.83
C GLN A 43 -5.18 -9.71 -1.28
N ASP A 44 -4.19 -9.58 -2.16
CA ASP A 44 -2.81 -9.93 -1.96
C ASP A 44 -2.15 -8.92 -1.03
N LEU A 45 -2.44 -7.65 -1.27
CA LEU A 45 -1.91 -6.54 -0.52
C LEU A 45 -2.47 -6.42 0.89
N LYS A 46 -3.75 -6.72 1.08
CA LYS A 46 -4.39 -6.93 2.38
C LYS A 46 -3.60 -8.01 3.06
N ASP A 47 -3.49 -9.18 2.44
CA ASP A 47 -2.78 -10.30 3.05
C ASP A 47 -1.40 -9.91 3.54
N LEU A 48 -0.55 -9.34 2.67
CA LEU A 48 0.73 -8.82 3.11
C LEU A 48 0.58 -7.79 4.23
N ALA A 49 -0.31 -6.81 4.12
CA ALA A 49 -0.52 -5.85 5.18
C ALA A 49 -0.81 -6.50 6.55
N ARG A 50 -1.57 -7.61 6.57
CA ARG A 50 -1.82 -8.39 7.79
C ARG A 50 -0.55 -9.11 8.26
N GLU A 51 0.33 -9.49 7.32
CA GLU A 51 1.70 -9.98 7.58
C GLU A 51 2.63 -8.94 8.23
N ASN A 52 2.36 -7.68 7.87
CA ASN A 52 3.22 -6.53 8.11
C ASN A 52 2.69 -5.54 9.16
N SER A 53 1.54 -5.86 9.77
CA SER A 53 0.84 -5.13 10.83
C SER A 53 0.13 -3.85 10.40
N LEU A 54 -0.09 -3.69 9.09
CA LEU A 54 -1.03 -2.69 8.58
C LEU A 54 -2.44 -3.22 8.83
N GLU A 55 -3.33 -2.27 9.02
CA GLU A 55 -4.75 -2.44 9.33
C GLU A 55 -5.53 -1.24 8.79
N THR A 56 -5.30 -0.99 7.51
CA THR A 56 -5.89 0.06 6.71
C THR A 56 -7.39 -0.17 6.46
N THR A 57 -8.08 0.82 5.88
CA THR A 57 -9.50 0.70 5.52
C THR A 57 -9.64 -0.06 4.21
N PHE A 58 -8.82 0.32 3.22
CA PHE A 58 -8.99 -0.13 1.83
C PHE A 58 -7.80 0.22 0.95
N SER A 59 -7.81 -0.32 -0.28
CA SER A 59 -6.92 0.10 -1.36
C SER A 59 -7.61 0.09 -2.73
N SER A 60 -7.18 1.02 -3.57
CA SER A 60 -7.41 1.07 -5.01
C SER A 60 -6.25 0.35 -5.71
N VAL A 61 -6.53 -0.82 -6.29
CA VAL A 61 -5.58 -1.67 -7.03
C VAL A 61 -6.17 -2.06 -8.40
N ASN A 62 -5.34 -2.54 -9.32
CA ASN A 62 -5.71 -3.16 -10.61
C ASN A 62 -6.27 -2.20 -11.70
N THR A 63 -6.73 -0.99 -11.34
CA THR A 63 -7.43 -0.05 -12.25
C THR A 63 -6.98 1.42 -12.08
N ARG A 64 -5.77 1.65 -11.55
CA ARG A 64 -5.28 2.97 -11.11
C ARG A 64 -3.89 3.37 -11.66
N ASP A 65 -3.11 2.46 -12.25
CA ASP A 65 -1.71 2.73 -12.63
C ASP A 65 -1.16 1.79 -13.74
N PHE A 66 0.17 1.74 -13.93
CA PHE A 66 0.94 0.96 -14.92
C PHE A 66 0.59 -0.54 -15.09
N ASP A 67 -0.02 -1.14 -14.07
CA ASP A 67 -0.41 -2.55 -13.94
C ASP A 67 -1.46 -2.68 -12.82
N GLY A 68 -1.30 -1.87 -11.75
CA GLY A 68 -2.27 -1.66 -10.69
C GLY A 68 -1.79 -0.71 -9.62
N THR A 69 -0.73 -1.12 -8.91
CA THR A 69 -0.14 -0.53 -7.68
C THR A 69 -1.15 -0.49 -6.53
N GLY A 70 -0.68 -0.79 -5.33
CA GLY A 70 -1.44 -0.76 -4.09
C GLY A 70 -1.67 0.63 -3.57
N ALA A 71 -2.71 1.33 -4.00
CA ALA A 71 -2.98 2.65 -3.42
C ALA A 71 -3.88 2.54 -2.18
N LEU A 72 -3.30 2.47 -0.99
CA LEU A 72 -3.95 2.20 0.31
C LEU A 72 -4.36 3.52 0.98
N GLU A 73 -5.38 3.47 1.83
CA GLU A 73 -5.90 4.68 2.56
C GLU A 73 -6.35 4.38 4.02
N PHE A 74 -6.30 5.41 4.89
CA PHE A 74 -6.91 5.43 6.23
C PHE A 74 -7.42 6.84 6.63
N PRO A 75 -8.37 6.94 7.58
CA PRO A 75 -8.74 8.21 8.22
C PRO A 75 -7.68 8.81 9.18
N SER A 76 -6.48 8.23 9.30
CA SER A 76 -5.37 8.75 10.13
C SER A 76 -4.01 8.56 9.48
N GLU A 77 -3.21 9.63 9.40
CA GLU A 77 -1.81 9.57 8.93
C GLU A 77 -0.90 8.64 9.75
N GLU A 78 -1.35 8.19 10.92
CA GLU A 78 -0.71 7.11 11.69
C GLU A 78 -0.39 5.90 10.80
N ILE A 79 -1.38 5.43 10.03
CA ILE A 79 -1.32 4.20 9.22
C ILE A 79 -0.51 4.45 7.92
N LEU A 80 -0.55 5.70 7.42
CA LEU A 80 0.29 6.16 6.33
C LEU A 80 1.78 6.02 6.70
N VAL A 81 2.17 6.63 7.82
CA VAL A 81 3.58 6.72 8.27
C VAL A 81 4.10 5.35 8.65
N GLU A 82 3.23 4.56 9.26
CA GLU A 82 3.42 3.17 9.48
C GLU A 82 3.88 2.48 8.19
N ALA A 83 3.03 2.35 7.16
CA ALA A 83 3.39 1.74 5.87
C ALA A 83 4.68 2.31 5.25
N LEU A 84 4.86 3.63 5.29
CA LEU A 84 6.06 4.31 4.77
C LEU A 84 7.33 3.91 5.55
N GLU A 85 7.15 3.38 6.75
CA GLU A 85 8.21 2.80 7.56
C GLU A 85 8.11 1.28 7.80
N ARG A 86 7.10 0.59 7.24
CA ARG A 86 6.81 -0.84 7.46
C ARG A 86 7.00 -1.62 6.17
N LEU A 87 6.67 -1.02 5.02
CA LEU A 87 6.67 -1.62 3.71
C LEU A 87 7.58 -0.89 2.68
N ASN A 88 8.36 0.12 3.08
CA ASN A 88 9.25 0.80 2.14
C ASN A 88 10.40 -0.10 1.63
N ASN A 89 10.19 -0.64 0.42
CA ASN A 89 11.11 -1.48 -0.35
C ASN A 89 11.37 -2.84 0.34
N ILE A 90 10.28 -3.60 0.48
CA ILE A 90 10.15 -4.89 1.20
C ILE A 90 9.82 -6.03 0.25
N GLU A 91 10.43 -7.19 0.50
CA GLU A 91 10.12 -8.39 -0.24
C GLU A 91 8.75 -8.96 0.16
N PHE A 92 7.92 -9.13 -0.87
CA PHE A 92 6.56 -9.62 -0.86
C PHE A 92 6.44 -10.98 -1.57
N ARG A 93 6.38 -12.08 -0.81
CA ARG A 93 6.20 -13.47 -1.32
C ARG A 93 7.10 -13.88 -2.51
N GLY A 94 8.22 -13.19 -2.72
CA GLY A 94 9.14 -13.34 -3.85
C GLY A 94 9.18 -12.17 -4.85
N SER A 95 8.31 -11.16 -4.72
CA SER A 95 8.40 -9.88 -5.42
C SER A 95 8.93 -8.90 -4.38
N VAL A 96 9.02 -7.62 -4.65
CA VAL A 96 9.27 -6.60 -3.62
C VAL A 96 8.43 -5.38 -4.00
N ILE A 97 7.96 -4.62 -3.02
CA ILE A 97 7.21 -3.38 -3.22
C ILE A 97 7.87 -2.23 -2.45
N THR A 98 7.86 -1.05 -3.07
CA THR A 98 8.27 0.23 -2.49
C THR A 98 7.01 1.05 -2.26
N VAL A 99 6.98 1.85 -1.20
CA VAL A 99 5.74 2.51 -0.75
C VAL A 99 5.97 3.95 -0.33
N GLU A 100 4.96 4.78 -0.59
CA GLU A 100 5.03 6.22 -0.42
C GLU A 100 3.66 6.88 -0.48
N ARG A 101 3.56 8.08 0.10
CA ARG A 101 2.42 8.99 -0.05
C ARG A 101 2.14 9.34 -1.53
N ASP A 102 0.87 9.45 -1.90
CA ASP A 102 0.40 9.60 -3.29
C ASP A 102 -0.50 10.84 -3.52
N ASP A 103 -1.16 11.35 -2.47
CA ASP A 103 -2.05 12.53 -2.53
C ASP A 103 -1.82 13.57 -1.42
N ASN A 104 -0.88 13.31 -0.50
CA ASN A 104 -0.62 14.10 0.72
C ASN A 104 0.87 14.13 1.07
N PRO A 25 -11.43 11.47 9.17
CA PRO A 25 -11.44 12.02 10.55
C PRO A 25 -10.30 13.04 10.80
N ALA A 26 -9.42 12.80 11.79
CA ALA A 26 -8.18 13.56 12.00
C ALA A 26 -7.31 13.59 10.72
N LYS A 27 -7.33 12.48 9.98
CA LYS A 27 -6.84 12.28 8.62
C LYS A 27 -7.82 11.37 7.87
N ARG A 28 -7.59 11.21 6.58
CA ARG A 28 -8.17 10.19 5.70
C ARG A 28 -7.30 10.11 4.43
N TYR A 29 -6.01 9.93 4.68
CA TYR A 29 -4.92 10.05 3.69
C TYR A 29 -5.08 9.10 2.51
N ARG A 30 -4.18 9.20 1.53
CA ARG A 30 -4.03 8.19 0.47
C ARG A 30 -2.55 7.99 0.17
N ILE A 31 -2.08 6.75 0.28
CA ILE A 31 -0.74 6.33 -0.18
C ILE A 31 -0.85 5.52 -1.45
N THR A 32 0.26 5.46 -2.17
CA THR A 32 0.58 4.58 -3.31
C THR A 32 1.46 3.47 -2.81
N MET A 33 1.18 2.25 -3.28
CA MET A 33 1.98 1.06 -3.08
C MET A 33 2.11 0.35 -4.40
N LYS A 34 3.35 0.30 -4.87
CA LYS A 34 3.68 0.10 -6.27
C LYS A 34 5.12 -0.28 -6.45
N ASN A 35 5.45 -0.90 -7.57
CA ASN A 35 6.82 -1.00 -8.07
C ASN A 35 6.81 -1.88 -9.36
N LEU A 36 7.70 -1.62 -10.32
CA LEU A 36 7.65 -2.20 -11.68
C LEU A 36 7.46 -3.76 -11.72
N PRO A 37 8.20 -4.56 -10.94
CA PRO A 37 7.97 -6.01 -10.74
C PRO A 37 6.58 -6.52 -10.28
N GLU A 38 5.61 -5.68 -9.88
CA GLU A 38 4.31 -6.15 -9.33
C GLU A 38 3.12 -5.28 -9.80
N GLY A 39 2.02 -5.97 -10.12
CA GLY A 39 0.72 -5.40 -10.46
C GLY A 39 -0.32 -5.50 -9.33
N CYS A 40 -0.21 -6.55 -8.51
CA CYS A 40 -1.06 -6.95 -7.37
C CYS A 40 -2.60 -6.83 -7.54
N SER A 41 -3.32 -7.07 -6.44
CA SER A 41 -4.78 -7.00 -6.27
C SER A 41 -5.09 -6.57 -4.84
N TRP A 42 -6.31 -6.12 -4.51
CA TRP A 42 -6.58 -5.72 -3.12
C TRP A 42 -6.44 -6.87 -2.13
N GLN A 43 -6.88 -8.06 -2.51
CA GLN A 43 -6.66 -9.24 -1.66
C GLN A 43 -5.20 -9.49 -1.32
N ASP A 44 -4.32 -9.16 -2.26
CA ASP A 44 -2.91 -9.44 -2.15
C ASP A 44 -2.26 -8.41 -1.24
N LEU A 45 -2.54 -7.13 -1.51
CA LEU A 45 -2.00 -6.03 -0.73
C LEU A 45 -2.55 -6.00 0.69
N LYS A 46 -3.82 -6.37 0.92
CA LYS A 46 -4.40 -6.63 2.25
C LYS A 46 -3.57 -7.72 2.91
N ASP A 47 -3.46 -8.91 2.33
CA ASP A 47 -2.71 -10.01 2.96
C ASP A 47 -1.29 -9.66 3.33
N LEU A 48 -0.58 -8.99 2.42
CA LEU A 48 0.76 -8.53 2.72
C LEU A 48 0.76 -7.55 3.86
N ALA A 49 -0.11 -6.56 3.78
CA ALA A 49 -0.18 -5.56 4.80
C ALA A 49 -0.40 -6.18 6.19
N ARG A 50 -1.20 -7.26 6.28
CA ARG A 50 -1.35 -8.03 7.52
C ARG A 50 -0.09 -8.80 7.90
N GLU A 51 0.70 -9.24 6.90
CA GLU A 51 2.02 -9.84 7.18
C GLU A 51 3.04 -8.83 7.72
N ASN A 52 2.80 -7.54 7.41
CA ASN A 52 3.77 -6.47 7.59
C ASN A 52 3.51 -5.54 8.80
N SER A 53 2.25 -5.17 9.08
CA SER A 53 1.70 -4.33 10.19
C SER A 53 0.57 -3.37 9.78
N LEU A 54 0.31 -3.25 8.48
CA LEU A 54 -0.45 -2.14 7.92
C LEU A 54 -1.94 -2.07 8.26
N GLU A 55 -2.67 -3.17 8.06
CA GLU A 55 -4.12 -3.28 8.07
C GLU A 55 -4.88 -2.37 7.07
N THR A 56 -4.81 -1.08 7.33
CA THR A 56 -5.60 0.05 6.77
C THR A 56 -7.12 -0.19 6.74
N THR A 57 -7.89 0.79 6.27
CA THR A 57 -9.32 0.59 6.00
C THR A 57 -9.46 -0.20 4.70
N PHE A 58 -8.80 0.30 3.65
CA PHE A 58 -9.01 -0.14 2.27
C PHE A 58 -7.96 0.39 1.30
N SER A 59 -7.99 -0.13 0.08
CA SER A 59 -7.20 0.37 -1.05
C SER A 59 -7.96 0.29 -2.37
N SER A 60 -7.61 1.20 -3.27
CA SER A 60 -7.99 1.17 -4.67
C SER A 60 -6.90 0.41 -5.46
N VAL A 61 -7.25 -0.80 -5.94
CA VAL A 61 -6.40 -1.73 -6.72
C VAL A 61 -7.23 -2.36 -7.84
N ASN A 62 -6.66 -3.32 -8.58
CA ASN A 62 -7.35 -4.21 -9.55
C ASN A 62 -7.63 -3.54 -10.91
N THR A 63 -7.47 -2.22 -10.97
CA THR A 63 -7.59 -1.34 -12.14
C THR A 63 -6.38 -1.48 -13.09
N ARG A 64 -6.16 -0.50 -13.98
CA ARG A 64 -5.00 -0.39 -14.87
C ARG A 64 -4.20 0.89 -14.57
N ASP A 65 -2.89 0.73 -14.52
CA ASP A 65 -1.86 1.74 -14.20
C ASP A 65 -0.72 1.56 -15.22
N PHE A 66 0.55 1.69 -14.82
CA PHE A 66 1.68 1.19 -15.61
C PHE A 66 1.45 -0.33 -15.87
N ASP A 67 0.84 -1.01 -14.89
CA ASP A 67 0.24 -2.34 -14.94
C ASP A 67 -0.83 -2.32 -13.84
N GLY A 68 -0.38 -2.35 -12.58
CA GLY A 68 -1.21 -2.22 -11.39
C GLY A 68 -0.40 -1.70 -10.21
N THR A 69 -1.04 -0.80 -9.49
CA THR A 69 -0.64 -0.28 -8.18
C THR A 69 -1.84 -0.33 -7.26
N GLY A 70 -1.58 -0.36 -5.95
CA GLY A 70 -2.62 -0.14 -4.95
C GLY A 70 -2.48 1.26 -4.38
N ALA A 71 -3.57 1.81 -3.88
CA ALA A 71 -3.53 3.07 -3.17
C ALA A 71 -4.45 3.05 -1.94
N LEU A 72 -3.85 3.04 -0.74
CA LEU A 72 -4.51 2.75 0.53
C LEU A 72 -4.96 4.02 1.27
N GLU A 73 -5.98 3.90 2.11
CA GLU A 73 -6.50 5.01 2.94
C GLU A 73 -6.68 4.60 4.43
N PHE A 74 -6.46 5.55 5.37
CA PHE A 74 -6.81 5.37 6.80
C PHE A 74 -7.21 6.69 7.51
N PRO A 75 -8.11 6.64 8.52
CA PRO A 75 -8.43 7.75 9.44
C PRO A 75 -7.26 8.40 10.21
N SER A 76 -6.06 7.80 10.27
CA SER A 76 -4.90 8.35 10.98
C SER A 76 -3.61 8.14 10.24
N GLU A 77 -2.85 9.22 10.05
CA GLU A 77 -1.51 9.15 9.46
C GLU A 77 -0.53 8.21 10.18
N GLU A 78 -0.84 7.75 11.40
CA GLU A 78 -0.14 6.67 12.10
C GLU A 78 0.12 5.50 11.15
N ILE A 79 -0.92 5.05 10.42
CA ILE A 79 -0.89 3.90 9.50
C ILE A 79 -0.17 4.24 8.18
N LEU A 80 -0.26 5.50 7.74
CA LEU A 80 0.46 6.02 6.57
C LEU A 80 1.97 5.99 6.83
N VAL A 81 2.41 6.59 7.94
CA VAL A 81 3.83 6.72 8.34
C VAL A 81 4.42 5.37 8.61
N GLU A 82 3.61 4.48 9.19
CA GLU A 82 3.88 3.07 9.30
C GLU A 82 4.30 2.54 7.92
N ALA A 83 3.40 2.41 6.95
CA ALA A 83 3.77 1.88 5.61
C ALA A 83 4.97 2.59 4.96
N LEU A 84 5.09 3.90 5.11
CA LEU A 84 6.21 4.67 4.52
C LEU A 84 7.55 4.27 5.15
N GLU A 85 7.53 3.79 6.39
CA GLU A 85 8.70 3.24 7.06
C GLU A 85 8.77 1.70 7.06
N ARG A 86 7.70 0.98 6.70
CA ARG A 86 7.53 -0.48 6.86
C ARG A 86 7.48 -1.22 5.54
N LEU A 87 7.02 -0.54 4.52
CA LEU A 87 6.71 -1.05 3.21
C LEU A 87 7.50 -0.37 2.09
N ASN A 88 8.36 0.61 2.40
CA ASN A 88 9.09 1.31 1.33
C ASN A 88 10.30 0.53 0.82
N ASN A 89 10.15 -0.06 -0.36
CA ASN A 89 11.06 -0.98 -1.05
C ASN A 89 11.32 -2.26 -0.24
N ILE A 90 10.23 -2.92 0.17
CA ILE A 90 10.22 -4.22 0.85
C ILE A 90 9.75 -5.30 -0.07
N GLU A 91 10.29 -6.50 0.14
CA GLU A 91 9.85 -7.71 -0.54
C GLU A 91 8.42 -8.08 -0.09
N PHE A 92 7.49 -7.94 -1.04
CA PHE A 92 6.08 -8.34 -0.97
C PHE A 92 5.98 -9.86 -1.04
N ARG A 93 6.39 -10.53 0.04
CA ARG A 93 6.41 -11.99 0.20
C ARG A 93 7.07 -12.81 -0.96
N GLY A 94 7.76 -12.15 -1.89
CA GLY A 94 8.24 -12.73 -3.16
C GLY A 94 8.37 -11.71 -4.31
N SER A 95 7.54 -10.68 -4.35
CA SER A 95 7.68 -9.51 -5.23
C SER A 95 8.34 -8.41 -4.37
N VAL A 96 8.30 -7.14 -4.75
CA VAL A 96 8.68 -6.00 -3.88
C VAL A 96 7.83 -4.78 -4.21
N ILE A 97 7.59 -3.90 -3.23
CA ILE A 97 6.81 -2.65 -3.33
C ILE A 97 7.57 -1.49 -2.70
N THR A 98 7.44 -0.33 -3.33
CA THR A 98 7.86 1.01 -2.89
C THR A 98 6.58 1.78 -2.61
N VAL A 99 6.57 2.53 -1.51
CA VAL A 99 5.33 3.14 -0.99
C VAL A 99 5.56 4.56 -0.50
N GLU A 100 4.54 5.40 -0.72
CA GLU A 100 4.64 6.82 -0.42
C GLU A 100 3.28 7.51 -0.35
N ARG A 101 3.26 8.61 0.40
CA ARG A 101 2.20 9.60 0.45
C ARG A 101 1.81 10.09 -0.96
N ASP A 102 0.50 10.18 -1.20
CA ASP A 102 -0.08 10.52 -2.50
C ASP A 102 -1.18 11.61 -2.41
N ASP A 103 -1.83 11.79 -1.24
CA ASP A 103 -2.73 12.94 -0.94
C ASP A 103 -2.00 14.15 -0.33
N ASN A 104 -0.73 13.98 0.09
CA ASN A 104 0.03 14.92 0.93
C ASN A 104 1.49 15.10 0.47
N PRO A 25 -10.48 16.69 6.40
CA PRO A 25 -10.79 17.29 7.73
C PRO A 25 -9.83 16.73 8.76
N ALA A 26 -10.05 15.49 9.22
CA ALA A 26 -9.00 14.70 9.83
C ALA A 26 -8.09 14.22 8.67
N LYS A 27 -7.22 13.25 8.90
CA LYS A 27 -6.55 12.59 7.77
C LYS A 27 -7.51 11.79 6.92
N ARG A 28 -7.08 11.57 5.68
CA ARG A 28 -7.77 10.80 4.63
C ARG A 28 -6.84 10.51 3.44
N TYR A 29 -5.60 10.29 3.79
CA TYR A 29 -4.47 9.96 2.92
C TYR A 29 -4.77 8.78 1.98
N ARG A 30 -3.91 8.62 0.97
CA ARG A 30 -3.84 7.46 0.09
C ARG A 30 -2.37 7.12 -0.14
N ILE A 31 -1.87 5.94 0.23
CA ILE A 31 -0.53 5.49 -0.19
C ILE A 31 -0.59 4.73 -1.48
N THR A 32 0.53 4.69 -2.19
CA THR A 32 0.92 3.91 -3.36
C THR A 32 1.83 2.79 -2.86
N MET A 33 1.61 1.58 -3.39
CA MET A 33 2.44 0.38 -3.16
C MET A 33 2.65 -0.30 -4.52
N LYS A 34 3.89 -0.17 -4.99
CA LYS A 34 4.31 -0.31 -6.38
C LYS A 34 5.82 -0.50 -6.48
N ASN A 35 6.37 -1.00 -7.60
CA ASN A 35 7.82 -0.84 -7.81
C ASN A 35 8.29 -1.07 -9.26
N LEU A 36 8.06 -2.26 -9.81
CA LEU A 36 8.50 -2.71 -11.14
C LEU A 36 7.48 -3.75 -11.61
N PRO A 37 6.64 -3.41 -12.63
CA PRO A 37 5.41 -4.09 -13.04
C PRO A 37 5.00 -5.39 -12.31
N GLU A 38 4.64 -5.30 -11.03
CA GLU A 38 4.21 -6.44 -10.20
C GLU A 38 2.74 -6.47 -9.85
N GLY A 39 2.06 -5.33 -10.02
CA GLY A 39 0.63 -5.13 -10.02
C GLY A 39 -0.19 -5.45 -8.77
N CYS A 40 0.26 -6.47 -8.02
CA CYS A 40 -0.37 -7.13 -6.89
C CYS A 40 -1.89 -7.43 -7.11
N SER A 41 -2.63 -7.66 -6.04
CA SER A 41 -4.11 -7.74 -5.99
C SER A 41 -4.59 -7.36 -4.59
N TRP A 42 -5.85 -6.97 -4.38
CA TRP A 42 -6.26 -6.52 -3.06
C TRP A 42 -6.14 -7.61 -1.99
N GLN A 43 -6.59 -8.82 -2.29
CA GLN A 43 -6.42 -9.94 -1.36
C GLN A 43 -4.98 -10.19 -0.94
N ASP A 44 -4.05 -9.96 -1.84
CA ASP A 44 -2.64 -10.22 -1.66
C ASP A 44 -2.01 -9.12 -0.82
N LEU A 45 -2.31 -7.86 -1.14
CA LEU A 45 -1.81 -6.70 -0.43
C LEU A 45 -2.35 -6.60 0.99
N LYS A 46 -3.62 -6.97 1.20
CA LYS A 46 -4.22 -7.21 2.51
C LYS A 46 -3.36 -8.23 3.22
N ASP A 47 -3.17 -9.40 2.62
CA ASP A 47 -2.40 -10.47 3.22
C ASP A 47 -1.05 -9.99 3.74
N LEU A 48 -0.22 -9.41 2.87
CA LEU A 48 1.05 -8.85 3.33
C LEU A 48 0.82 -7.82 4.43
N ALA A 49 -0.08 -6.86 4.25
CA ALA A 49 -0.33 -5.86 5.26
C ALA A 49 -0.60 -6.44 6.65
N ARG A 50 -1.34 -7.56 6.72
CA ARG A 50 -1.65 -8.25 7.98
C ARG A 50 -0.41 -9.00 8.51
N GLU A 51 0.48 -9.43 7.61
CA GLU A 51 1.83 -9.93 7.93
C GLU A 51 2.72 -8.90 8.63
N ASN A 52 2.55 -7.66 8.21
CA ASN A 52 3.46 -6.58 8.47
C ASN A 52 3.09 -5.69 9.67
N SER A 53 1.95 -5.00 9.60
CA SER A 53 1.43 -4.06 10.61
C SER A 53 0.18 -3.28 10.17
N LEU A 54 -0.19 -3.36 8.89
CA LEU A 54 -1.25 -2.55 8.31
C LEU A 54 -2.61 -3.18 8.56
N GLU A 55 -3.56 -2.28 8.61
CA GLU A 55 -4.98 -2.48 8.92
C GLU A 55 -5.76 -1.21 8.50
N THR A 56 -5.58 -0.85 7.23
CA THR A 56 -6.19 0.34 6.61
C THR A 56 -7.70 0.13 6.40
N THR A 57 -8.39 1.09 5.79
CA THR A 57 -9.80 0.96 5.39
C THR A 57 -9.94 -0.02 4.23
N PHE A 58 -9.07 0.16 3.22
CA PHE A 58 -9.17 -0.45 1.91
C PHE A 58 -7.94 -0.13 1.05
N SER A 59 -7.86 -0.77 -0.12
CA SER A 59 -6.95 -0.41 -1.21
C SER A 59 -7.61 -0.60 -2.56
N SER A 60 -7.20 0.24 -3.50
CA SER A 60 -7.50 0.11 -4.91
C SER A 60 -6.37 -0.62 -5.63
N VAL A 61 -6.68 -1.74 -6.29
CA VAL A 61 -5.68 -2.59 -6.95
C VAL A 61 -6.16 -3.12 -8.32
N ASN A 62 -5.28 -3.80 -9.06
CA ASN A 62 -5.52 -4.46 -10.36
C ASN A 62 -5.79 -3.53 -11.57
N THR A 63 -5.97 -2.22 -11.34
CA THR A 63 -6.04 -1.17 -12.37
C THR A 63 -5.77 0.20 -11.74
N ARG A 64 -5.38 1.20 -12.56
CA ARG A 64 -5.18 2.67 -12.34
C ARG A 64 -3.79 3.19 -12.77
N ASP A 65 -2.80 2.29 -12.86
CA ASP A 65 -1.37 2.67 -12.89
C ASP A 65 -0.53 2.00 -14.01
N PHE A 66 0.81 2.10 -13.87
CA PHE A 66 1.88 1.54 -14.71
C PHE A 66 1.72 0.07 -15.19
N ASP A 67 0.96 -0.73 -14.46
CA ASP A 67 0.54 -2.12 -14.74
C ASP A 67 -0.63 -2.52 -13.82
N GLY A 68 -0.58 -2.11 -12.54
CA GLY A 68 -1.68 -2.20 -11.57
C GLY A 68 -1.48 -1.33 -10.33
N THR A 69 -0.46 -1.63 -9.51
CA THR A 69 -0.20 -1.12 -8.15
C THR A 69 -1.37 -1.27 -7.20
N GLY A 70 -1.07 -1.19 -5.90
CA GLY A 70 -2.08 -1.00 -4.88
C GLY A 70 -2.01 0.43 -4.39
N ALA A 71 -3.13 0.95 -3.91
CA ALA A 71 -3.13 2.23 -3.21
C ALA A 71 -4.15 2.22 -2.07
N LEU A 72 -3.64 2.24 -0.84
CA LEU A 72 -4.41 2.03 0.39
C LEU A 72 -4.84 3.37 1.00
N GLU A 73 -5.92 3.40 1.78
CA GLU A 73 -6.41 4.61 2.47
C GLU A 73 -6.73 4.41 3.96
N PHE A 74 -6.50 5.44 4.79
CA PHE A 74 -7.02 5.49 6.17
C PHE A 74 -7.35 6.91 6.66
N PRO A 75 -8.23 7.08 7.67
CA PRO A 75 -8.45 8.33 8.39
C PRO A 75 -7.29 8.84 9.28
N SER A 76 -6.16 8.15 9.41
CA SER A 76 -5.12 8.46 10.42
C SER A 76 -3.71 8.19 9.90
N GLU A 77 -2.91 9.25 9.75
CA GLU A 77 -1.55 9.17 9.20
C GLU A 77 -0.59 8.24 9.97
N GLU A 78 -0.92 7.85 11.19
CA GLU A 78 -0.19 6.79 11.92
C GLU A 78 -0.03 5.53 11.06
N ILE A 79 -1.08 5.11 10.35
CA ILE A 79 -1.12 3.93 9.48
C ILE A 79 -0.34 4.16 8.17
N LEU A 80 -0.45 5.37 7.61
CA LEU A 80 0.31 5.81 6.45
C LEU A 80 1.81 5.69 6.72
N VAL A 81 2.25 6.33 7.81
CA VAL A 81 3.66 6.49 8.20
C VAL A 81 4.25 5.16 8.59
N GLU A 82 3.44 4.32 9.22
CA GLU A 82 3.73 2.94 9.44
C GLU A 82 4.17 2.31 8.11
N ALA A 83 3.26 2.11 7.14
CA ALA A 83 3.65 1.47 5.87
C ALA A 83 4.83 2.15 5.15
N LEU A 84 4.94 3.48 5.19
CA LEU A 84 6.09 4.23 4.63
C LEU A 84 7.41 3.88 5.28
N GLU A 85 7.38 3.51 6.56
CA GLU A 85 8.55 3.04 7.28
C GLU A 85 8.67 1.51 7.36
N ARG A 86 7.64 0.73 6.98
CA ARG A 86 7.53 -0.71 7.24
C ARG A 86 7.58 -1.54 5.97
N LEU A 87 7.11 -0.98 4.86
CA LEU A 87 6.94 -1.64 3.58
C LEU A 87 7.73 -0.96 2.46
N ASN A 88 8.53 0.08 2.73
CA ASN A 88 9.24 0.76 1.64
C ASN A 88 10.40 -0.07 1.04
N ASN A 89 10.16 -0.53 -0.19
CA ASN A 89 11.02 -1.40 -1.00
C ASN A 89 11.28 -2.79 -0.38
N ILE A 90 10.29 -3.30 0.37
CA ILE A 90 10.32 -4.65 0.96
C ILE A 90 9.95 -5.71 -0.06
N GLU A 91 10.56 -6.88 0.08
CA GLU A 91 10.15 -8.07 -0.66
C GLU A 91 8.88 -8.68 -0.07
N PHE A 92 7.93 -8.86 -0.98
CA PHE A 92 6.55 -9.31 -0.82
C PHE A 92 6.34 -10.65 -1.54
N ARG A 93 6.41 -11.76 -0.77
CA ARG A 93 6.26 -13.16 -1.26
C ARG A 93 6.94 -13.48 -2.61
N GLY A 94 8.01 -12.76 -2.98
CA GLY A 94 8.73 -12.89 -4.25
C GLY A 94 8.71 -11.69 -5.21
N SER A 95 8.22 -10.50 -4.82
CA SER A 95 8.31 -9.26 -5.60
C SER A 95 8.49 -8.13 -4.60
N VAL A 96 9.36 -7.15 -4.83
CA VAL A 96 9.46 -6.00 -3.91
C VAL A 96 8.41 -4.93 -4.20
N ILE A 97 8.12 -4.06 -3.23
CA ILE A 97 7.21 -2.92 -3.35
C ILE A 97 7.76 -1.71 -2.63
N THR A 98 7.99 -0.64 -3.35
CA THR A 98 8.25 0.72 -2.85
C THR A 98 6.90 1.27 -2.41
N VAL A 99 6.87 2.06 -1.34
CA VAL A 99 5.61 2.62 -0.83
C VAL A 99 5.79 4.06 -0.40
N GLU A 100 4.79 4.86 -0.71
CA GLU A 100 4.82 6.32 -0.49
C GLU A 100 3.42 6.90 -0.55
N ARG A 101 3.26 8.18 -0.21
CA ARG A 101 1.98 8.84 -0.37
C ARG A 101 1.64 9.12 -1.85
N ASP A 102 0.49 8.60 -2.25
CA ASP A 102 -0.23 8.91 -3.48
C ASP A 102 -1.01 10.23 -3.26
N ASP A 103 -1.45 10.45 -2.01
CA ASP A 103 -1.99 11.69 -1.43
C ASP A 103 -1.88 11.63 0.12
N ASN A 104 -1.91 12.78 0.81
CA ASN A 104 -1.64 12.97 2.23
C ASN A 104 -2.76 13.77 2.95
#